data_4ZHP
# 
_entry.id   4ZHP 
# 
_audit_conform.dict_name       mmcif_pdbx.dic 
_audit_conform.dict_version    5.383 
_audit_conform.dict_location   http://mmcif.pdb.org/dictionaries/ascii/mmcif_pdbx.dic 
# 
loop_
_database_2.database_id 
_database_2.database_code 
_database_2.pdbx_database_accession 
_database_2.pdbx_DOI 
PDB   4ZHP         pdb_00004zhp 10.2210/pdb4zhp/pdb 
WWPDB D_1000209298 ?            ?                   
# 
loop_
_pdbx_audit_revision_history.ordinal 
_pdbx_audit_revision_history.data_content_type 
_pdbx_audit_revision_history.major_revision 
_pdbx_audit_revision_history.minor_revision 
_pdbx_audit_revision_history.revision_date 
1 'Structure model' 1 0 2016-08-31 
2 'Structure model' 1 1 2016-11-09 
3 'Structure model' 1 2 2024-01-10 
# 
_pdbx_audit_revision_details.ordinal             1 
_pdbx_audit_revision_details.revision_ordinal    1 
_pdbx_audit_revision_details.data_content_type   'Structure model' 
_pdbx_audit_revision_details.provider            repository 
_pdbx_audit_revision_details.type                'Initial release' 
_pdbx_audit_revision_details.description         ? 
_pdbx_audit_revision_details.details             ? 
# 
loop_
_pdbx_audit_revision_group.ordinal 
_pdbx_audit_revision_group.revision_ordinal 
_pdbx_audit_revision_group.data_content_type 
_pdbx_audit_revision_group.group 
1 2 'Structure model' 'Database references'    
2 3 'Structure model' 'Data collection'        
3 3 'Structure model' 'Database references'    
4 3 'Structure model' 'Refinement description' 
# 
loop_
_pdbx_audit_revision_category.ordinal 
_pdbx_audit_revision_category.revision_ordinal 
_pdbx_audit_revision_category.data_content_type 
_pdbx_audit_revision_category.category 
1 3 'Structure model' chem_comp_atom                
2 3 'Structure model' chem_comp_bond                
3 3 'Structure model' database_2                    
4 3 'Structure model' pdbx_initial_refinement_model 
# 
loop_
_pdbx_audit_revision_item.ordinal 
_pdbx_audit_revision_item.revision_ordinal 
_pdbx_audit_revision_item.data_content_type 
_pdbx_audit_revision_item.item 
1 3 'Structure model' '_database_2.pdbx_DOI'                
2 3 'Structure model' '_database_2.pdbx_database_accession' 
# 
_pdbx_database_status.status_code                     REL 
_pdbx_database_status.status_code_sf                  REL 
_pdbx_database_status.status_code_mr                  ? 
_pdbx_database_status.entry_id                        4ZHP 
_pdbx_database_status.recvd_initial_deposition_date   2015-04-26 
_pdbx_database_status.SG_entry                        N 
_pdbx_database_status.deposit_site                    RCSB 
_pdbx_database_status.process_site                    PDBE 
_pdbx_database_status.status_code_cs                  ? 
_pdbx_database_status.methods_development_category    ? 
_pdbx_database_status.pdb_format_compatible           Y 
_pdbx_database_status.status_code_nmr_data            ? 
# 
loop_
_audit_author.name 
_audit_author.pdbx_ordinal 
'Grinter, R.'   1 
'Josts, I.'     2 
'Roszak, A.W.'  3 
'Cogdell, R.J.' 4 
'Walker, D.'    5 
# 
_citation.abstract                  ? 
_citation.abstract_id_CAS           ? 
_citation.book_id_ISBN              ? 
_citation.book_publisher            ? 
_citation.book_publisher_city       ? 
_citation.book_title                ? 
_citation.coordinate_linkage        ? 
_citation.country                   UK 
_citation.database_id_Medline       ? 
_citation.details                   ? 
_citation.id                        primary 
_citation.journal_abbrev            'Nat Commun' 
_citation.journal_id_ASTM           ? 
_citation.journal_id_CSD            ? 
_citation.journal_id_ISSN           2041-1723 
_citation.journal_full              ? 
_citation.journal_issue             ? 
_citation.journal_volume            7 
_citation.language                  ? 
_citation.page_first                13308 
_citation.page_last                 13308 
_citation.title                     'Structure of the bacterial plant-ferredoxin receptor FusA.' 
_citation.year                      2016 
_citation.database_id_CSD           ? 
_citation.pdbx_database_id_DOI      10.1038/ncomms13308 
_citation.pdbx_database_id_PubMed   27796364 
_citation.unpublished_flag          ? 
# 
loop_
_citation_author.citation_id 
_citation_author.name 
_citation_author.ordinal 
_citation_author.identifier_ORCID 
primary 'Grinter, R.'   1  ? 
primary 'Josts, I.'     2  ? 
primary 'Mosbahi, K.'   3  ? 
primary 'Roszak, A.W.'  4  ? 
primary 'Cogdell, R.J.' 5  ? 
primary 'Bonvin, A.M.'  6  ? 
primary 'Milner, J.J.'  7  ? 
primary 'Kelly, S.M.'   8  ? 
primary 'Byron, O.'     9  ? 
primary 'Smith, B.O.'   10 ? 
primary 'Walker, D.'    11 ? 
# 
loop_
_entity.id 
_entity.type 
_entity.src_method 
_entity.pdbx_description 
_entity.formula_weight 
_entity.pdbx_number_of_molecules 
_entity.pdbx_ec 
_entity.pdbx_mutation 
_entity.pdbx_fragment 
_entity.details 
1 polymer     man 'Potato Ferredoxin I'        11663.816 1  ? ? ? ? 
2 non-polymer syn 'FE2/S2 (INORGANIC) CLUSTER' 175.820   1  ? ? ? ? 
3 water       nat water                        18.015    17 ? ? ? ? 
# 
_entity_poly.entity_id                      1 
_entity_poly.type                           'polypeptide(L)' 
_entity_poly.nstd_linkage                   no 
_entity_poly.nstd_monomer                   no 
_entity_poly.pdbx_seq_one_letter_code       
;MASYKVKLITPDGPIEFECPDDVYILDQAEEEGHDLPYSCRAGSCSSCAGKVTAGTVDQSDGKFLDDDQEAAGFVLTCVA
YPKCDVTIETHKEEELTALEHHHHHH
;
_entity_poly.pdbx_seq_one_letter_code_can   
;MASYKVKLITPDGPIEFECPDDVYILDQAEEEGHDLPYSCRAGSCSSCAGKVTAGTVDQSDGKFLDDDQEAAGFVLTCVA
YPKCDVTIETHKEEELTALEHHHHHH
;
_entity_poly.pdbx_strand_id                 A 
_entity_poly.pdbx_target_identifier         ? 
# 
loop_
_pdbx_entity_nonpoly.entity_id 
_pdbx_entity_nonpoly.name 
_pdbx_entity_nonpoly.comp_id 
2 'FE2/S2 (INORGANIC) CLUSTER' FES 
3 water                        HOH 
# 
loop_
_entity_poly_seq.entity_id 
_entity_poly_seq.num 
_entity_poly_seq.mon_id 
_entity_poly_seq.hetero 
1 1   MET n 
1 2   ALA n 
1 3   SER n 
1 4   TYR n 
1 5   LYS n 
1 6   VAL n 
1 7   LYS n 
1 8   LEU n 
1 9   ILE n 
1 10  THR n 
1 11  PRO n 
1 12  ASP n 
1 13  GLY n 
1 14  PRO n 
1 15  ILE n 
1 16  GLU n 
1 17  PHE n 
1 18  GLU n 
1 19  CYS n 
1 20  PRO n 
1 21  ASP n 
1 22  ASP n 
1 23  VAL n 
1 24  TYR n 
1 25  ILE n 
1 26  LEU n 
1 27  ASP n 
1 28  GLN n 
1 29  ALA n 
1 30  GLU n 
1 31  GLU n 
1 32  GLU n 
1 33  GLY n 
1 34  HIS n 
1 35  ASP n 
1 36  LEU n 
1 37  PRO n 
1 38  TYR n 
1 39  SER n 
1 40  CYS n 
1 41  ARG n 
1 42  ALA n 
1 43  GLY n 
1 44  SER n 
1 45  CYS n 
1 46  SER n 
1 47  SER n 
1 48  CYS n 
1 49  ALA n 
1 50  GLY n 
1 51  LYS n 
1 52  VAL n 
1 53  THR n 
1 54  ALA n 
1 55  GLY n 
1 56  THR n 
1 57  VAL n 
1 58  ASP n 
1 59  GLN n 
1 60  SER n 
1 61  ASP n 
1 62  GLY n 
1 63  LYS n 
1 64  PHE n 
1 65  LEU n 
1 66  ASP n 
1 67  ASP n 
1 68  ASP n 
1 69  GLN n 
1 70  GLU n 
1 71  ALA n 
1 72  ALA n 
1 73  GLY n 
1 74  PHE n 
1 75  VAL n 
1 76  LEU n 
1 77  THR n 
1 78  CYS n 
1 79  VAL n 
1 80  ALA n 
1 81  TYR n 
1 82  PRO n 
1 83  LYS n 
1 84  CYS n 
1 85  ASP n 
1 86  VAL n 
1 87  THR n 
1 88  ILE n 
1 89  GLU n 
1 90  THR n 
1 91  HIS n 
1 92  LYS n 
1 93  GLU n 
1 94  GLU n 
1 95  GLU n 
1 96  LEU n 
1 97  THR n 
1 98  ALA n 
1 99  LEU n 
1 100 GLU n 
1 101 HIS n 
1 102 HIS n 
1 103 HIS n 
1 104 HIS n 
1 105 HIS n 
1 106 HIS n 
# 
_entity_src_gen.entity_id                          1 
_entity_src_gen.pdbx_src_id                        1 
_entity_src_gen.pdbx_alt_source_flag               sample 
_entity_src_gen.pdbx_seq_type                      'Biological sequence' 
_entity_src_gen.pdbx_beg_seq_num                   1 
_entity_src_gen.pdbx_end_seq_num                   106 
_entity_src_gen.gene_src_common_name               potato 
_entity_src_gen.gene_src_genus                     ? 
_entity_src_gen.pdbx_gene_src_gene                 ? 
_entity_src_gen.gene_src_species                   ? 
_entity_src_gen.gene_src_strain                    ? 
_entity_src_gen.gene_src_tissue                    ? 
_entity_src_gen.gene_src_tissue_fraction           ? 
_entity_src_gen.gene_src_details                   ? 
_entity_src_gen.pdbx_gene_src_fragment             ? 
_entity_src_gen.pdbx_gene_src_scientific_name      'Solanum tuberosum' 
_entity_src_gen.pdbx_gene_src_ncbi_taxonomy_id     4113 
_entity_src_gen.pdbx_gene_src_variant              ? 
_entity_src_gen.pdbx_gene_src_cell_line            ? 
_entity_src_gen.pdbx_gene_src_atcc                 ? 
_entity_src_gen.pdbx_gene_src_organ                ? 
_entity_src_gen.pdbx_gene_src_organelle            ? 
_entity_src_gen.pdbx_gene_src_cell                 ? 
_entity_src_gen.pdbx_gene_src_cellular_location    ? 
_entity_src_gen.host_org_common_name               ? 
_entity_src_gen.pdbx_host_org_scientific_name      'Escherichia coli BL21(DE3)' 
_entity_src_gen.pdbx_host_org_ncbi_taxonomy_id     469008 
_entity_src_gen.host_org_genus                     ? 
_entity_src_gen.pdbx_host_org_gene                 ? 
_entity_src_gen.pdbx_host_org_organ                ? 
_entity_src_gen.host_org_species                   ? 
_entity_src_gen.pdbx_host_org_tissue               ? 
_entity_src_gen.pdbx_host_org_tissue_fraction      ? 
_entity_src_gen.pdbx_host_org_strain               ? 
_entity_src_gen.pdbx_host_org_variant              ? 
_entity_src_gen.pdbx_host_org_cell_line            ? 
_entity_src_gen.pdbx_host_org_atcc                 ? 
_entity_src_gen.pdbx_host_org_culture_collection   ? 
_entity_src_gen.pdbx_host_org_cell                 ? 
_entity_src_gen.pdbx_host_org_organelle            ? 
_entity_src_gen.pdbx_host_org_cellular_location    ? 
_entity_src_gen.pdbx_host_org_vector_type          ? 
_entity_src_gen.pdbx_host_org_vector               ? 
_entity_src_gen.host_org_details                   ? 
_entity_src_gen.expression_system_id               ? 
_entity_src_gen.plasmid_name                       ? 
_entity_src_gen.plasmid_details                    ? 
_entity_src_gen.pdbx_description                   ? 
# 
loop_
_chem_comp.id 
_chem_comp.type 
_chem_comp.mon_nstd_flag 
_chem_comp.name 
_chem_comp.pdbx_synonyms 
_chem_comp.formula 
_chem_comp.formula_weight 
ALA 'L-peptide linking' y ALANINE                      ? 'C3 H7 N O2'     89.093  
ARG 'L-peptide linking' y ARGININE                     ? 'C6 H15 N4 O2 1' 175.209 
ASP 'L-peptide linking' y 'ASPARTIC ACID'              ? 'C4 H7 N O4'     133.103 
CYS 'L-peptide linking' y CYSTEINE                     ? 'C3 H7 N O2 S'   121.158 
FES non-polymer         . 'FE2/S2 (INORGANIC) CLUSTER' ? 'Fe2 S2'         175.820 
GLN 'L-peptide linking' y GLUTAMINE                    ? 'C5 H10 N2 O3'   146.144 
GLU 'L-peptide linking' y 'GLUTAMIC ACID'              ? 'C5 H9 N O4'     147.129 
GLY 'peptide linking'   y GLYCINE                      ? 'C2 H5 N O2'     75.067  
HIS 'L-peptide linking' y HISTIDINE                    ? 'C6 H10 N3 O2 1' 156.162 
HOH non-polymer         . WATER                        ? 'H2 O'           18.015  
ILE 'L-peptide linking' y ISOLEUCINE                   ? 'C6 H13 N O2'    131.173 
LEU 'L-peptide linking' y LEUCINE                      ? 'C6 H13 N O2'    131.173 
LYS 'L-peptide linking' y LYSINE                       ? 'C6 H15 N2 O2 1' 147.195 
MET 'L-peptide linking' y METHIONINE                   ? 'C5 H11 N O2 S'  149.211 
PHE 'L-peptide linking' y PHENYLALANINE                ? 'C9 H11 N O2'    165.189 
PRO 'L-peptide linking' y PROLINE                      ? 'C5 H9 N O2'     115.130 
SER 'L-peptide linking' y SERINE                       ? 'C3 H7 N O3'     105.093 
THR 'L-peptide linking' y THREONINE                    ? 'C4 H9 N O3'     119.119 
TYR 'L-peptide linking' y TYROSINE                     ? 'C9 H11 N O3'    181.189 
VAL 'L-peptide linking' y VALINE                       ? 'C5 H11 N O2'    117.146 
# 
loop_
_pdbx_poly_seq_scheme.asym_id 
_pdbx_poly_seq_scheme.entity_id 
_pdbx_poly_seq_scheme.seq_id 
_pdbx_poly_seq_scheme.mon_id 
_pdbx_poly_seq_scheme.ndb_seq_num 
_pdbx_poly_seq_scheme.pdb_seq_num 
_pdbx_poly_seq_scheme.auth_seq_num 
_pdbx_poly_seq_scheme.pdb_mon_id 
_pdbx_poly_seq_scheme.auth_mon_id 
_pdbx_poly_seq_scheme.pdb_strand_id 
_pdbx_poly_seq_scheme.pdb_ins_code 
_pdbx_poly_seq_scheme.hetero 
A 1 1   MET 1   1   ?  ?   ?   A . n 
A 1 2   ALA 2   2   2  ALA ALA A . n 
A 1 3   SER 3   3   3  SER SER A . n 
A 1 4   TYR 4   4   4  TYR TYR A . n 
A 1 5   LYS 5   5   5  LYS LYS A . n 
A 1 6   VAL 6   6   6  VAL VAL A . n 
A 1 7   LYS 7   7   7  LYS LYS A . n 
A 1 8   LEU 8   8   8  LEU LEU A . n 
A 1 9   ILE 9   9   9  ILE ILE A . n 
A 1 10  THR 10  10  10 THR THR A . n 
A 1 11  PRO 11  11  11 PRO PRO A . n 
A 1 12  ASP 12  12  12 ASP ASP A . n 
A 1 13  GLY 13  13  13 GLY GLY A . n 
A 1 14  PRO 14  14  14 PRO PRO A . n 
A 1 15  ILE 15  15  15 ILE ILE A . n 
A 1 16  GLU 16  16  16 GLU GLU A . n 
A 1 17  PHE 17  17  17 PHE PHE A . n 
A 1 18  GLU 18  18  18 GLU GLU A . n 
A 1 19  CYS 19  19  19 CYS CYS A . n 
A 1 20  PRO 20  20  20 PRO PRO A . n 
A 1 21  ASP 21  21  21 ASP ASP A . n 
A 1 22  ASP 22  22  22 ASP ASP A . n 
A 1 23  VAL 23  23  23 VAL VAL A . n 
A 1 24  TYR 24  24  24 TYR TYR A . n 
A 1 25  ILE 25  25  25 ILE ILE A . n 
A 1 26  LEU 26  26  26 LEU LEU A . n 
A 1 27  ASP 27  27  27 ASP ASP A . n 
A 1 28  GLN 28  28  28 GLN GLN A . n 
A 1 29  ALA 29  29  29 ALA ALA A . n 
A 1 30  GLU 30  30  30 GLU GLU A . n 
A 1 31  GLU 31  31  31 GLU GLU A . n 
A 1 32  GLU 32  32  32 GLU GLU A . n 
A 1 33  GLY 33  33  33 GLY GLY A . n 
A 1 34  HIS 34  34  34 HIS HIS A . n 
A 1 35  ASP 35  35  35 ASP ASP A . n 
A 1 36  LEU 36  36  36 LEU LEU A . n 
A 1 37  PRO 37  37  37 PRO PRO A . n 
A 1 38  TYR 38  38  38 TYR TYR A . n 
A 1 39  SER 39  39  39 SER SER A . n 
A 1 40  CYS 40  40  40 CYS CYS A . n 
A 1 41  ARG 41  41  41 ARG ARG A . n 
A 1 42  ALA 42  42  42 ALA ALA A . n 
A 1 43  GLY 43  43  43 GLY GLY A . n 
A 1 44  SER 44  44  44 SER SER A . n 
A 1 45  CYS 45  45  45 CYS CYS A . n 
A 1 46  SER 46  46  46 SER SER A . n 
A 1 47  SER 47  47  47 SER SER A . n 
A 1 48  CYS 48  48  48 CYS CYS A . n 
A 1 49  ALA 49  49  49 ALA ALA A . n 
A 1 50  GLY 50  50  50 GLY GLY A . n 
A 1 51  LYS 51  51  51 LYS LYS A . n 
A 1 52  VAL 52  52  52 VAL VAL A . n 
A 1 53  THR 53  53  53 THR THR A . n 
A 1 54  ALA 54  54  54 ALA ALA A . n 
A 1 55  GLY 55  55  55 GLY GLY A . n 
A 1 56  THR 56  56  56 THR THR A . n 
A 1 57  VAL 57  57  57 VAL VAL A . n 
A 1 58  ASP 58  58  58 ASP ASP A . n 
A 1 59  GLN 59  59  59 GLN GLN A . n 
A 1 60  SER 60  60  60 SER SER A . n 
A 1 61  ASP 61  61  61 ASP ASP A . n 
A 1 62  GLY 62  62  62 GLY GLY A . n 
A 1 63  LYS 63  63  63 LYS LYS A . n 
A 1 64  PHE 64  64  64 PHE PHE A . n 
A 1 65  LEU 65  65  65 LEU LEU A . n 
A 1 66  ASP 66  66  66 ASP ASP A . n 
A 1 67  ASP 67  67  67 ASP ASP A . n 
A 1 68  ASP 68  68  68 ASP ASP A . n 
A 1 69  GLN 69  69  69 GLN GLN A . n 
A 1 70  GLU 70  70  70 GLU GLU A . n 
A 1 71  ALA 71  71  71 ALA ALA A . n 
A 1 72  ALA 72  72  72 ALA ALA A . n 
A 1 73  GLY 73  73  73 GLY GLY A . n 
A 1 74  PHE 74  74  74 PHE PHE A . n 
A 1 75  VAL 75  75  75 VAL VAL A . n 
A 1 76  LEU 76  76  76 LEU LEU A . n 
A 1 77  THR 77  77  77 THR THR A . n 
A 1 78  CYS 78  78  78 CYS CYS A . n 
A 1 79  VAL 79  79  79 VAL VAL A . n 
A 1 80  ALA 80  80  80 ALA ALA A . n 
A 1 81  TYR 81  81  81 TYR TYR A . n 
A 1 82  PRO 82  82  82 PRO PRO A . n 
A 1 83  LYS 83  83  83 LYS LYS A . n 
A 1 84  CYS 84  84  84 CYS CYS A . n 
A 1 85  ASP 85  85  85 ASP ASP A . n 
A 1 86  VAL 86  86  86 VAL VAL A . n 
A 1 87  THR 87  87  87 THR THR A . n 
A 1 88  ILE 88  88  88 ILE ILE A . n 
A 1 89  GLU 89  89  89 GLU GLU A . n 
A 1 90  THR 90  90  90 THR THR A . n 
A 1 91  HIS 91  91  91 HIS HIS A . n 
A 1 92  LYS 92  92  92 LYS LYS A . n 
A 1 93  GLU 93  93  93 GLU GLU A . n 
A 1 94  GLU 94  94  94 GLU GLU A . n 
A 1 95  GLU 95  95  95 GLU GLU A . n 
A 1 96  LEU 96  96  96 LEU LEU A . n 
A 1 97  THR 97  97  97 THR THR A . n 
A 1 98  ALA 98  98  98 ALA ALA A . n 
A 1 99  LEU 99  99  99 LEU LEU A . n 
A 1 100 GLU 100 100 ?  ?   ?   A . n 
A 1 101 HIS 101 101 ?  ?   ?   A . n 
A 1 102 HIS 102 102 ?  ?   ?   A . n 
A 1 103 HIS 103 103 ?  ?   ?   A . n 
A 1 104 HIS 104 104 ?  ?   ?   A . n 
A 1 105 HIS 105 105 ?  ?   ?   A . n 
A 1 106 HIS 106 106 ?  ?   ?   A . n 
# 
loop_
_pdbx_nonpoly_scheme.asym_id 
_pdbx_nonpoly_scheme.entity_id 
_pdbx_nonpoly_scheme.mon_id 
_pdbx_nonpoly_scheme.ndb_seq_num 
_pdbx_nonpoly_scheme.pdb_seq_num 
_pdbx_nonpoly_scheme.auth_seq_num 
_pdbx_nonpoly_scheme.pdb_mon_id 
_pdbx_nonpoly_scheme.auth_mon_id 
_pdbx_nonpoly_scheme.pdb_strand_id 
_pdbx_nonpoly_scheme.pdb_ins_code 
B 2 FES 1  201 100 FES FES A . 
C 3 HOH 1  301 17  HOH HOH A . 
C 3 HOH 2  302 8   HOH HOH A . 
C 3 HOH 3  303 15  HOH HOH A . 
C 3 HOH 4  304 20  HOH HOH A . 
C 3 HOH 5  305 18  HOH HOH A . 
C 3 HOH 6  306 19  HOH HOH A . 
C 3 HOH 7  307 13  HOH HOH A . 
C 3 HOH 8  308 2   HOH HOH A . 
C 3 HOH 9  309 12  HOH HOH A . 
C 3 HOH 10 310 5   HOH HOH A . 
C 3 HOH 11 311 3   HOH HOH A . 
C 3 HOH 12 312 1   HOH HOH A . 
C 3 HOH 13 313 7   HOH HOH A . 
C 3 HOH 14 314 22  HOH HOH A . 
C 3 HOH 15 315 9   HOH HOH A . 
C 3 HOH 16 316 21  HOH HOH A . 
C 3 HOH 17 317 6   HOH HOH A . 
# 
loop_
_software.citation_id 
_software.classification 
_software.compiler_name 
_software.compiler_version 
_software.contact_author 
_software.contact_author_email 
_software.date 
_software.description 
_software.dependencies 
_software.hardware 
_software.language 
_software.location 
_software.mods 
_software.name 
_software.os 
_software.os_version 
_software.type 
_software.version 
_software.pdbx_ordinal 
? refinement       ? ? ? ? ? ? ? ? ? ? ? REFMAC  ? ? ? 5.8.0049 1 
? 'data reduction' ? ? ? ? ? ? ? ? ? ? ? XDS     ? ? ? .        2 
? 'data scaling'   ? ? ? ? ? ? ? ? ? ? ? Aimless ? ? ? .        3 
? phasing          ? ? ? ? ? ? ? ? ? ? ? PHASER  ? ? ? .        4 
# 
_cell.angle_alpha                  90.00 
_cell.angle_alpha_esd              ? 
_cell.angle_beta                   90.00 
_cell.angle_beta_esd               ? 
_cell.angle_gamma                  90.00 
_cell.angle_gamma_esd              ? 
_cell.entry_id                     4ZHP 
_cell.details                      ? 
_cell.formula_units_Z              ? 
_cell.length_a                     50.660 
_cell.length_a_esd                 ? 
_cell.length_b                     71.690 
_cell.length_b_esd                 ? 
_cell.length_c                     79.320 
_cell.length_c_esd                 ? 
_cell.volume                       ? 
_cell.volume_esd                   ? 
_cell.Z_PDB                        8 
_cell.reciprocal_angle_alpha       ? 
_cell.reciprocal_angle_beta        ? 
_cell.reciprocal_angle_gamma       ? 
_cell.reciprocal_angle_alpha_esd   ? 
_cell.reciprocal_angle_beta_esd    ? 
_cell.reciprocal_angle_gamma_esd   ? 
_cell.reciprocal_length_a          ? 
_cell.reciprocal_length_b          ? 
_cell.reciprocal_length_c          ? 
_cell.reciprocal_length_a_esd      ? 
_cell.reciprocal_length_b_esd      ? 
_cell.reciprocal_length_c_esd      ? 
_cell.pdbx_unique_axis             ? 
# 
_symmetry.entry_id                         4ZHP 
_symmetry.cell_setting                     ? 
_symmetry.Int_Tables_number                23 
_symmetry.space_group_name_Hall            ? 
_symmetry.space_group_name_H-M             'I 2 2 2' 
_symmetry.pdbx_full_space_group_name_H-M   ? 
# 
_exptl.absorpt_coefficient_mu     ? 
_exptl.absorpt_correction_T_max   ? 
_exptl.absorpt_correction_T_min   ? 
_exptl.absorpt_correction_type    ? 
_exptl.absorpt_process_details    ? 
_exptl.entry_id                   4ZHP 
_exptl.crystals_number            ? 
_exptl.details                    ? 
_exptl.method                     'X-RAY DIFFRACTION' 
_exptl.method_details             ? 
# 
_exptl_crystal.colour                      ? 
_exptl_crystal.density_diffrn              ? 
_exptl_crystal.density_Matthews            3.09 
_exptl_crystal.density_method              ? 
_exptl_crystal.density_percent_sol         62 
_exptl_crystal.description                 'Flat plates, deep red-brown colour due to 2Fe-2S cluster' 
_exptl_crystal.F_000                       ? 
_exptl_crystal.id                          1 
_exptl_crystal.preparation                 ? 
_exptl_crystal.size_max                    ? 
_exptl_crystal.size_mid                    ? 
_exptl_crystal.size_min                    ? 
_exptl_crystal.size_rad                    ? 
_exptl_crystal.colour_lustre               ? 
_exptl_crystal.colour_modifier             ? 
_exptl_crystal.colour_primary              ? 
_exptl_crystal.density_meas                ? 
_exptl_crystal.density_meas_esd            ? 
_exptl_crystal.density_meas_gt             ? 
_exptl_crystal.density_meas_lt             ? 
_exptl_crystal.density_meas_temp           ? 
_exptl_crystal.density_meas_temp_esd       ? 
_exptl_crystal.density_meas_temp_gt        ? 
_exptl_crystal.density_meas_temp_lt        ? 
_exptl_crystal.pdbx_crystal_image_url      ? 
_exptl_crystal.pdbx_crystal_image_format   ? 
_exptl_crystal.pdbx_mosaicity              ? 
_exptl_crystal.pdbx_mosaicity_esd          ? 
# 
_exptl_crystal_grow.apparatus       ? 
_exptl_crystal_grow.atmosphere      ? 
_exptl_crystal_grow.crystal_id      1 
_exptl_crystal_grow.details         ? 
_exptl_crystal_grow.method          'VAPOR DIFFUSION, SITTING DROP' 
_exptl_crystal_grow.method_ref      ? 
_exptl_crystal_grow.pH              8.0 
_exptl_crystal_grow.pressure        ? 
_exptl_crystal_grow.pressure_esd    ? 
_exptl_crystal_grow.seeding         ? 
_exptl_crystal_grow.seeding_ref     ? 
_exptl_crystal_grow.temp            294 
_exptl_crystal_grow.temp_details    ? 
_exptl_crystal_grow.temp_esd        ? 
_exptl_crystal_grow.time            ? 
_exptl_crystal_grow.pdbx_details    '0.1 M Malic acid/MES/Tris, 25 % PEG 1500' 
_exptl_crystal_grow.pdbx_pH_range   ? 
# 
_diffrn.ambient_environment    ? 
_diffrn.ambient_temp           100 
_diffrn.ambient_temp_details   ? 
_diffrn.ambient_temp_esd       ? 
_diffrn.crystal_id             1 
_diffrn.crystal_support        ? 
_diffrn.crystal_treatment      ? 
_diffrn.details                ? 
_diffrn.id                     1 
_diffrn.ambient_pressure       ? 
_diffrn.ambient_pressure_esd   ? 
_diffrn.ambient_pressure_gt    ? 
_diffrn.ambient_pressure_lt    ? 
_diffrn.ambient_temp_gt        ? 
_diffrn.ambient_temp_lt        ? 
# 
_diffrn_detector.details                      ? 
_diffrn_detector.detector                     PIXEL 
_diffrn_detector.diffrn_id                    1 
_diffrn_detector.type                         'PSI PILATUS 6M' 
_diffrn_detector.area_resol_mean              ? 
_diffrn_detector.dtime                        ? 
_diffrn_detector.pdbx_frames_total            ? 
_diffrn_detector.pdbx_collection_time_total   ? 
_diffrn_detector.pdbx_collection_date         2014-07-21 
# 
_diffrn_radiation.collimation                      ? 
_diffrn_radiation.diffrn_id                        1 
_diffrn_radiation.filter_edge                      ? 
_diffrn_radiation.inhomogeneity                    ? 
_diffrn_radiation.monochromator                    'Silicon Fliter' 
_diffrn_radiation.polarisn_norm                    ? 
_diffrn_radiation.polarisn_ratio                   ? 
_diffrn_radiation.probe                            ? 
_diffrn_radiation.type                             ? 
_diffrn_radiation.xray_symbol                      ? 
_diffrn_radiation.wavelength_id                    1 
_diffrn_radiation.pdbx_monochromatic_or_laue_m_l   M 
_diffrn_radiation.pdbx_wavelength_list             ? 
_diffrn_radiation.pdbx_wavelength                  ? 
_diffrn_radiation.pdbx_diffrn_protocol             'SINGLE WAVELENGTH' 
_diffrn_radiation.pdbx_analyzer                    ? 
_diffrn_radiation.pdbx_scattering_type             x-ray 
# 
_diffrn_radiation_wavelength.id           1 
_diffrn_radiation_wavelength.wavelength   1.74 
_diffrn_radiation_wavelength.wt           1.0 
# 
_diffrn_source.current                     ? 
_diffrn_source.details                     ? 
_diffrn_source.diffrn_id                   1 
_diffrn_source.power                       ? 
_diffrn_source.size                        ? 
_diffrn_source.source                      SYNCHROTRON 
_diffrn_source.target                      ? 
_diffrn_source.type                        'DIAMOND BEAMLINE I02' 
_diffrn_source.voltage                     ? 
_diffrn_source.take-off_angle              ? 
_diffrn_source.pdbx_wavelength_list        1.74 
_diffrn_source.pdbx_wavelength             ? 
_diffrn_source.pdbx_synchrotron_beamline   I02 
_diffrn_source.pdbx_synchrotron_site       Diamond 
# 
_reflns.B_iso_Wilson_estimate            ? 
_reflns.entry_id                         4ZHP 
_reflns.data_reduction_details           ? 
_reflns.data_reduction_method            ? 
_reflns.d_resolution_high                2.46 
_reflns.d_resolution_low                 42.7 
_reflns.details                          ? 
_reflns.limit_h_max                      ? 
_reflns.limit_h_min                      ? 
_reflns.limit_k_max                      ? 
_reflns.limit_k_min                      ? 
_reflns.limit_l_max                      ? 
_reflns.limit_l_min                      ? 
_reflns.number_all                       ? 
_reflns.number_obs                       5483 
_reflns.observed_criterion               ? 
_reflns.observed_criterion_F_max         ? 
_reflns.observed_criterion_F_min         ? 
_reflns.observed_criterion_I_max         ? 
_reflns.observed_criterion_I_min         ? 
_reflns.observed_criterion_sigma_F       ? 
_reflns.observed_criterion_sigma_I       ? 
_reflns.percent_possible_obs             99.7 
_reflns.R_free_details                   ? 
_reflns.Rmerge_F_all                     ? 
_reflns.Rmerge_F_obs                     ? 
_reflns.Friedel_coverage                 ? 
_reflns.number_gt                        ? 
_reflns.threshold_expression             ? 
_reflns.pdbx_redundancy                  12.3 
_reflns.pdbx_Rmerge_I_obs                0.063 
_reflns.pdbx_Rmerge_I_all                ? 
_reflns.pdbx_Rsym_value                  ? 
_reflns.pdbx_netI_over_av_sigmaI         ? 
_reflns.pdbx_netI_over_sigmaI            13.9 
_reflns.pdbx_res_netI_over_av_sigmaI_2   ? 
_reflns.pdbx_res_netI_over_sigmaI_2      ? 
_reflns.pdbx_chi_squared                 ? 
_reflns.pdbx_scaling_rejects             ? 
_reflns.pdbx_d_res_high_opt              ? 
_reflns.pdbx_d_res_low_opt               ? 
_reflns.pdbx_d_res_opt_method            ? 
_reflns.phase_calculation_details        ? 
_reflns.pdbx_Rrim_I_all                  ? 
_reflns.pdbx_Rpim_I_all                  ? 
_reflns.pdbx_d_opt                       ? 
_reflns.pdbx_number_measured_all         ? 
_reflns.pdbx_diffrn_id                   1 
_reflns.pdbx_ordinal                     1 
_reflns.pdbx_CC_half                     ? 
_reflns.pdbx_R_split                     ? 
# 
_reflns_shell.d_res_high                  2.46 
_reflns_shell.d_res_low                   2.52 
_reflns_shell.meanI_over_sigI_all         ? 
_reflns_shell.meanI_over_sigI_obs         4.3 
_reflns_shell.number_measured_all         ? 
_reflns_shell.number_measured_obs         ? 
_reflns_shell.number_possible             ? 
_reflns_shell.number_unique_all           ? 
_reflns_shell.number_unique_obs           ? 
_reflns_shell.percent_possible_all        99.4 
_reflns_shell.percent_possible_obs        ? 
_reflns_shell.Rmerge_F_all                ? 
_reflns_shell.Rmerge_F_obs                ? 
_reflns_shell.Rmerge_I_all                ? 
_reflns_shell.Rmerge_I_obs                0.596 
_reflns_shell.meanI_over_sigI_gt          ? 
_reflns_shell.meanI_over_uI_all           ? 
_reflns_shell.meanI_over_uI_gt            ? 
_reflns_shell.number_measured_gt          ? 
_reflns_shell.number_unique_gt            ? 
_reflns_shell.percent_possible_gt         ? 
_reflns_shell.Rmerge_F_gt                 ? 
_reflns_shell.Rmerge_I_gt                 ? 
_reflns_shell.pdbx_redundancy             12.8 
_reflns_shell.pdbx_Rsym_value             ? 
_reflns_shell.pdbx_chi_squared            ? 
_reflns_shell.pdbx_netI_over_sigmaI_all   ? 
_reflns_shell.pdbx_netI_over_sigmaI_obs   ? 
_reflns_shell.pdbx_Rrim_I_all             ? 
_reflns_shell.pdbx_Rpim_I_all             ? 
_reflns_shell.pdbx_rejects                ? 
_reflns_shell.pdbx_ordinal                1 
_reflns_shell.pdbx_diffrn_id              1 
_reflns_shell.pdbx_CC_half                ? 
_reflns_shell.pdbx_R_split                ? 
# 
_refine.aniso_B[1][1]                            -5.58 
_refine.aniso_B[1][2]                            0.00 
_refine.aniso_B[1][3]                            0.00 
_refine.aniso_B[2][2]                            6.34 
_refine.aniso_B[2][3]                            -0.00 
_refine.aniso_B[3][3]                            -0.77 
_refine.B_iso_max                                ? 
_refine.B_iso_mean                               54.284 
_refine.B_iso_min                                ? 
_refine.correlation_coeff_Fo_to_Fc               0.956 
_refine.correlation_coeff_Fo_to_Fc_free          0.941 
_refine.details                                  'HYDROGENS HAVE BEEN ADDED IN THE RIDING POSITIONS' 
_refine.diff_density_max                         ? 
_refine.diff_density_max_esd                     ? 
_refine.diff_density_min                         ? 
_refine.diff_density_min_esd                     ? 
_refine.diff_density_rms                         ? 
_refine.diff_density_rms_esd                     ? 
_refine.entry_id                                 4ZHP 
_refine.pdbx_refine_id                           'X-RAY DIFFRACTION' 
_refine.ls_abs_structure_details                 ? 
_refine.ls_abs_structure_Flack                   ? 
_refine.ls_abs_structure_Flack_esd               ? 
_refine.ls_abs_structure_Rogers                  ? 
_refine.ls_abs_structure_Rogers_esd              ? 
_refine.ls_d_res_high                            2.46 
_refine.ls_d_res_low                             42.70 
_refine.ls_extinction_coef                       ? 
_refine.ls_extinction_coef_esd                   ? 
_refine.ls_extinction_expression                 ? 
_refine.ls_extinction_method                     ? 
_refine.ls_goodness_of_fit_all                   ? 
_refine.ls_goodness_of_fit_all_esd               ? 
_refine.ls_goodness_of_fit_obs                   ? 
_refine.ls_goodness_of_fit_obs_esd               ? 
_refine.ls_hydrogen_treatment                    ? 
_refine.ls_matrix_type                           ? 
_refine.ls_number_constraints                    ? 
_refine.ls_number_parameters                     ? 
_refine.ls_number_reflns_all                     ? 
_refine.ls_number_reflns_obs                     5213 
_refine.ls_number_reflns_R_free                  270 
_refine.ls_number_reflns_R_work                  ? 
_refine.ls_number_restraints                     ? 
_refine.ls_percent_reflns_obs                    99.67 
_refine.ls_percent_reflns_R_free                 4.9 
_refine.ls_R_factor_all                          ? 
_refine.ls_R_factor_obs                          0.17866 
_refine.ls_R_factor_R_free                       0.21472 
_refine.ls_R_factor_R_free_error                 ? 
_refine.ls_R_factor_R_free_error_details         ? 
_refine.ls_R_factor_R_work                       0.17688 
_refine.ls_R_Fsqd_factor_obs                     ? 
_refine.ls_R_I_factor_obs                        ? 
_refine.ls_redundancy_reflns_all                 ? 
_refine.ls_redundancy_reflns_obs                 ? 
_refine.ls_restrained_S_all                      ? 
_refine.ls_restrained_S_obs                      ? 
_refine.ls_shift_over_esd_max                    ? 
_refine.ls_shift_over_esd_mean                   ? 
_refine.ls_structure_factor_coef                 ? 
_refine.ls_weighting_details                     ? 
_refine.ls_weighting_scheme                      ? 
_refine.ls_wR_factor_all                         ? 
_refine.ls_wR_factor_obs                         ? 
_refine.ls_wR_factor_R_free                      ? 
_refine.ls_wR_factor_R_work                      ? 
_refine.occupancy_max                            ? 
_refine.occupancy_min                            ? 
_refine.solvent_model_details                    MASK 
_refine.solvent_model_param_bsol                 ? 
_refine.solvent_model_param_ksol                 ? 
_refine.ls_R_factor_gt                           ? 
_refine.ls_goodness_of_fit_gt                    ? 
_refine.ls_goodness_of_fit_ref                   ? 
_refine.ls_shift_over_su_max                     ? 
_refine.ls_shift_over_su_max_lt                  ? 
_refine.ls_shift_over_su_mean                    ? 
_refine.ls_shift_over_su_mean_lt                 ? 
_refine.pdbx_ls_sigma_I                          ? 
_refine.pdbx_ls_sigma_F                          ? 
_refine.pdbx_ls_sigma_Fsqd                       ? 
_refine.pdbx_data_cutoff_high_absF               ? 
_refine.pdbx_data_cutoff_high_rms_absF           ? 
_refine.pdbx_data_cutoff_low_absF                ? 
_refine.pdbx_isotropic_thermal_model             ? 
_refine.pdbx_ls_cross_valid_method               THROUGHOUT 
_refine.pdbx_method_to_determine_struct          'MOLECULAR REPLACEMENT' 
_refine.pdbx_starting_model                      4N58 
_refine.pdbx_stereochemistry_target_values       'MAXIMUM LIKELIHOOD' 
_refine.pdbx_R_Free_selection_details            RANDOM 
_refine.pdbx_stereochem_target_val_spec_case     ? 
_refine.pdbx_overall_ESU_R                       0.262 
_refine.pdbx_overall_ESU_R_Free                  0.205 
_refine.pdbx_solvent_vdw_probe_radii             1.20 
_refine.pdbx_solvent_ion_probe_radii             0.80 
_refine.pdbx_solvent_shrinkage_radii             0.80 
_refine.pdbx_real_space_R                        ? 
_refine.pdbx_density_correlation                 ? 
_refine.pdbx_pd_number_of_powder_patterns        ? 
_refine.pdbx_pd_number_of_points                 ? 
_refine.pdbx_pd_meas_number_of_points            ? 
_refine.pdbx_pd_proc_ls_prof_R_factor            ? 
_refine.pdbx_pd_proc_ls_prof_wR_factor           ? 
_refine.pdbx_pd_Marquardt_correlation_coeff      ? 
_refine.pdbx_pd_Fsqrd_R_factor                   ? 
_refine.pdbx_pd_ls_matrix_band_width             ? 
_refine.pdbx_overall_phase_error                 ? 
_refine.pdbx_overall_SU_R_free_Cruickshank_DPI   ? 
_refine.pdbx_overall_SU_R_free_Blow_DPI          ? 
_refine.pdbx_overall_SU_R_Blow_DPI               ? 
_refine.pdbx_TLS_residual_ADP_flag               ? 
_refine.pdbx_diffrn_id                           1 
_refine.overall_SU_B                             14.282 
_refine.overall_SU_ML                            0.151 
_refine.overall_SU_R_Cruickshank_DPI             ? 
_refine.overall_SU_R_free                        ? 
_refine.overall_FOM_free_R_set                   ? 
_refine.overall_FOM_work_R_set                   ? 
_refine.pdbx_average_fsc_overall                 ? 
_refine.pdbx_average_fsc_work                    ? 
_refine.pdbx_average_fsc_free                    ? 
# 
_refine_hist.pdbx_refine_id                   'X-RAY DIFFRACTION' 
_refine_hist.cycle_id                         1 
_refine_hist.pdbx_number_atoms_protein        737 
_refine_hist.pdbx_number_atoms_nucleic_acid   0 
_refine_hist.pdbx_number_atoms_ligand         4 
_refine_hist.number_atoms_solvent             17 
_refine_hist.number_atoms_total               758 
_refine_hist.d_res_high                       2.46 
_refine_hist.d_res_low                        42.70 
# 
loop_
_refine_ls_restr.pdbx_refine_id 
_refine_ls_restr.criterion 
_refine_ls_restr.dev_ideal 
_refine_ls_restr.dev_ideal_target 
_refine_ls_restr.number 
_refine_ls_restr.rejects 
_refine_ls_restr.type 
_refine_ls_restr.weight 
_refine_ls_restr.pdbx_restraint_function 
'X-RAY DIFFRACTION' ? 0.016  0.019  758  ? r_bond_refined_d             ? ? 
'X-RAY DIFFRACTION' ? 0.001  0.020  674  ? r_bond_other_d               ? ? 
'X-RAY DIFFRACTION' ? 1.999  1.985  1030 ? r_angle_refined_deg          ? ? 
'X-RAY DIFFRACTION' ? 0.931  3.000  1580 ? r_angle_other_deg            ? ? 
'X-RAY DIFFRACTION' ? 6.700  5.000  99   ? r_dihedral_angle_1_deg       ? ? 
'X-RAY DIFFRACTION' ? 29.782 26.765 34   ? r_dihedral_angle_2_deg       ? ? 
'X-RAY DIFFRACTION' ? 18.432 15.000 122  ? r_dihedral_angle_3_deg       ? ? 
'X-RAY DIFFRACTION' ? 7.823  15.000 1    ? r_dihedral_angle_4_deg       ? ? 
'X-RAY DIFFRACTION' ? 0.102  0.200  117  ? r_chiral_restr               ? ? 
'X-RAY DIFFRACTION' ? 0.006  0.021  863  ? r_gen_planes_refined         ? ? 
'X-RAY DIFFRACTION' ? 0.001  0.020  142  ? r_gen_planes_other           ? ? 
'X-RAY DIFFRACTION' ? ?      ?      ?    ? r_nbd_refined                ? ? 
'X-RAY DIFFRACTION' ? ?      ?      ?    ? r_nbd_other                  ? ? 
'X-RAY DIFFRACTION' ? ?      ?      ?    ? r_nbtor_refined              ? ? 
'X-RAY DIFFRACTION' ? ?      ?      ?    ? r_nbtor_other                ? ? 
'X-RAY DIFFRACTION' ? ?      ?      ?    ? r_xyhbond_nbd_refined        ? ? 
'X-RAY DIFFRACTION' ? ?      ?      ?    ? r_xyhbond_nbd_other          ? ? 
'X-RAY DIFFRACTION' ? ?      ?      ?    ? r_metal_ion_refined          ? ? 
'X-RAY DIFFRACTION' ? ?      ?      ?    ? r_metal_ion_other            ? ? 
'X-RAY DIFFRACTION' ? ?      ?      ?    ? r_symmetry_vdw_refined       ? ? 
'X-RAY DIFFRACTION' ? ?      ?      ?    ? r_symmetry_vdw_other         ? ? 
'X-RAY DIFFRACTION' ? ?      ?      ?    ? r_symmetry_hbond_refined     ? ? 
'X-RAY DIFFRACTION' ? ?      ?      ?    ? r_symmetry_hbond_other       ? ? 
'X-RAY DIFFRACTION' ? ?      ?      ?    ? r_symmetry_metal_ion_refined ? ? 
'X-RAY DIFFRACTION' ? ?      ?      ?    ? r_symmetry_metal_ion_other   ? ? 
'X-RAY DIFFRACTION' ? 2.947  4.067  393  ? r_mcbond_it                  ? ? 
'X-RAY DIFFRACTION' ? 2.948  4.059  392  ? r_mcbond_other               ? ? 
'X-RAY DIFFRACTION' ? 4.172  6.085  490  ? r_mcangle_it                 ? ? 
'X-RAY DIFFRACTION' ? 4.169  6.095  491  ? r_mcangle_other              ? ? 
'X-RAY DIFFRACTION' ? 5.536  4.760  365  ? r_scbond_it                  ? ? 
'X-RAY DIFFRACTION' ? 5.559  4.782  362  ? r_scbond_other               ? ? 
'X-RAY DIFFRACTION' ? ?      ?      ?    ? r_scangle_it                 ? ? 
'X-RAY DIFFRACTION' ? 8.668  6.889  536  ? r_scangle_other              ? ? 
'X-RAY DIFFRACTION' ? 11.268 33.472 836  ? r_long_range_B_refined       ? ? 
'X-RAY DIFFRACTION' ? 11.268 33.416 833  ? r_long_range_B_other         ? ? 
'X-RAY DIFFRACTION' ? ?      ?      ?    ? r_rigid_bond_restr           ? ? 
'X-RAY DIFFRACTION' ? ?      ?      ?    ? r_sphericity_free            ? ? 
'X-RAY DIFFRACTION' ? ?      ?      ?    ? r_sphericity_bonded          ? ? 
# 
_refine_ls_shell.pdbx_refine_id                   'X-RAY DIFFRACTION' 
_refine_ls_shell.d_res_high                       2.460 
_refine_ls_shell.d_res_low                        2.524 
_refine_ls_shell.number_reflns_all                ? 
_refine_ls_shell.number_reflns_obs                ? 
_refine_ls_shell.number_reflns_R_free             16 
_refine_ls_shell.number_reflns_R_work             366 
_refine_ls_shell.percent_reflns_obs               99.48 
_refine_ls_shell.percent_reflns_R_free            ? 
_refine_ls_shell.R_factor_all                     ? 
_refine_ls_shell.R_factor_obs                     ? 
_refine_ls_shell.R_factor_R_free                  0.296 
_refine_ls_shell.R_factor_R_free_error            ? 
_refine_ls_shell.R_factor_R_work                  0.202 
_refine_ls_shell.redundancy_reflns_all            ? 
_refine_ls_shell.redundancy_reflns_obs            ? 
_refine_ls_shell.wR_factor_all                    ? 
_refine_ls_shell.wR_factor_obs                    ? 
_refine_ls_shell.wR_factor_R_free                 ? 
_refine_ls_shell.wR_factor_R_work                 ? 
_refine_ls_shell.pdbx_total_number_of_bins_used   20 
_refine_ls_shell.pdbx_phase_error                 ? 
_refine_ls_shell.pdbx_fsc_work                    ? 
_refine_ls_shell.pdbx_fsc_free                    ? 
# 
_struct.entry_id                     4ZHP 
_struct.title                        'The crystal structure of Potato ferredoxin I with 2Fe-2S cluster' 
_struct.pdbx_model_details           ? 
_struct.pdbx_formula_weight          ? 
_struct.pdbx_formula_weight_method   ? 
_struct.pdbx_model_type_details      ? 
_struct.pdbx_CASP_flag               ? 
# 
_struct_keywords.entry_id        4ZHP 
_struct_keywords.text            'Ferredoxin 2Fe-2S cluster Electron Transfer Chloroplast, electron transport' 
_struct_keywords.pdbx_keywords   'ELECTRON TRANSPORT' 
# 
loop_
_struct_asym.id 
_struct_asym.pdbx_blank_PDB_chainid_flag 
_struct_asym.pdbx_modified 
_struct_asym.entity_id 
_struct_asym.details 
A N N 1 ? 
B N N 2 ? 
C N N 3 ? 
# 
_struct_ref.id                         1 
_struct_ref.db_name                    UNP 
_struct_ref.db_code                    Q93XJ9_SOLTU 
_struct_ref.pdbx_db_accession          Q93XJ9 
_struct_ref.pdbx_db_isoform            ? 
_struct_ref.entity_id                  1 
_struct_ref.pdbx_seq_one_letter_code   
;MASYKVKLITPDGPIEFECPDDVYILDQAEEEGHDLPYSCRAGSCSSCAGKVTAGTVDQSDGKFLDDDQEAAGFVLTCVA
YPKCDVTIETHKEEELTA
;
_struct_ref.pdbx_align_begin           47 
# 
_struct_ref_seq.align_id                      1 
_struct_ref_seq.ref_id                        1 
_struct_ref_seq.pdbx_PDB_id_code              4ZHP 
_struct_ref_seq.pdbx_strand_id                A 
_struct_ref_seq.seq_align_beg                 1 
_struct_ref_seq.pdbx_seq_align_beg_ins_code   ? 
_struct_ref_seq.seq_align_end                 98 
_struct_ref_seq.pdbx_seq_align_end_ins_code   ? 
_struct_ref_seq.pdbx_db_accession             Q93XJ9 
_struct_ref_seq.db_align_beg                  47 
_struct_ref_seq.pdbx_db_align_beg_ins_code    ? 
_struct_ref_seq.db_align_end                  144 
_struct_ref_seq.pdbx_db_align_end_ins_code    ? 
_struct_ref_seq.pdbx_auth_seq_align_beg       1 
_struct_ref_seq.pdbx_auth_seq_align_end       98 
# 
loop_
_struct_ref_seq_dif.align_id 
_struct_ref_seq_dif.pdbx_pdb_id_code 
_struct_ref_seq_dif.mon_id 
_struct_ref_seq_dif.pdbx_pdb_strand_id 
_struct_ref_seq_dif.seq_num 
_struct_ref_seq_dif.pdbx_pdb_ins_code 
_struct_ref_seq_dif.pdbx_seq_db_name 
_struct_ref_seq_dif.pdbx_seq_db_accession_code 
_struct_ref_seq_dif.db_mon_id 
_struct_ref_seq_dif.pdbx_seq_db_seq_num 
_struct_ref_seq_dif.details 
_struct_ref_seq_dif.pdbx_auth_seq_num 
_struct_ref_seq_dif.pdbx_ordinal 
1 4ZHP LEU A 99  ? UNP Q93XJ9 ? ? 'expression tag' 99  1 
1 4ZHP GLU A 100 ? UNP Q93XJ9 ? ? 'expression tag' 100 2 
1 4ZHP HIS A 101 ? UNP Q93XJ9 ? ? 'expression tag' 101 3 
1 4ZHP HIS A 102 ? UNP Q93XJ9 ? ? 'expression tag' 102 4 
1 4ZHP HIS A 103 ? UNP Q93XJ9 ? ? 'expression tag' 103 5 
1 4ZHP HIS A 104 ? UNP Q93XJ9 ? ? 'expression tag' 104 6 
1 4ZHP HIS A 105 ? UNP Q93XJ9 ? ? 'expression tag' 105 7 
1 4ZHP HIS A 106 ? UNP Q93XJ9 ? ? 'expression tag' 106 8 
# 
_pdbx_struct_assembly.id                   1 
_pdbx_struct_assembly.details              software_defined_assembly 
_pdbx_struct_assembly.method_details       PISA 
_pdbx_struct_assembly.oligomeric_details   monomeric 
_pdbx_struct_assembly.oligomeric_count     1 
# 
loop_
_pdbx_struct_assembly_prop.biol_id 
_pdbx_struct_assembly_prop.type 
_pdbx_struct_assembly_prop.value 
_pdbx_struct_assembly_prop.details 
1 'ABSA (A^2)' 240  ? 
1 MORE         -16  ? 
1 'SSA (A^2)'  5070 ? 
# 
_pdbx_struct_assembly_gen.assembly_id       1 
_pdbx_struct_assembly_gen.oper_expression   1 
_pdbx_struct_assembly_gen.asym_id_list      A,B,C 
# 
_pdbx_struct_oper_list.id                   1 
_pdbx_struct_oper_list.type                 'identity operation' 
_pdbx_struct_oper_list.name                 1_555 
_pdbx_struct_oper_list.symmetry_operation   x,y,z 
_pdbx_struct_oper_list.matrix[1][1]         1.0000000000 
_pdbx_struct_oper_list.matrix[1][2]         0.0000000000 
_pdbx_struct_oper_list.matrix[1][3]         0.0000000000 
_pdbx_struct_oper_list.vector[1]            0.0000000000 
_pdbx_struct_oper_list.matrix[2][1]         0.0000000000 
_pdbx_struct_oper_list.matrix[2][2]         1.0000000000 
_pdbx_struct_oper_list.matrix[2][3]         0.0000000000 
_pdbx_struct_oper_list.vector[2]            0.0000000000 
_pdbx_struct_oper_list.matrix[3][1]         0.0000000000 
_pdbx_struct_oper_list.matrix[3][2]         0.0000000000 
_pdbx_struct_oper_list.matrix[3][3]         1.0000000000 
_pdbx_struct_oper_list.vector[3]            0.0000000000 
# 
loop_
_struct_conf.conf_type_id 
_struct_conf.id 
_struct_conf.pdbx_PDB_helix_id 
_struct_conf.beg_label_comp_id 
_struct_conf.beg_label_asym_id 
_struct_conf.beg_label_seq_id 
_struct_conf.pdbx_beg_PDB_ins_code 
_struct_conf.end_label_comp_id 
_struct_conf.end_label_asym_id 
_struct_conf.end_label_seq_id 
_struct_conf.pdbx_end_PDB_ins_code 
_struct_conf.beg_auth_comp_id 
_struct_conf.beg_auth_asym_id 
_struct_conf.beg_auth_seq_id 
_struct_conf.end_auth_comp_id 
_struct_conf.end_auth_asym_id 
_struct_conf.end_auth_seq_id 
_struct_conf.pdbx_PDB_helix_class 
_struct_conf.details 
_struct_conf.pdbx_PDB_helix_length 
HELX_P HELX_P1 AA1 TYR A 24 ? GLU A 32 ? TYR A 24 GLU A 32 1 ? 9 
HELX_P HELX_P2 AA2 ASP A 66 ? ALA A 72 ? ASP A 66 ALA A 72 1 ? 7 
HELX_P HELX_P3 AA3 CYS A 78 ? ALA A 80 ? CYS A 78 ALA A 80 5 ? 3 
HELX_P HELX_P4 AA4 LYS A 92 ? THR A 97 ? LYS A 92 THR A 97 1 ? 6 
# 
_struct_conf_type.id          HELX_P 
_struct_conf_type.criteria    ? 
_struct_conf_type.reference   ? 
# 
loop_
_struct_conn.id 
_struct_conn.conn_type_id 
_struct_conn.pdbx_leaving_atom_flag 
_struct_conn.pdbx_PDB_id 
_struct_conn.ptnr1_label_asym_id 
_struct_conn.ptnr1_label_comp_id 
_struct_conn.ptnr1_label_seq_id 
_struct_conn.ptnr1_label_atom_id 
_struct_conn.pdbx_ptnr1_label_alt_id 
_struct_conn.pdbx_ptnr1_PDB_ins_code 
_struct_conn.pdbx_ptnr1_standard_comp_id 
_struct_conn.ptnr1_symmetry 
_struct_conn.ptnr2_label_asym_id 
_struct_conn.ptnr2_label_comp_id 
_struct_conn.ptnr2_label_seq_id 
_struct_conn.ptnr2_label_atom_id 
_struct_conn.pdbx_ptnr2_label_alt_id 
_struct_conn.pdbx_ptnr2_PDB_ins_code 
_struct_conn.ptnr1_auth_asym_id 
_struct_conn.ptnr1_auth_comp_id 
_struct_conn.ptnr1_auth_seq_id 
_struct_conn.ptnr2_auth_asym_id 
_struct_conn.ptnr2_auth_comp_id 
_struct_conn.ptnr2_auth_seq_id 
_struct_conn.ptnr2_symmetry 
_struct_conn.pdbx_ptnr3_label_atom_id 
_struct_conn.pdbx_ptnr3_label_seq_id 
_struct_conn.pdbx_ptnr3_label_comp_id 
_struct_conn.pdbx_ptnr3_label_asym_id 
_struct_conn.pdbx_ptnr3_label_alt_id 
_struct_conn.pdbx_ptnr3_PDB_ins_code 
_struct_conn.details 
_struct_conn.pdbx_dist_value 
_struct_conn.pdbx_value_order 
_struct_conn.pdbx_role 
metalc1 metalc ? ? A CYS 40 SG ? ? ? 1_555 B FES . FE1 ? ? A CYS 40 A FES 201 1_555 ? ? ? ? ? ? ? 2.354 ? ? 
metalc2 metalc ? ? A CYS 45 SG ? ? ? 1_555 B FES . FE1 ? ? A CYS 45 A FES 201 1_555 ? ? ? ? ? ? ? 2.334 ? ? 
metalc3 metalc ? ? A CYS 48 SG ? ? ? 1_555 B FES . FE2 ? ? A CYS 48 A FES 201 1_555 ? ? ? ? ? ? ? 2.284 ? ? 
metalc4 metalc ? ? A CYS 78 SG ? ? ? 1_555 B FES . FE2 ? ? A CYS 78 A FES 201 1_555 ? ? ? ? ? ? ? 2.270 ? ? 
# 
_struct_conn_type.id          metalc 
_struct_conn_type.criteria    ? 
_struct_conn_type.reference   ? 
# 
loop_
_pdbx_struct_conn_angle.id 
_pdbx_struct_conn_angle.ptnr1_label_atom_id 
_pdbx_struct_conn_angle.ptnr1_label_alt_id 
_pdbx_struct_conn_angle.ptnr1_label_asym_id 
_pdbx_struct_conn_angle.ptnr1_label_comp_id 
_pdbx_struct_conn_angle.ptnr1_label_seq_id 
_pdbx_struct_conn_angle.ptnr1_auth_atom_id 
_pdbx_struct_conn_angle.ptnr1_auth_asym_id 
_pdbx_struct_conn_angle.ptnr1_auth_comp_id 
_pdbx_struct_conn_angle.ptnr1_auth_seq_id 
_pdbx_struct_conn_angle.ptnr1_PDB_ins_code 
_pdbx_struct_conn_angle.ptnr1_symmetry 
_pdbx_struct_conn_angle.ptnr2_label_atom_id 
_pdbx_struct_conn_angle.ptnr2_label_alt_id 
_pdbx_struct_conn_angle.ptnr2_label_asym_id 
_pdbx_struct_conn_angle.ptnr2_label_comp_id 
_pdbx_struct_conn_angle.ptnr2_label_seq_id 
_pdbx_struct_conn_angle.ptnr2_auth_atom_id 
_pdbx_struct_conn_angle.ptnr2_auth_asym_id 
_pdbx_struct_conn_angle.ptnr2_auth_comp_id 
_pdbx_struct_conn_angle.ptnr2_auth_seq_id 
_pdbx_struct_conn_angle.ptnr2_PDB_ins_code 
_pdbx_struct_conn_angle.ptnr2_symmetry 
_pdbx_struct_conn_angle.ptnr3_label_atom_id 
_pdbx_struct_conn_angle.ptnr3_label_alt_id 
_pdbx_struct_conn_angle.ptnr3_label_asym_id 
_pdbx_struct_conn_angle.ptnr3_label_comp_id 
_pdbx_struct_conn_angle.ptnr3_label_seq_id 
_pdbx_struct_conn_angle.ptnr3_auth_atom_id 
_pdbx_struct_conn_angle.ptnr3_auth_asym_id 
_pdbx_struct_conn_angle.ptnr3_auth_comp_id 
_pdbx_struct_conn_angle.ptnr3_auth_seq_id 
_pdbx_struct_conn_angle.ptnr3_PDB_ins_code 
_pdbx_struct_conn_angle.ptnr3_symmetry 
_pdbx_struct_conn_angle.value 
_pdbx_struct_conn_angle.value_esd 
1  SG ? A CYS 40 ? A CYS 40  ? 1_555 FE1 ? B FES . ? A FES 201 ? 1_555 S1 ? B FES .  ? A FES 201 ? 1_555 115.8 ? 
2  SG ? A CYS 40 ? A CYS 40  ? 1_555 FE1 ? B FES . ? A FES 201 ? 1_555 S2 ? B FES .  ? A FES 201 ? 1_555 104.8 ? 
3  S1 ? B FES .  ? A FES 201 ? 1_555 FE1 ? B FES . ? A FES 201 ? 1_555 S2 ? B FES .  ? A FES 201 ? 1_555 102.3 ? 
4  SG ? A CYS 40 ? A CYS 40  ? 1_555 FE1 ? B FES . ? A FES 201 ? 1_555 SG ? A CYS 45 ? A CYS 45  ? 1_555 102.3 ? 
5  S1 ? B FES .  ? A FES 201 ? 1_555 FE1 ? B FES . ? A FES 201 ? 1_555 SG ? A CYS 45 ? A CYS 45  ? 1_555 107.4 ? 
6  S2 ? B FES .  ? A FES 201 ? 1_555 FE1 ? B FES . ? A FES 201 ? 1_555 SG ? A CYS 45 ? A CYS 45  ? 1_555 125.0 ? 
7  SG ? A CYS 48 ? A CYS 48  ? 1_555 FE2 ? B FES . ? A FES 201 ? 1_555 S1 ? B FES .  ? A FES 201 ? 1_555 114.8 ? 
8  SG ? A CYS 48 ? A CYS 48  ? 1_555 FE2 ? B FES . ? A FES 201 ? 1_555 S2 ? B FES .  ? A FES 201 ? 1_555 107.3 ? 
9  S1 ? B FES .  ? A FES 201 ? 1_555 FE2 ? B FES . ? A FES 201 ? 1_555 S2 ? B FES .  ? A FES 201 ? 1_555 104.4 ? 
10 SG ? A CYS 48 ? A CYS 48  ? 1_555 FE2 ? B FES . ? A FES 201 ? 1_555 SG ? A CYS 78 ? A CYS 78  ? 1_555 107.0 ? 
11 S1 ? B FES .  ? A FES 201 ? 1_555 FE2 ? B FES . ? A FES 201 ? 1_555 SG ? A CYS 78 ? A CYS 78  ? 1_555 120.6 ? 
12 S2 ? B FES .  ? A FES 201 ? 1_555 FE2 ? B FES . ? A FES 201 ? 1_555 SG ? A CYS 78 ? A CYS 78  ? 1_555 101.0 ? 
# 
loop_
_struct_sheet.id 
_struct_sheet.type 
_struct_sheet.number_strands 
_struct_sheet.details 
AA1 ? 5 ? 
AA2 ? 2 ? 
# 
loop_
_struct_sheet_order.sheet_id 
_struct_sheet_order.range_id_1 
_struct_sheet_order.range_id_2 
_struct_sheet_order.offset 
_struct_sheet_order.sense 
AA1 1 2 ? anti-parallel 
AA1 2 3 ? parallel      
AA1 3 4 ? anti-parallel 
AA1 4 5 ? anti-parallel 
AA2 1 2 ? anti-parallel 
# 
loop_
_struct_sheet_range.sheet_id 
_struct_sheet_range.id 
_struct_sheet_range.beg_label_comp_id 
_struct_sheet_range.beg_label_asym_id 
_struct_sheet_range.beg_label_seq_id 
_struct_sheet_range.pdbx_beg_PDB_ins_code 
_struct_sheet_range.end_label_comp_id 
_struct_sheet_range.end_label_asym_id 
_struct_sheet_range.end_label_seq_id 
_struct_sheet_range.pdbx_end_PDB_ins_code 
_struct_sheet_range.beg_auth_comp_id 
_struct_sheet_range.beg_auth_asym_id 
_struct_sheet_range.beg_auth_seq_id 
_struct_sheet_range.end_auth_comp_id 
_struct_sheet_range.end_auth_asym_id 
_struct_sheet_range.end_auth_seq_id 
AA1 1 GLY A 13 ? PRO A 20 ? GLY A 13 PRO A 20 
AA1 2 SER A 3  ? THR A 10 ? SER A 3  THR A 10 
AA1 3 VAL A 86 ? GLU A 89 ? VAL A 86 GLU A 89 
AA1 4 ALA A 49 ? ALA A 54 ? ALA A 49 ALA A 54 
AA1 5 PHE A 74 ? LEU A 76 ? PHE A 74 LEU A 76 
AA2 1 VAL A 57 ? ASP A 58 ? VAL A 57 ASP A 58 
AA2 2 TYR A 81 ? PRO A 82 ? TYR A 81 PRO A 82 
# 
loop_
_pdbx_struct_sheet_hbond.sheet_id 
_pdbx_struct_sheet_hbond.range_id_1 
_pdbx_struct_sheet_hbond.range_id_2 
_pdbx_struct_sheet_hbond.range_1_label_atom_id 
_pdbx_struct_sheet_hbond.range_1_label_comp_id 
_pdbx_struct_sheet_hbond.range_1_label_asym_id 
_pdbx_struct_sheet_hbond.range_1_label_seq_id 
_pdbx_struct_sheet_hbond.range_1_PDB_ins_code 
_pdbx_struct_sheet_hbond.range_1_auth_atom_id 
_pdbx_struct_sheet_hbond.range_1_auth_comp_id 
_pdbx_struct_sheet_hbond.range_1_auth_asym_id 
_pdbx_struct_sheet_hbond.range_1_auth_seq_id 
_pdbx_struct_sheet_hbond.range_2_label_atom_id 
_pdbx_struct_sheet_hbond.range_2_label_comp_id 
_pdbx_struct_sheet_hbond.range_2_label_asym_id 
_pdbx_struct_sheet_hbond.range_2_label_seq_id 
_pdbx_struct_sheet_hbond.range_2_PDB_ins_code 
_pdbx_struct_sheet_hbond.range_2_auth_atom_id 
_pdbx_struct_sheet_hbond.range_2_auth_comp_id 
_pdbx_struct_sheet_hbond.range_2_auth_asym_id 
_pdbx_struct_sheet_hbond.range_2_auth_seq_id 
AA1 1 2 O ILE A 15 ? O ILE A 15 N LEU A 8  ? N LEU A 8  
AA1 2 3 N ILE A 9  ? N ILE A 9  O ILE A 88 ? O ILE A 88 
AA1 3 4 O GLU A 89 ? O GLU A 89 N LYS A 51 ? N LYS A 51 
AA1 4 5 N GLY A 50 ? N GLY A 50 O VAL A 75 ? O VAL A 75 
AA2 1 2 N ASP A 58 ? N ASP A 58 O TYR A 81 ? O TYR A 81 
# 
_struct_site.id                   AC1 
_struct_site.pdbx_evidence_code   Software 
_struct_site.pdbx_auth_asym_id    A 
_struct_site.pdbx_auth_comp_id    FES 
_struct_site.pdbx_auth_seq_id     201 
_struct_site.pdbx_auth_ins_code   ? 
_struct_site.pdbx_num_residues    8 
_struct_site.details              'binding site for residue FES A 201' 
# 
loop_
_struct_site_gen.id 
_struct_site_gen.site_id 
_struct_site_gen.pdbx_num_res 
_struct_site_gen.label_comp_id 
_struct_site_gen.label_asym_id 
_struct_site_gen.label_seq_id 
_struct_site_gen.pdbx_auth_ins_code 
_struct_site_gen.auth_comp_id 
_struct_site_gen.auth_asym_id 
_struct_site_gen.auth_seq_id 
_struct_site_gen.label_atom_id 
_struct_site_gen.label_alt_id 
_struct_site_gen.symmetry 
_struct_site_gen.details 
1 AC1 8 SER A 39 ? SER A 39 . ? 1_555 ? 
2 AC1 8 CYS A 40 ? CYS A 40 . ? 1_555 ? 
3 AC1 8 ARG A 41 ? ARG A 41 . ? 1_555 ? 
4 AC1 8 GLY A 43 ? GLY A 43 . ? 1_555 ? 
5 AC1 8 SER A 44 ? SER A 44 . ? 1_555 ? 
6 AC1 8 CYS A 45 ? CYS A 45 . ? 1_555 ? 
7 AC1 8 CYS A 48 ? CYS A 48 . ? 1_555 ? 
8 AC1 8 CYS A 78 ? CYS A 78 . ? 1_555 ? 
# 
loop_
_pdbx_validate_torsion.id 
_pdbx_validate_torsion.PDB_model_num 
_pdbx_validate_torsion.auth_comp_id 
_pdbx_validate_torsion.auth_asym_id 
_pdbx_validate_torsion.auth_seq_id 
_pdbx_validate_torsion.PDB_ins_code 
_pdbx_validate_torsion.label_alt_id 
_pdbx_validate_torsion.phi 
_pdbx_validate_torsion.psi 
1 1 SER A 39 ? ? -138.88 -71.70  
2 1 ALA A 42 ? ? -141.46 23.11   
3 1 CYS A 84 ? ? -171.92 -178.96 
# 
_pdbx_refine_tls.id               1 
_pdbx_refine_tls.pdbx_refine_id   'X-RAY DIFFRACTION' 
_pdbx_refine_tls.details          ? 
_pdbx_refine_tls.method           refined 
_pdbx_refine_tls.origin_x         0.2070 
_pdbx_refine_tls.origin_y         0.0933 
_pdbx_refine_tls.origin_z         -0.0281 
_pdbx_refine_tls.T[1][1]          0.0273 
_pdbx_refine_tls.T[1][1]_esd      ? 
_pdbx_refine_tls.T[1][2]          0.0199 
_pdbx_refine_tls.T[1][2]_esd      ? 
_pdbx_refine_tls.T[1][3]          0.0141 
_pdbx_refine_tls.T[1][3]_esd      ? 
_pdbx_refine_tls.T[2][2]          0.0265 
_pdbx_refine_tls.T[2][2]_esd      ? 
_pdbx_refine_tls.T[2][3]          0.0166 
_pdbx_refine_tls.T[2][3]_esd      ? 
_pdbx_refine_tls.T[3][3]          0.0408 
_pdbx_refine_tls.T[3][3]_esd      ? 
_pdbx_refine_tls.L[1][1]          2.0105 
_pdbx_refine_tls.L[1][1]_esd      ? 
_pdbx_refine_tls.L[1][2]          0.9022 
_pdbx_refine_tls.L[1][2]_esd      ? 
_pdbx_refine_tls.L[1][3]          0.2497 
_pdbx_refine_tls.L[1][3]_esd      ? 
_pdbx_refine_tls.L[2][2]          4.1801 
_pdbx_refine_tls.L[2][2]_esd      ? 
_pdbx_refine_tls.L[2][3]          1.3016 
_pdbx_refine_tls.L[2][3]_esd      ? 
_pdbx_refine_tls.L[3][3]          4.1859 
_pdbx_refine_tls.L[3][3]_esd      ? 
_pdbx_refine_tls.S[1][1]          0.0690 
_pdbx_refine_tls.S[1][1]_esd      ? 
_pdbx_refine_tls.S[1][2]          -0.0068 
_pdbx_refine_tls.S[1][2]_esd      ? 
_pdbx_refine_tls.S[1][3]          -0.1486 
_pdbx_refine_tls.S[1][3]_esd      ? 
_pdbx_refine_tls.S[2][1]          0.0956 
_pdbx_refine_tls.S[2][1]_esd      ? 
_pdbx_refine_tls.S[2][2]          -0.0112 
_pdbx_refine_tls.S[2][2]_esd      ? 
_pdbx_refine_tls.S[2][3]          -0.0888 
_pdbx_refine_tls.S[2][3]_esd      ? 
_pdbx_refine_tls.S[3][1]          0.1761 
_pdbx_refine_tls.S[3][1]_esd      ? 
_pdbx_refine_tls.S[3][2]          0.0244 
_pdbx_refine_tls.S[3][2]_esd      ? 
_pdbx_refine_tls.S[3][3]          -0.0577 
_pdbx_refine_tls.S[3][3]_esd      ? 
# 
_pdbx_refine_tls_group.id                  1 
_pdbx_refine_tls_group.pdbx_refine_id      'X-RAY DIFFRACTION' 
_pdbx_refine_tls_group.refine_tls_id       1 
_pdbx_refine_tls_group.beg_label_asym_id   ? 
_pdbx_refine_tls_group.beg_label_seq_id    ? 
_pdbx_refine_tls_group.beg_auth_asym_id    A 
_pdbx_refine_tls_group.beg_auth_seq_id     2 
_pdbx_refine_tls_group.end_label_asym_id   ? 
_pdbx_refine_tls_group.end_label_seq_id    ? 
_pdbx_refine_tls_group.end_auth_asym_id    A 
_pdbx_refine_tls_group.end_auth_seq_id     100 
_pdbx_refine_tls_group.selection           ? 
_pdbx_refine_tls_group.selection_details   ? 
# 
loop_
_pdbx_unobs_or_zero_occ_residues.id 
_pdbx_unobs_or_zero_occ_residues.PDB_model_num 
_pdbx_unobs_or_zero_occ_residues.polymer_flag 
_pdbx_unobs_or_zero_occ_residues.occupancy_flag 
_pdbx_unobs_or_zero_occ_residues.auth_asym_id 
_pdbx_unobs_or_zero_occ_residues.auth_comp_id 
_pdbx_unobs_or_zero_occ_residues.auth_seq_id 
_pdbx_unobs_or_zero_occ_residues.PDB_ins_code 
_pdbx_unobs_or_zero_occ_residues.label_asym_id 
_pdbx_unobs_or_zero_occ_residues.label_comp_id 
_pdbx_unobs_or_zero_occ_residues.label_seq_id 
1 1 Y 1 A MET 1   ? A MET 1   
2 1 Y 1 A GLU 100 ? A GLU 100 
3 1 Y 1 A HIS 101 ? A HIS 101 
4 1 Y 1 A HIS 102 ? A HIS 102 
5 1 Y 1 A HIS 103 ? A HIS 103 
6 1 Y 1 A HIS 104 ? A HIS 104 
7 1 Y 1 A HIS 105 ? A HIS 105 
8 1 Y 1 A HIS 106 ? A HIS 106 
# 
loop_
_chem_comp_atom.comp_id 
_chem_comp_atom.atom_id 
_chem_comp_atom.type_symbol 
_chem_comp_atom.pdbx_aromatic_flag 
_chem_comp_atom.pdbx_stereo_config 
_chem_comp_atom.pdbx_ordinal 
ALA N    N  N N 1   
ALA CA   C  N S 2   
ALA C    C  N N 3   
ALA O    O  N N 4   
ALA CB   C  N N 5   
ALA OXT  O  N N 6   
ALA H    H  N N 7   
ALA H2   H  N N 8   
ALA HA   H  N N 9   
ALA HB1  H  N N 10  
ALA HB2  H  N N 11  
ALA HB3  H  N N 12  
ALA HXT  H  N N 13  
ARG N    N  N N 14  
ARG CA   C  N S 15  
ARG C    C  N N 16  
ARG O    O  N N 17  
ARG CB   C  N N 18  
ARG CG   C  N N 19  
ARG CD   C  N N 20  
ARG NE   N  N N 21  
ARG CZ   C  N N 22  
ARG NH1  N  N N 23  
ARG NH2  N  N N 24  
ARG OXT  O  N N 25  
ARG H    H  N N 26  
ARG H2   H  N N 27  
ARG HA   H  N N 28  
ARG HB2  H  N N 29  
ARG HB3  H  N N 30  
ARG HG2  H  N N 31  
ARG HG3  H  N N 32  
ARG HD2  H  N N 33  
ARG HD3  H  N N 34  
ARG HE   H  N N 35  
ARG HH11 H  N N 36  
ARG HH12 H  N N 37  
ARG HH21 H  N N 38  
ARG HH22 H  N N 39  
ARG HXT  H  N N 40  
ASP N    N  N N 41  
ASP CA   C  N S 42  
ASP C    C  N N 43  
ASP O    O  N N 44  
ASP CB   C  N N 45  
ASP CG   C  N N 46  
ASP OD1  O  N N 47  
ASP OD2  O  N N 48  
ASP OXT  O  N N 49  
ASP H    H  N N 50  
ASP H2   H  N N 51  
ASP HA   H  N N 52  
ASP HB2  H  N N 53  
ASP HB3  H  N N 54  
ASP HD2  H  N N 55  
ASP HXT  H  N N 56  
CYS N    N  N N 57  
CYS CA   C  N R 58  
CYS C    C  N N 59  
CYS O    O  N N 60  
CYS CB   C  N N 61  
CYS SG   S  N N 62  
CYS OXT  O  N N 63  
CYS H    H  N N 64  
CYS H2   H  N N 65  
CYS HA   H  N N 66  
CYS HB2  H  N N 67  
CYS HB3  H  N N 68  
CYS HG   H  N N 69  
CYS HXT  H  N N 70  
FES FE1  FE N N 71  
FES FE2  FE N N 72  
FES S1   S  N N 73  
FES S2   S  N N 74  
GLN N    N  N N 75  
GLN CA   C  N S 76  
GLN C    C  N N 77  
GLN O    O  N N 78  
GLN CB   C  N N 79  
GLN CG   C  N N 80  
GLN CD   C  N N 81  
GLN OE1  O  N N 82  
GLN NE2  N  N N 83  
GLN OXT  O  N N 84  
GLN H    H  N N 85  
GLN H2   H  N N 86  
GLN HA   H  N N 87  
GLN HB2  H  N N 88  
GLN HB3  H  N N 89  
GLN HG2  H  N N 90  
GLN HG3  H  N N 91  
GLN HE21 H  N N 92  
GLN HE22 H  N N 93  
GLN HXT  H  N N 94  
GLU N    N  N N 95  
GLU CA   C  N S 96  
GLU C    C  N N 97  
GLU O    O  N N 98  
GLU CB   C  N N 99  
GLU CG   C  N N 100 
GLU CD   C  N N 101 
GLU OE1  O  N N 102 
GLU OE2  O  N N 103 
GLU OXT  O  N N 104 
GLU H    H  N N 105 
GLU H2   H  N N 106 
GLU HA   H  N N 107 
GLU HB2  H  N N 108 
GLU HB3  H  N N 109 
GLU HG2  H  N N 110 
GLU HG3  H  N N 111 
GLU HE2  H  N N 112 
GLU HXT  H  N N 113 
GLY N    N  N N 114 
GLY CA   C  N N 115 
GLY C    C  N N 116 
GLY O    O  N N 117 
GLY OXT  O  N N 118 
GLY H    H  N N 119 
GLY H2   H  N N 120 
GLY HA2  H  N N 121 
GLY HA3  H  N N 122 
GLY HXT  H  N N 123 
HIS N    N  N N 124 
HIS CA   C  N S 125 
HIS C    C  N N 126 
HIS O    O  N N 127 
HIS CB   C  N N 128 
HIS CG   C  Y N 129 
HIS ND1  N  Y N 130 
HIS CD2  C  Y N 131 
HIS CE1  C  Y N 132 
HIS NE2  N  Y N 133 
HIS OXT  O  N N 134 
HIS H    H  N N 135 
HIS H2   H  N N 136 
HIS HA   H  N N 137 
HIS HB2  H  N N 138 
HIS HB3  H  N N 139 
HIS HD1  H  N N 140 
HIS HD2  H  N N 141 
HIS HE1  H  N N 142 
HIS HE2  H  N N 143 
HIS HXT  H  N N 144 
HOH O    O  N N 145 
HOH H1   H  N N 146 
HOH H2   H  N N 147 
ILE N    N  N N 148 
ILE CA   C  N S 149 
ILE C    C  N N 150 
ILE O    O  N N 151 
ILE CB   C  N S 152 
ILE CG1  C  N N 153 
ILE CG2  C  N N 154 
ILE CD1  C  N N 155 
ILE OXT  O  N N 156 
ILE H    H  N N 157 
ILE H2   H  N N 158 
ILE HA   H  N N 159 
ILE HB   H  N N 160 
ILE HG12 H  N N 161 
ILE HG13 H  N N 162 
ILE HG21 H  N N 163 
ILE HG22 H  N N 164 
ILE HG23 H  N N 165 
ILE HD11 H  N N 166 
ILE HD12 H  N N 167 
ILE HD13 H  N N 168 
ILE HXT  H  N N 169 
LEU N    N  N N 170 
LEU CA   C  N S 171 
LEU C    C  N N 172 
LEU O    O  N N 173 
LEU CB   C  N N 174 
LEU CG   C  N N 175 
LEU CD1  C  N N 176 
LEU CD2  C  N N 177 
LEU OXT  O  N N 178 
LEU H    H  N N 179 
LEU H2   H  N N 180 
LEU HA   H  N N 181 
LEU HB2  H  N N 182 
LEU HB3  H  N N 183 
LEU HG   H  N N 184 
LEU HD11 H  N N 185 
LEU HD12 H  N N 186 
LEU HD13 H  N N 187 
LEU HD21 H  N N 188 
LEU HD22 H  N N 189 
LEU HD23 H  N N 190 
LEU HXT  H  N N 191 
LYS N    N  N N 192 
LYS CA   C  N S 193 
LYS C    C  N N 194 
LYS O    O  N N 195 
LYS CB   C  N N 196 
LYS CG   C  N N 197 
LYS CD   C  N N 198 
LYS CE   C  N N 199 
LYS NZ   N  N N 200 
LYS OXT  O  N N 201 
LYS H    H  N N 202 
LYS H2   H  N N 203 
LYS HA   H  N N 204 
LYS HB2  H  N N 205 
LYS HB3  H  N N 206 
LYS HG2  H  N N 207 
LYS HG3  H  N N 208 
LYS HD2  H  N N 209 
LYS HD3  H  N N 210 
LYS HE2  H  N N 211 
LYS HE3  H  N N 212 
LYS HZ1  H  N N 213 
LYS HZ2  H  N N 214 
LYS HZ3  H  N N 215 
LYS HXT  H  N N 216 
MET N    N  N N 217 
MET CA   C  N S 218 
MET C    C  N N 219 
MET O    O  N N 220 
MET CB   C  N N 221 
MET CG   C  N N 222 
MET SD   S  N N 223 
MET CE   C  N N 224 
MET OXT  O  N N 225 
MET H    H  N N 226 
MET H2   H  N N 227 
MET HA   H  N N 228 
MET HB2  H  N N 229 
MET HB3  H  N N 230 
MET HG2  H  N N 231 
MET HG3  H  N N 232 
MET HE1  H  N N 233 
MET HE2  H  N N 234 
MET HE3  H  N N 235 
MET HXT  H  N N 236 
PHE N    N  N N 237 
PHE CA   C  N S 238 
PHE C    C  N N 239 
PHE O    O  N N 240 
PHE CB   C  N N 241 
PHE CG   C  Y N 242 
PHE CD1  C  Y N 243 
PHE CD2  C  Y N 244 
PHE CE1  C  Y N 245 
PHE CE2  C  Y N 246 
PHE CZ   C  Y N 247 
PHE OXT  O  N N 248 
PHE H    H  N N 249 
PHE H2   H  N N 250 
PHE HA   H  N N 251 
PHE HB2  H  N N 252 
PHE HB3  H  N N 253 
PHE HD1  H  N N 254 
PHE HD2  H  N N 255 
PHE HE1  H  N N 256 
PHE HE2  H  N N 257 
PHE HZ   H  N N 258 
PHE HXT  H  N N 259 
PRO N    N  N N 260 
PRO CA   C  N S 261 
PRO C    C  N N 262 
PRO O    O  N N 263 
PRO CB   C  N N 264 
PRO CG   C  N N 265 
PRO CD   C  N N 266 
PRO OXT  O  N N 267 
PRO H    H  N N 268 
PRO HA   H  N N 269 
PRO HB2  H  N N 270 
PRO HB3  H  N N 271 
PRO HG2  H  N N 272 
PRO HG3  H  N N 273 
PRO HD2  H  N N 274 
PRO HD3  H  N N 275 
PRO HXT  H  N N 276 
SER N    N  N N 277 
SER CA   C  N S 278 
SER C    C  N N 279 
SER O    O  N N 280 
SER CB   C  N N 281 
SER OG   O  N N 282 
SER OXT  O  N N 283 
SER H    H  N N 284 
SER H2   H  N N 285 
SER HA   H  N N 286 
SER HB2  H  N N 287 
SER HB3  H  N N 288 
SER HG   H  N N 289 
SER HXT  H  N N 290 
THR N    N  N N 291 
THR CA   C  N S 292 
THR C    C  N N 293 
THR O    O  N N 294 
THR CB   C  N R 295 
THR OG1  O  N N 296 
THR CG2  C  N N 297 
THR OXT  O  N N 298 
THR H    H  N N 299 
THR H2   H  N N 300 
THR HA   H  N N 301 
THR HB   H  N N 302 
THR HG1  H  N N 303 
THR HG21 H  N N 304 
THR HG22 H  N N 305 
THR HG23 H  N N 306 
THR HXT  H  N N 307 
TYR N    N  N N 308 
TYR CA   C  N S 309 
TYR C    C  N N 310 
TYR O    O  N N 311 
TYR CB   C  N N 312 
TYR CG   C  Y N 313 
TYR CD1  C  Y N 314 
TYR CD2  C  Y N 315 
TYR CE1  C  Y N 316 
TYR CE2  C  Y N 317 
TYR CZ   C  Y N 318 
TYR OH   O  N N 319 
TYR OXT  O  N N 320 
TYR H    H  N N 321 
TYR H2   H  N N 322 
TYR HA   H  N N 323 
TYR HB2  H  N N 324 
TYR HB3  H  N N 325 
TYR HD1  H  N N 326 
TYR HD2  H  N N 327 
TYR HE1  H  N N 328 
TYR HE2  H  N N 329 
TYR HH   H  N N 330 
TYR HXT  H  N N 331 
VAL N    N  N N 332 
VAL CA   C  N S 333 
VAL C    C  N N 334 
VAL O    O  N N 335 
VAL CB   C  N N 336 
VAL CG1  C  N N 337 
VAL CG2  C  N N 338 
VAL OXT  O  N N 339 
VAL H    H  N N 340 
VAL H2   H  N N 341 
VAL HA   H  N N 342 
VAL HB   H  N N 343 
VAL HG11 H  N N 344 
VAL HG12 H  N N 345 
VAL HG13 H  N N 346 
VAL HG21 H  N N 347 
VAL HG22 H  N N 348 
VAL HG23 H  N N 349 
VAL HXT  H  N N 350 
# 
loop_
_chem_comp_bond.comp_id 
_chem_comp_bond.atom_id_1 
_chem_comp_bond.atom_id_2 
_chem_comp_bond.value_order 
_chem_comp_bond.pdbx_aromatic_flag 
_chem_comp_bond.pdbx_stereo_config 
_chem_comp_bond.pdbx_ordinal 
ALA N   CA   sing N N 1   
ALA N   H    sing N N 2   
ALA N   H2   sing N N 3   
ALA CA  C    sing N N 4   
ALA CA  CB   sing N N 5   
ALA CA  HA   sing N N 6   
ALA C   O    doub N N 7   
ALA C   OXT  sing N N 8   
ALA CB  HB1  sing N N 9   
ALA CB  HB2  sing N N 10  
ALA CB  HB3  sing N N 11  
ALA OXT HXT  sing N N 12  
ARG N   CA   sing N N 13  
ARG N   H    sing N N 14  
ARG N   H2   sing N N 15  
ARG CA  C    sing N N 16  
ARG CA  CB   sing N N 17  
ARG CA  HA   sing N N 18  
ARG C   O    doub N N 19  
ARG C   OXT  sing N N 20  
ARG CB  CG   sing N N 21  
ARG CB  HB2  sing N N 22  
ARG CB  HB3  sing N N 23  
ARG CG  CD   sing N N 24  
ARG CG  HG2  sing N N 25  
ARG CG  HG3  sing N N 26  
ARG CD  NE   sing N N 27  
ARG CD  HD2  sing N N 28  
ARG CD  HD3  sing N N 29  
ARG NE  CZ   sing N N 30  
ARG NE  HE   sing N N 31  
ARG CZ  NH1  sing N N 32  
ARG CZ  NH2  doub N N 33  
ARG NH1 HH11 sing N N 34  
ARG NH1 HH12 sing N N 35  
ARG NH2 HH21 sing N N 36  
ARG NH2 HH22 sing N N 37  
ARG OXT HXT  sing N N 38  
ASP N   CA   sing N N 39  
ASP N   H    sing N N 40  
ASP N   H2   sing N N 41  
ASP CA  C    sing N N 42  
ASP CA  CB   sing N N 43  
ASP CA  HA   sing N N 44  
ASP C   O    doub N N 45  
ASP C   OXT  sing N N 46  
ASP CB  CG   sing N N 47  
ASP CB  HB2  sing N N 48  
ASP CB  HB3  sing N N 49  
ASP CG  OD1  doub N N 50  
ASP CG  OD2  sing N N 51  
ASP OD2 HD2  sing N N 52  
ASP OXT HXT  sing N N 53  
CYS N   CA   sing N N 54  
CYS N   H    sing N N 55  
CYS N   H2   sing N N 56  
CYS CA  C    sing N N 57  
CYS CA  CB   sing N N 58  
CYS CA  HA   sing N N 59  
CYS C   O    doub N N 60  
CYS C   OXT  sing N N 61  
CYS CB  SG   sing N N 62  
CYS CB  HB2  sing N N 63  
CYS CB  HB3  sing N N 64  
CYS SG  HG   sing N N 65  
CYS OXT HXT  sing N N 66  
FES FE1 S1   sing N N 67  
FES FE1 S2   sing N N 68  
FES FE2 S1   sing N N 69  
FES FE2 S2   sing N N 70  
GLN N   CA   sing N N 71  
GLN N   H    sing N N 72  
GLN N   H2   sing N N 73  
GLN CA  C    sing N N 74  
GLN CA  CB   sing N N 75  
GLN CA  HA   sing N N 76  
GLN C   O    doub N N 77  
GLN C   OXT  sing N N 78  
GLN CB  CG   sing N N 79  
GLN CB  HB2  sing N N 80  
GLN CB  HB3  sing N N 81  
GLN CG  CD   sing N N 82  
GLN CG  HG2  sing N N 83  
GLN CG  HG3  sing N N 84  
GLN CD  OE1  doub N N 85  
GLN CD  NE2  sing N N 86  
GLN NE2 HE21 sing N N 87  
GLN NE2 HE22 sing N N 88  
GLN OXT HXT  sing N N 89  
GLU N   CA   sing N N 90  
GLU N   H    sing N N 91  
GLU N   H2   sing N N 92  
GLU CA  C    sing N N 93  
GLU CA  CB   sing N N 94  
GLU CA  HA   sing N N 95  
GLU C   O    doub N N 96  
GLU C   OXT  sing N N 97  
GLU CB  CG   sing N N 98  
GLU CB  HB2  sing N N 99  
GLU CB  HB3  sing N N 100 
GLU CG  CD   sing N N 101 
GLU CG  HG2  sing N N 102 
GLU CG  HG3  sing N N 103 
GLU CD  OE1  doub N N 104 
GLU CD  OE2  sing N N 105 
GLU OE2 HE2  sing N N 106 
GLU OXT HXT  sing N N 107 
GLY N   CA   sing N N 108 
GLY N   H    sing N N 109 
GLY N   H2   sing N N 110 
GLY CA  C    sing N N 111 
GLY CA  HA2  sing N N 112 
GLY CA  HA3  sing N N 113 
GLY C   O    doub N N 114 
GLY C   OXT  sing N N 115 
GLY OXT HXT  sing N N 116 
HIS N   CA   sing N N 117 
HIS N   H    sing N N 118 
HIS N   H2   sing N N 119 
HIS CA  C    sing N N 120 
HIS CA  CB   sing N N 121 
HIS CA  HA   sing N N 122 
HIS C   O    doub N N 123 
HIS C   OXT  sing N N 124 
HIS CB  CG   sing N N 125 
HIS CB  HB2  sing N N 126 
HIS CB  HB3  sing N N 127 
HIS CG  ND1  sing Y N 128 
HIS CG  CD2  doub Y N 129 
HIS ND1 CE1  doub Y N 130 
HIS ND1 HD1  sing N N 131 
HIS CD2 NE2  sing Y N 132 
HIS CD2 HD2  sing N N 133 
HIS CE1 NE2  sing Y N 134 
HIS CE1 HE1  sing N N 135 
HIS NE2 HE2  sing N N 136 
HIS OXT HXT  sing N N 137 
HOH O   H1   sing N N 138 
HOH O   H2   sing N N 139 
ILE N   CA   sing N N 140 
ILE N   H    sing N N 141 
ILE N   H2   sing N N 142 
ILE CA  C    sing N N 143 
ILE CA  CB   sing N N 144 
ILE CA  HA   sing N N 145 
ILE C   O    doub N N 146 
ILE C   OXT  sing N N 147 
ILE CB  CG1  sing N N 148 
ILE CB  CG2  sing N N 149 
ILE CB  HB   sing N N 150 
ILE CG1 CD1  sing N N 151 
ILE CG1 HG12 sing N N 152 
ILE CG1 HG13 sing N N 153 
ILE CG2 HG21 sing N N 154 
ILE CG2 HG22 sing N N 155 
ILE CG2 HG23 sing N N 156 
ILE CD1 HD11 sing N N 157 
ILE CD1 HD12 sing N N 158 
ILE CD1 HD13 sing N N 159 
ILE OXT HXT  sing N N 160 
LEU N   CA   sing N N 161 
LEU N   H    sing N N 162 
LEU N   H2   sing N N 163 
LEU CA  C    sing N N 164 
LEU CA  CB   sing N N 165 
LEU CA  HA   sing N N 166 
LEU C   O    doub N N 167 
LEU C   OXT  sing N N 168 
LEU CB  CG   sing N N 169 
LEU CB  HB2  sing N N 170 
LEU CB  HB3  sing N N 171 
LEU CG  CD1  sing N N 172 
LEU CG  CD2  sing N N 173 
LEU CG  HG   sing N N 174 
LEU CD1 HD11 sing N N 175 
LEU CD1 HD12 sing N N 176 
LEU CD1 HD13 sing N N 177 
LEU CD2 HD21 sing N N 178 
LEU CD2 HD22 sing N N 179 
LEU CD2 HD23 sing N N 180 
LEU OXT HXT  sing N N 181 
LYS N   CA   sing N N 182 
LYS N   H    sing N N 183 
LYS N   H2   sing N N 184 
LYS CA  C    sing N N 185 
LYS CA  CB   sing N N 186 
LYS CA  HA   sing N N 187 
LYS C   O    doub N N 188 
LYS C   OXT  sing N N 189 
LYS CB  CG   sing N N 190 
LYS CB  HB2  sing N N 191 
LYS CB  HB3  sing N N 192 
LYS CG  CD   sing N N 193 
LYS CG  HG2  sing N N 194 
LYS CG  HG3  sing N N 195 
LYS CD  CE   sing N N 196 
LYS CD  HD2  sing N N 197 
LYS CD  HD3  sing N N 198 
LYS CE  NZ   sing N N 199 
LYS CE  HE2  sing N N 200 
LYS CE  HE3  sing N N 201 
LYS NZ  HZ1  sing N N 202 
LYS NZ  HZ2  sing N N 203 
LYS NZ  HZ3  sing N N 204 
LYS OXT HXT  sing N N 205 
MET N   CA   sing N N 206 
MET N   H    sing N N 207 
MET N   H2   sing N N 208 
MET CA  C    sing N N 209 
MET CA  CB   sing N N 210 
MET CA  HA   sing N N 211 
MET C   O    doub N N 212 
MET C   OXT  sing N N 213 
MET CB  CG   sing N N 214 
MET CB  HB2  sing N N 215 
MET CB  HB3  sing N N 216 
MET CG  SD   sing N N 217 
MET CG  HG2  sing N N 218 
MET CG  HG3  sing N N 219 
MET SD  CE   sing N N 220 
MET CE  HE1  sing N N 221 
MET CE  HE2  sing N N 222 
MET CE  HE3  sing N N 223 
MET OXT HXT  sing N N 224 
PHE N   CA   sing N N 225 
PHE N   H    sing N N 226 
PHE N   H2   sing N N 227 
PHE CA  C    sing N N 228 
PHE CA  CB   sing N N 229 
PHE CA  HA   sing N N 230 
PHE C   O    doub N N 231 
PHE C   OXT  sing N N 232 
PHE CB  CG   sing N N 233 
PHE CB  HB2  sing N N 234 
PHE CB  HB3  sing N N 235 
PHE CG  CD1  doub Y N 236 
PHE CG  CD2  sing Y N 237 
PHE CD1 CE1  sing Y N 238 
PHE CD1 HD1  sing N N 239 
PHE CD2 CE2  doub Y N 240 
PHE CD2 HD2  sing N N 241 
PHE CE1 CZ   doub Y N 242 
PHE CE1 HE1  sing N N 243 
PHE CE2 CZ   sing Y N 244 
PHE CE2 HE2  sing N N 245 
PHE CZ  HZ   sing N N 246 
PHE OXT HXT  sing N N 247 
PRO N   CA   sing N N 248 
PRO N   CD   sing N N 249 
PRO N   H    sing N N 250 
PRO CA  C    sing N N 251 
PRO CA  CB   sing N N 252 
PRO CA  HA   sing N N 253 
PRO C   O    doub N N 254 
PRO C   OXT  sing N N 255 
PRO CB  CG   sing N N 256 
PRO CB  HB2  sing N N 257 
PRO CB  HB3  sing N N 258 
PRO CG  CD   sing N N 259 
PRO CG  HG2  sing N N 260 
PRO CG  HG3  sing N N 261 
PRO CD  HD2  sing N N 262 
PRO CD  HD3  sing N N 263 
PRO OXT HXT  sing N N 264 
SER N   CA   sing N N 265 
SER N   H    sing N N 266 
SER N   H2   sing N N 267 
SER CA  C    sing N N 268 
SER CA  CB   sing N N 269 
SER CA  HA   sing N N 270 
SER C   O    doub N N 271 
SER C   OXT  sing N N 272 
SER CB  OG   sing N N 273 
SER CB  HB2  sing N N 274 
SER CB  HB3  sing N N 275 
SER OG  HG   sing N N 276 
SER OXT HXT  sing N N 277 
THR N   CA   sing N N 278 
THR N   H    sing N N 279 
THR N   H2   sing N N 280 
THR CA  C    sing N N 281 
THR CA  CB   sing N N 282 
THR CA  HA   sing N N 283 
THR C   O    doub N N 284 
THR C   OXT  sing N N 285 
THR CB  OG1  sing N N 286 
THR CB  CG2  sing N N 287 
THR CB  HB   sing N N 288 
THR OG1 HG1  sing N N 289 
THR CG2 HG21 sing N N 290 
THR CG2 HG22 sing N N 291 
THR CG2 HG23 sing N N 292 
THR OXT HXT  sing N N 293 
TYR N   CA   sing N N 294 
TYR N   H    sing N N 295 
TYR N   H2   sing N N 296 
TYR CA  C    sing N N 297 
TYR CA  CB   sing N N 298 
TYR CA  HA   sing N N 299 
TYR C   O    doub N N 300 
TYR C   OXT  sing N N 301 
TYR CB  CG   sing N N 302 
TYR CB  HB2  sing N N 303 
TYR CB  HB3  sing N N 304 
TYR CG  CD1  doub Y N 305 
TYR CG  CD2  sing Y N 306 
TYR CD1 CE1  sing Y N 307 
TYR CD1 HD1  sing N N 308 
TYR CD2 CE2  doub Y N 309 
TYR CD2 HD2  sing N N 310 
TYR CE1 CZ   doub Y N 311 
TYR CE1 HE1  sing N N 312 
TYR CE2 CZ   sing Y N 313 
TYR CE2 HE2  sing N N 314 
TYR CZ  OH   sing N N 315 
TYR OH  HH   sing N N 316 
TYR OXT HXT  sing N N 317 
VAL N   CA   sing N N 318 
VAL N   H    sing N N 319 
VAL N   H2   sing N N 320 
VAL CA  C    sing N N 321 
VAL CA  CB   sing N N 322 
VAL CA  HA   sing N N 323 
VAL C   O    doub N N 324 
VAL C   OXT  sing N N 325 
VAL CB  CG1  sing N N 326 
VAL CB  CG2  sing N N 327 
VAL CB  HB   sing N N 328 
VAL CG1 HG11 sing N N 329 
VAL CG1 HG12 sing N N 330 
VAL CG1 HG13 sing N N 331 
VAL CG2 HG21 sing N N 332 
VAL CG2 HG22 sing N N 333 
VAL CG2 HG23 sing N N 334 
VAL OXT HXT  sing N N 335 
# 
_pdbx_initial_refinement_model.id               1 
_pdbx_initial_refinement_model.entity_id_list   ? 
_pdbx_initial_refinement_model.type             'experimental model' 
_pdbx_initial_refinement_model.source_name      PDB 
_pdbx_initial_refinement_model.accession_code   4N58 
_pdbx_initial_refinement_model.details          ? 
# 
_atom_sites.entry_id                    4ZHP 
_atom_sites.fract_transf_matrix[1][1]   -0.00561557 
_atom_sites.fract_transf_matrix[1][2]   -0.00985601 
_atom_sites.fract_transf_matrix[1][3]   -0.01615402 
_atom_sites.fract_transf_matrix[2][1]   0.01037850 
_atom_sites.fract_transf_matrix[2][2]   0.00590495 
_atom_sites.fract_transf_matrix[2][3]   -0.00721062 
_atom_sites.fract_transf_matrix[3][1]   0.00762157 
_atom_sites.fract_transf_matrix[3][2]   -0.00953042 
_atom_sites.fract_transf_matrix[3][3]   0.00316531 
_atom_sites.fract_transf_vector[1]      1.147600 
_atom_sites.fract_transf_vector[2]      0.284695 
_atom_sites.fract_transf_vector[3]      1.194717 
# 
loop_
_atom_type.symbol 
C  
FE 
N  
O  
S  
# 
loop_
_atom_site.group_PDB 
_atom_site.id 
_atom_site.type_symbol 
_atom_site.label_atom_id 
_atom_site.label_alt_id 
_atom_site.label_comp_id 
_atom_site.label_asym_id 
_atom_site.label_entity_id 
_atom_site.label_seq_id 
_atom_site.pdbx_PDB_ins_code 
_atom_site.Cartn_x 
_atom_site.Cartn_y 
_atom_site.Cartn_z 
_atom_site.occupancy 
_atom_site.B_iso_or_equiv 
_atom_site.pdbx_formal_charge 
_atom_site.auth_seq_id 
_atom_site.auth_comp_id 
_atom_site.auth_asym_id 
_atom_site.auth_atom_id 
_atom_site.pdbx_PDB_model_num 
ATOM   1   N  N   . ALA A 1 2  ? -8.278  15.632  -0.486  1.00 51.74  ? 2   ALA A N   1 
ATOM   2   C  CA  . ALA A 1 2  ? -7.920  15.441  -1.921  1.00 49.54  ? 2   ALA A CA  1 
ATOM   3   C  C   . ALA A 1 2  ? -6.457  15.094  -2.206  1.00 46.72  ? 2   ALA A C   1 
ATOM   4   O  O   . ALA A 1 2  ? -6.196  14.408  -3.153  1.00 50.84  ? 2   ALA A O   1 
ATOM   5   C  CB  . ALA A 1 2  ? -8.397  16.576  -2.775  1.00 51.10  ? 2   ALA A CB  1 
ATOM   6   N  N   . SER A 1 3  ? -5.529  15.507  -1.374  1.00 45.99  ? 3   SER A N   1 
ATOM   7   C  CA  . SER A 1 3  ? -4.160  14.934  -1.344  1.00 45.22  ? 3   SER A CA  1 
ATOM   8   C  C   . SER A 1 3  ? -3.846  14.513  0.045   1.00 44.74  ? 3   SER A C   1 
ATOM   9   O  O   . SER A 1 3  ? -4.011  15.296  0.940   1.00 47.39  ? 3   SER A O   1 
ATOM   10  C  CB  . SER A 1 3  ? -3.127  15.986  -1.647  1.00 46.39  ? 3   SER A CB  1 
ATOM   11  O  OG  . SER A 1 3  ? -2.995  16.078  -3.020  1.00 53.21  ? 3   SER A OG  1 
ATOM   12  N  N   . TYR A 1 4  ? -3.266  13.350  0.234   1.00 41.31  ? 4   TYR A N   1 
ATOM   13  C  CA  . TYR A 1 4  ? -3.007  12.902  1.573   1.00 39.28  ? 4   TYR A CA  1 
ATOM   14  C  C   . TYR A 1 4  ? -1.545  12.575  1.794   1.00 41.04  ? 4   TYR A C   1 
ATOM   15  O  O   . TYR A 1 4  ? -0.820  12.162  0.880   1.00 38.80  ? 4   TYR A O   1 
ATOM   16  C  CB  . TYR A 1 4  ? -3.874  11.673  1.888   1.00 39.74  ? 4   TYR A CB  1 
ATOM   17  C  CG  . TYR A 1 4  ? -5.354  11.949  1.851   1.00 41.55  ? 4   TYR A CG  1 
ATOM   18  C  CD1 . TYR A 1 4  ? -5.948  12.750  2.848   1.00 43.65  ? 4   TYR A CD1 1 
ATOM   19  C  CD2 . TYR A 1 4  ? -6.176  11.442  0.833   1.00 40.73  ? 4   TYR A CD2 1 
ATOM   20  C  CE1 . TYR A 1 4  ? -7.298  12.998  2.831   1.00 43.24  ? 4   TYR A CE1 1 
ATOM   21  C  CE2 . TYR A 1 4  ? -7.539  11.684  0.830   1.00 39.32  ? 4   TYR A CE2 1 
ATOM   22  C  CZ  . TYR A 1 4  ? -8.086  12.461  1.833   1.00 41.81  ? 4   TYR A CZ  1 
ATOM   23  O  OH  . TYR A 1 4  ? -9.427  12.782  1.872   1.00 46.89  ? 4   TYR A OH  1 
ATOM   24  N  N   . LYS A 1 5  ? -1.131  12.741  3.042   1.00 45.54  ? 5   LYS A N   1 
ATOM   25  C  CA  . LYS A 1 5  ? 0.214   12.432  3.444   1.00 50.04  ? 5   LYS A CA  1 
ATOM   26  C  C   . LYS A 1 5  ? 0.331   10.934  3.559   1.00 45.45  ? 5   LYS A C   1 
ATOM   27  O  O   . LYS A 1 5  ? -0.456  10.313  4.261   1.00 42.25  ? 5   LYS A O   1 
ATOM   28  C  CB  . LYS A 1 5  ? 0.520   13.063  4.782   1.00 56.66  ? 5   LYS A CB  1 
ATOM   29  C  CG  . LYS A 1 5  ? 2.004   12.989  5.116   1.00 74.67  ? 5   LYS A CG  1 
ATOM   30  C  CD  . LYS A 1 5  ? 2.273   13.034  6.624   1.00 87.58  ? 5   LYS A CD  1 
ATOM   31  C  CE  . LYS A 1 5  ? 3.275   14.121  6.976   1.00 97.97  ? 5   LYS A CE  1 
ATOM   32  N  NZ  . LYS A 1 5  ? 2.749   15.502  6.786   1.00 106.74 ? 5   LYS A NZ  1 
ATOM   33  N  N   . VAL A 1 6  ? 1.285   10.357  2.837   1.00 41.89  ? 6   VAL A N   1 
ATOM   34  C  CA  . VAL A 1 6  ? 1.556   8.937   2.937   1.00 40.92  ? 6   VAL A CA  1 
ATOM   35  C  C   . VAL A 1 6  ? 2.968   8.755   3.498   1.00 41.68  ? 6   VAL A C   1 
ATOM   36  O  O   . VAL A 1 6  ? 3.922   9.326   2.995   1.00 45.02  ? 6   VAL A O   1 
ATOM   37  C  CB  . VAL A 1 6  ? 1.480   8.246   1.558   1.00 39.35  ? 6   VAL A CB  1 
ATOM   38  C  CG1 . VAL A 1 6  ? 1.755   6.759   1.661   1.00 41.42  ? 6   VAL A CG1 1 
ATOM   39  C  CG2 . VAL A 1 6  ? 0.132   8.420   0.976   1.00 38.40  ? 6   VAL A CG2 1 
ATOM   40  N  N   . LYS A 1 7  ? 3.061   7.974   4.555   1.00 40.51  ? 7   LYS A N   1 
ATOM   41  C  CA  . LYS A 1 7  ? 4.288   7.632   5.194   1.00 43.92  ? 7   LYS A CA  1 
ATOM   42  C  C   . LYS A 1 7  ? 4.441   6.125   4.981   1.00 40.73  ? 7   LYS A C   1 
ATOM   43  O  O   . LYS A 1 7  ? 3.532   5.358   5.219   1.00 37.20  ? 7   LYS A O   1 
ATOM   44  C  CB  . LYS A 1 7  ? 4.159   7.951   6.664   1.00 51.08  ? 7   LYS A CB  1 
ATOM   45  C  CG  . LYS A 1 7  ? 5.358   8.647   7.248   1.00 65.35  ? 7   LYS A CG  1 
ATOM   46  C  CD  . LYS A 1 7  ? 5.533   8.320   8.716   1.00 73.74  ? 7   LYS A CD  1 
ATOM   47  C  CE  . LYS A 1 7  ? 6.784   8.964   9.278   1.00 83.41  ? 7   LYS A CE  1 
ATOM   48  N  NZ  . LYS A 1 7  ? 6.609   10.444  9.348   1.00 94.31  ? 7   LYS A NZ  1 
ATOM   49  N  N   . LEU A 1 8  ? 5.562   5.714   4.447   1.00 41.46  ? 8   LEU A N   1 
ATOM   50  C  CA  . LEU A 1 8  ? 5.775   4.318   4.112   1.00 43.07  ? 8   LEU A CA  1 
ATOM   51  C  C   . LEU A 1 8  ? 6.869   3.866   4.994   1.00 41.24  ? 8   LEU A C   1 
ATOM   52  O  O   . LEU A 1 8  ? 7.914   4.484   5.037   1.00 41.82  ? 8   LEU A O   1 
ATOM   53  C  CB  . LEU A 1 8  ? 6.237   4.197   2.665   1.00 43.62  ? 8   LEU A CB  1 
ATOM   54  C  CG  . LEU A 1 8  ? 5.173   4.444   1.573   1.00 43.52  ? 8   LEU A CG  1 
ATOM   55  C  CD1 . LEU A 1 8  ? 5.708   4.066   0.203   1.00 43.62  ? 8   LEU A CD1 1 
ATOM   56  C  CD2 . LEU A 1 8  ? 3.860   3.702   1.789   1.00 41.56  ? 8   LEU A CD2 1 
ATOM   57  N  N   . ILE A 1 9  ? 6.642   2.819   5.741   1.00 45.88  ? 9   ILE A N   1 
ATOM   58  C  CA  . ILE A 1 9  ? 7.662   2.363   6.685   1.00 46.74  ? 9   ILE A CA  1 
ATOM   59  C  C   . ILE A 1 9  ? 8.327   1.148   6.117   1.00 48.52  ? 9   ILE A C   1 
ATOM   60  O  O   . ILE A 1 9  ? 7.803   0.057   6.166   1.00 48.70  ? 9   ILE A O   1 
ATOM   61  C  CB  . ILE A 1 9  ? 7.069   2.160   8.081   1.00 51.84  ? 9   ILE A CB  1 
ATOM   62  C  CG1 . ILE A 1 9  ? 6.914   3.550   8.695   1.00 54.37  ? 9   ILE A CG1 1 
ATOM   63  C  CG2 . ILE A 1 9  ? 8.004   1.374   8.989   1.00 53.99  ? 9   ILE A CG2 1 
ATOM   64  C  CD1 . ILE A 1 9  ? 5.517   3.894   8.930   1.00 58.36  ? 9   ILE A CD1 1 
ATOM   65  N  N   . THR A 1 10 ? 9.485   1.407   5.528   1.00 53.17  ? 10  THR A N   1 
ATOM   66  C  CA  . THR A 1 10 ? 10.233  0.444   4.753   1.00 57.47  ? 10  THR A CA  1 
ATOM   67  C  C   . THR A 1 10 ? 11.211  -0.225  5.704   1.00 65.89  ? 10  THR A C   1 
ATOM   68  O  O   . THR A 1 10 ? 11.381  0.234   6.853   1.00 64.73  ? 10  THR A O   1 
ATOM   69  C  CB  . THR A 1 10 ? 11.031  1.139   3.598   1.00 58.74  ? 10  THR A CB  1 
ATOM   70  O  OG1 . THR A 1 10 ? 12.258  1.737   4.084   1.00 51.15  ? 10  THR A OG1 1 
ATOM   71  C  CG2 . THR A 1 10 ? 10.162  2.214   2.886   1.00 54.87  ? 10  THR A CG2 1 
ATOM   72  N  N   . PRO A 1 11 ? 11.894  -1.277  5.224   1.00 66.81  ? 11  PRO A N   1 
ATOM   73  C  CA  . PRO A 1 11 ? 12.939  -1.951  6.009   1.00 70.61  ? 11  PRO A CA  1 
ATOM   74  C  C   . PRO A 1 11 ? 14.080  -1.056  6.544   1.00 74.45  ? 11  PRO A C   1 
ATOM   75  O  O   . PRO A 1 11 ? 14.623  -1.324  7.615   1.00 74.47  ? 11  PRO A O   1 
ATOM   76  C  CB  . PRO A 1 11 ? 13.466  -3.004  5.024   1.00 69.59  ? 11  PRO A CB  1 
ATOM   77  C  CG  . PRO A 1 11 ? 12.253  -3.355  4.216   1.00 67.70  ? 11  PRO A CG  1 
ATOM   78  C  CD  . PRO A 1 11 ? 11.563  -2.032  4.006   1.00 65.71  ? 11  PRO A CD  1 
ATOM   79  N  N   . ASP A 1 12 ? 14.446  -0.006  5.822   1.00 78.94  ? 12  ASP A N   1 
ATOM   80  C  CA  . ASP A 1 12 ? 15.454  0.917   6.342   1.00 89.82  ? 12  ASP A CA  1 
ATOM   81  C  C   . ASP A 1 12 ? 14.855  2.306   6.589   1.00 83.96  ? 12  ASP A C   1 
ATOM   82  O  O   . ASP A 1 12 ? 15.463  3.339   6.292   1.00 81.76  ? 12  ASP A O   1 
ATOM   83  C  CB  . ASP A 1 12 ? 16.681  0.956   5.416   1.00 103.67 ? 12  ASP A CB  1 
ATOM   84  C  CG  . ASP A 1 12 ? 16.303  1.094   3.971   1.00 106.24 ? 12  ASP A CG  1 
ATOM   85  O  OD1 . ASP A 1 12 ? 15.136  1.475   3.717   1.00 108.88 ? 12  ASP A OD1 1 
ATOM   86  O  OD2 . ASP A 1 12 ? 17.156  0.807   3.104   1.00 112.76 ? 12  ASP A OD2 1 
ATOM   87  N  N   . GLY A 1 13 ? 13.640  2.311   7.132   1.00 77.63  ? 13  GLY A N   1 
ATOM   88  C  CA  . GLY A 1 13 ? 13.053  3.524   7.660   1.00 69.01  ? 13  GLY A CA  1 
ATOM   89  C  C   . GLY A 1 13 ? 12.000  4.227   6.832   1.00 60.02  ? 13  GLY A C   1 
ATOM   90  O  O   . GLY A 1 13 ? 11.642  3.798   5.742   1.00 52.97  ? 13  GLY A O   1 
ATOM   91  N  N   . PRO A 1 14 ? 11.504  5.332   7.376   1.00 56.13  ? 14  PRO A N   1 
ATOM   92  C  CA  . PRO A 1 14 ? 10.331  6.034   6.872   1.00 53.29  ? 14  PRO A CA  1 
ATOM   93  C  C   . PRO A 1 14 ? 10.584  6.837   5.578   1.00 53.87  ? 14  PRO A C   1 
ATOM   94  O  O   . PRO A 1 14 ? 11.674  7.412   5.413   1.00 50.84  ? 14  PRO A O   1 
ATOM   95  C  CB  . PRO A 1 14 ? 9.969   6.990   8.040   1.00 50.98  ? 14  PRO A CB  1 
ATOM   96  C  CG  . PRO A 1 14 ? 11.242  7.216   8.802   1.00 52.19  ? 14  PRO A CG  1 
ATOM   97  C  CD  . PRO A 1 14 ? 12.065  5.967   8.598   1.00 56.37  ? 14  PRO A CD  1 
ATOM   98  N  N   . ILE A 1 15 ? 9.591   6.865   4.679   1.00 50.21  ? 15  ILE A N   1 
ATOM   99  C  CA  . ILE A 1 15 ? 9.542   7.890   3.644   1.00 52.89  ? 15  ILE A CA  1 
ATOM   100 C  C   . ILE A 1 15 ? 8.116   8.380   3.497   1.00 54.20  ? 15  ILE A C   1 
ATOM   101 O  O   . ILE A 1 15 ? 7.158   7.600   3.532   1.00 58.16  ? 15  ILE A O   1 
ATOM   102 C  CB  . ILE A 1 15 ? 10.137  7.455   2.276   1.00 54.79  ? 15  ILE A CB  1 
ATOM   103 C  CG1 . ILE A 1 15 ? 9.389   6.292   1.671   1.00 56.27  ? 15  ILE A CG1 1 
ATOM   104 C  CG2 . ILE A 1 15 ? 11.598  7.035   2.392   1.00 58.45  ? 15  ILE A CG2 1 
ATOM   105 C  CD1 . ILE A 1 15 ? 8.449   6.763   0.592   1.00 64.15  ? 15  ILE A CD1 1 
ATOM   106 N  N   . GLU A 1 16 ? 7.971   9.686   3.360   1.00 55.30  ? 16  GLU A N   1 
ATOM   107 C  CA  . GLU A 1 16 ? 6.676   10.249  3.100   1.00 58.25  ? 16  GLU A CA  1 
ATOM   108 C  C   . GLU A 1 16 ? 6.631   11.049  1.837   1.00 51.76  ? 16  GLU A C   1 
ATOM   109 O  O   . GLU A 1 16 ? 7.640   11.543  1.363   1.00 50.91  ? 16  GLU A O   1 
ATOM   110 C  CB  . GLU A 1 16 ? 6.178   11.103  4.255   1.00 64.99  ? 16  GLU A CB  1 
ATOM   111 C  CG  . GLU A 1 16 ? 7.210   11.906  5.001   1.00 74.33  ? 16  GLU A CG  1 
ATOM   112 C  CD  . GLU A 1 16 ? 6.550   12.745  6.091   1.00 89.55  ? 16  GLU A CD  1 
ATOM   113 O  OE1 . GLU A 1 16 ? 5.302   12.841  6.073   1.00 93.99  ? 16  GLU A OE1 1 
ATOM   114 O  OE2 . GLU A 1 16 ? 7.258   13.292  6.964   1.00 90.96  ? 16  GLU A OE2 1 
ATOM   115 N  N   . PHE A 1 17 ? 5.428   11.159  1.304   1.00 46.30  ? 17  PHE A N   1 
ATOM   116 C  CA  . PHE A 1 17 ? 5.124   12.039  0.175   1.00 46.76  ? 17  PHE A CA  1 
ATOM   117 C  C   . PHE A 1 17 ? 3.644   12.378  0.262   1.00 45.86  ? 17  PHE A C   1 
ATOM   118 O  O   . PHE A 1 17 ? 2.913   11.807  1.094   1.00 46.86  ? 17  PHE A O   1 
ATOM   119 C  CB  . PHE A 1 17 ? 5.464   11.369  -1.158  1.00 45.24  ? 17  PHE A CB  1 
ATOM   120 C  CG  . PHE A 1 17 ? 4.955   9.977   -1.282  1.00 46.92  ? 17  PHE A CG  1 
ATOM   121 C  CD1 . PHE A 1 17 ? 5.716   8.914   -0.859  1.00 53.41  ? 17  PHE A CD1 1 
ATOM   122 C  CD2 . PHE A 1 17 ? 3.712   9.732   -1.809  1.00 48.03  ? 17  PHE A CD2 1 
ATOM   123 C  CE1 . PHE A 1 17 ? 5.238   7.602   -0.964  1.00 54.18  ? 17  PHE A CE1 1 
ATOM   124 C  CE2 . PHE A 1 17 ? 3.230   8.452   -1.925  1.00 47.02  ? 17  PHE A CE2 1 
ATOM   125 C  CZ  . PHE A 1 17 ? 3.999   7.377   -1.506  1.00 49.37  ? 17  PHE A CZ  1 
ATOM   126 N  N   . GLU A 1 18 ? 3.213   13.325  -0.555  1.00 49.90  ? 18  GLU A N   1 
ATOM   127 C  CA  . GLU A 1 18 ? 1.794   13.614  -0.685  1.00 53.81  ? 18  GLU A CA  1 
ATOM   128 C  C   . GLU A 1 18 ? 1.281   12.917  -1.919  1.00 47.11  ? 18  GLU A C   1 
ATOM   129 O  O   . GLU A 1 18 ? 1.963   12.830  -2.895  1.00 49.58  ? 18  GLU A O   1 
ATOM   130 C  CB  . GLU A 1 18 ? 1.478   15.120  -0.640  1.00 61.09  ? 18  GLU A CB  1 
ATOM   131 C  CG  . GLU A 1 18 ? 1.454   15.654  0.820   1.00 74.51  ? 18  GLU A CG  1 
ATOM   132 C  CD  . GLU A 1 18 ? 0.103   16.273  1.276   1.00 90.64  ? 18  GLU A CD  1 
ATOM   133 O  OE1 . GLU A 1 18 ? -0.732  16.617  0.393   1.00 98.02  ? 18  GLU A OE1 1 
ATOM   134 O  OE2 . GLU A 1 18 ? -0.126  16.447  2.521   1.00 85.98  ? 18  GLU A OE2 1 
ATOM   135 N  N   . CYS A 1 19 ? 0.085   12.363  -1.811  1.00 47.91  ? 19  CYS A N   1 
ATOM   136 C  CA  . CYS A 1 19 ? -0.517  11.524  -2.828  1.00 44.53  ? 19  CYS A CA  1 
ATOM   137 C  C   . CYS A 1 19 ? -1.983  11.870  -3.060  1.00 44.64  ? 19  CYS A C   1 
ATOM   138 O  O   . CYS A 1 19 ? -2.834  11.749  -2.152  1.00 46.14  ? 19  CYS A O   1 
ATOM   139 C  CB  . CYS A 1 19 ? -0.397  10.052  -2.409  1.00 41.35  ? 19  CYS A CB  1 
ATOM   140 S  SG  . CYS A 1 19 ? -1.151  8.877   -3.540  1.00 39.96  ? 19  CYS A SG  1 
ATOM   141 N  N   . PRO A 1 20 ? -2.305  12.279  -4.287  1.00 47.23  ? 20  PRO A N   1 
ATOM   142 C  CA  . PRO A 1 20 ? -3.707  12.583  -4.609  1.00 48.11  ? 20  PRO A CA  1 
ATOM   143 C  C   . PRO A 1 20 ? -4.642  11.430  -4.286  1.00 44.47  ? 20  PRO A C   1 
ATOM   144 O  O   . PRO A 1 20 ? -4.237  10.268  -4.306  1.00 42.76  ? 20  PRO A O   1 
ATOM   145 C  CB  . PRO A 1 20 ? -3.676  12.873  -6.121  1.00 47.48  ? 20  PRO A CB  1 
ATOM   146 C  CG  . PRO A 1 20 ? -2.301  13.347  -6.373  1.00 45.83  ? 20  PRO A CG  1 
ATOM   147 C  CD  . PRO A 1 20 ? -1.420  12.564  -5.428  1.00 47.97  ? 20  PRO A CD  1 
ATOM   148 N  N   . ASP A 1 21 ? -5.884  11.768  -3.999  1.00 44.20  ? 21  ASP A N   1 
ATOM   149 C  CA  . ASP A 1 21 ? -6.866  10.769  -3.586  1.00 49.42  ? 21  ASP A CA  1 
ATOM   150 C  C   . ASP A 1 21 ? -7.308  9.864   -4.734  1.00 49.17  ? 21  ASP A C   1 
ATOM   151 O  O   . ASP A 1 21 ? -7.949  8.846   -4.495  1.00 47.56  ? 21  ASP A O   1 
ATOM   152 C  CB  . ASP A 1 21 ? -8.079  11.453  -2.966  1.00 53.12  ? 21  ASP A CB  1 
ATOM   153 C  CG  . ASP A 1 21 ? -8.724  12.515  -3.879  1.00 58.85  ? 21  ASP A CG  1 
ATOM   154 O  OD1 . ASP A 1 21 ? -8.258  12.840  -5.015  1.00 65.20  ? 21  ASP A OD1 1 
ATOM   155 O  OD2 . ASP A 1 21 ? -9.731  13.071  -3.413  1.00 67.52  ? 21  ASP A OD2 1 
ATOM   156 N  N   . ASP A 1 22 ? -6.975  10.262  -5.968  1.00 51.01  ? 22  ASP A N   1 
ATOM   157 C  CA  . ASP A 1 22 ? -7.269  9.474   -7.207  1.00 53.73  ? 22  ASP A CA  1 
ATOM   158 C  C   . ASP A 1 22 ? -5.999  8.884   -7.881  1.00 48.38  ? 22  ASP A C   1 
ATOM   159 O  O   . ASP A 1 22 ? -5.987  8.626   -9.048  1.00 50.84  ? 22  ASP A O   1 
ATOM   160 C  CB  . ASP A 1 22 ? -8.122  10.288  -8.222  1.00 50.46  ? 22  ASP A CB  1 
ATOM   161 C  CG  . ASP A 1 22 ? -7.437  11.620  -8.707  1.00 59.55  ? 22  ASP A CG  1 
ATOM   162 O  OD1 . ASP A 1 22 ? -6.278  11.943  -8.319  1.00 57.96  ? 22  ASP A OD1 1 
ATOM   163 O  OD2 . ASP A 1 22 ? -8.071  12.365  -9.509  1.00 67.17  ? 22  ASP A OD2 1 
ATOM   164 N  N   . VAL A 1 23 ? -4.938  8.656   -7.119  1.00 47.53  ? 23  VAL A N   1 
ATOM   165 C  CA  . VAL A 1 23 ? -3.728  8.072   -7.660  1.00 44.00  ? 23  VAL A CA  1 
ATOM   166 C  C   . VAL A 1 23 ? -3.375  6.961   -6.752  1.00 41.35  ? 23  VAL A C   1 
ATOM   167 O  O   . VAL A 1 23 ? -3.555  7.101   -5.568  1.00 39.10  ? 23  VAL A O   1 
ATOM   168 C  CB  . VAL A 1 23 ? -2.603  9.106   -7.693  1.00 46.70  ? 23  VAL A CB  1 
ATOM   169 C  CG1 . VAL A 1 23 ? -1.288  8.465   -8.106  1.00 43.52  ? 23  VAL A CG1 1 
ATOM   170 C  CG2 . VAL A 1 23 ? -3.017  10.237  -8.658  1.00 49.20  ? 23  VAL A CG2 1 
ATOM   171 N  N   . TYR A 1 24 ? -2.895  5.849   -7.307  1.00 38.15  ? 24  TYR A N   1 
ATOM   172 C  CA  . TYR A 1 24 ? -2.594  4.739   -6.500  1.00 34.58  ? 24  TYR A CA  1 
ATOM   173 C  C   . TYR A 1 24 ? -1.309  5.009   -5.788  1.00 34.67  ? 24  TYR A C   1 
ATOM   174 O  O   . TYR A 1 24 ? -0.361  5.606   -6.323  1.00 36.68  ? 24  TYR A O   1 
ATOM   175 C  CB  . TYR A 1 24 ? -2.394  3.484   -7.339  1.00 37.71  ? 24  TYR A CB  1 
ATOM   176 C  CG  . TYR A 1 24 ? -3.587  2.888   -7.987  1.00 36.08  ? 24  TYR A CG  1 
ATOM   177 C  CD1 . TYR A 1 24 ? -4.791  2.727   -7.302  1.00 37.58  ? 24  TYR A CD1 1 
ATOM   178 C  CD2 . TYR A 1 24 ? -3.495  2.386   -9.285  1.00 39.77  ? 24  TYR A CD2 1 
ATOM   179 C  CE1 . TYR A 1 24 ? -5.871  2.111   -7.898  1.00 37.77  ? 24  TYR A CE1 1 
ATOM   180 C  CE2 . TYR A 1 24 ? -4.587  1.772   -9.897  1.00 39.06  ? 24  TYR A CE2 1 
ATOM   181 C  CZ  . TYR A 1 24 ? -5.759  1.632   -9.194  1.00 40.18  ? 24  TYR A CZ  1 
ATOM   182 O  OH  . TYR A 1 24 ? -6.833  1.035   -9.812  1.00 40.63  ? 24  TYR A OH  1 
ATOM   183 N  N   . ILE A 1 25 ? -1.222  4.478   -4.594  1.00 33.94  ? 25  ILE A N   1 
ATOM   184 C  CA  . ILE A 1 25 ? -0.070  4.730   -3.757  1.00 36.38  ? 25  ILE A CA  1 
ATOM   185 C  C   . ILE A 1 25 ? 1.294   4.334   -4.383  1.00 40.79  ? 25  ILE A C   1 
ATOM   186 O  O   . ILE A 1 25 ? 2.317   4.992   -4.144  1.00 38.12  ? 25  ILE A O   1 
ATOM   187 C  CB  . ILE A 1 25 ? -0.305  4.056   -2.378  1.00 36.13  ? 25  ILE A CB  1 
ATOM   188 C  CG1 . ILE A 1 25 ? -1.249  4.966   -1.561  1.00 38.24  ? 25  ILE A CG1 1 
ATOM   189 C  CG2 . ILE A 1 25 ? 0.991   3.869   -1.603  1.00 36.44  ? 25  ILE A CG2 1 
ATOM   190 C  CD1 . ILE A 1 25 ? -1.760  4.403   -0.250  1.00 40.91  ? 25  ILE A CD1 1 
ATOM   191 N  N   . LEU A 1 26 ? 1.311   3.215   -5.108  1.00 42.93  ? 26  LEU A N   1 
ATOM   192 C  CA  . LEU A 1 26 ? 2.547   2.688   -5.672  1.00 40.59  ? 26  LEU A CA  1 
ATOM   193 C  C   . LEU A 1 26 ? 2.999   3.574   -6.865  1.00 41.19  ? 26  LEU A C   1 
ATOM   194 O  O   . LEU A 1 26 ? 4.190   3.889   -7.025  1.00 44.21  ? 26  LEU A O   1 
ATOM   195 C  CB  . LEU A 1 26 ? 2.363   1.215   -6.089  1.00 42.28  ? 26  LEU A CB  1 
ATOM   196 C  CG  . LEU A 1 26 ? 3.526   0.577   -6.859  1.00 49.28  ? 26  LEU A CG  1 
ATOM   197 C  CD1 . LEU A 1 26 ? 4.784   0.549   -6.000  1.00 50.74  ? 26  LEU A CD1 1 
ATOM   198 C  CD2 . LEU A 1 26 ? 3.164   -0.822  -7.314  1.00 54.85  ? 26  LEU A CD2 1 
ATOM   199 N  N   . ASP A 1 27 ? 2.037   3.992   -7.671  1.00 43.68  ? 27  ASP A N   1 
ATOM   200 C  CA  . ASP A 1 27 ? 2.281   4.952   -8.755  1.00 48.13  ? 27  ASP A CA  1 
ATOM   201 C  C   . ASP A 1 27 ? 2.906   6.204   -8.224  1.00 43.75  ? 27  ASP A C   1 
ATOM   202 O  O   . ASP A 1 27 ? 3.925   6.617   -8.699  1.00 44.96  ? 27  ASP A O   1 
ATOM   203 C  CB  . ASP A 1 27 ? 0.977   5.345   -9.484  1.00 56.55  ? 27  ASP A CB  1 
ATOM   204 C  CG  . ASP A 1 27 ? 0.453   4.238   -10.428 1.00 63.19  ? 27  ASP A CG  1 
ATOM   205 O  OD1 . ASP A 1 27 ? 1.119   3.187   -10.555 1.00 71.84  ? 27  ASP A OD1 1 
ATOM   206 O  OD2 . ASP A 1 27 ? -0.634  4.411   -11.033 1.00 65.80  ? 27  ASP A OD2 1 
ATOM   207 N  N   . GLN A 1 28 ? 2.293   6.803   -7.224  1.00 44.66  ? 28  GLN A N   1 
ATOM   208 C  CA  . GLN A 1 28 ? 2.812   8.042   -6.671  1.00 44.17  ? 28  GLN A CA  1 
ATOM   209 C  C   . GLN A 1 28 ? 4.187   7.830   -6.056  1.00 46.90  ? 28  GLN A C   1 
ATOM   210 O  O   . GLN A 1 28 ? 5.065   8.685   -6.201  1.00 50.18  ? 28  GLN A O   1 
ATOM   211 C  CB  . GLN A 1 28 ? 1.856   8.561   -5.613  1.00 47.73  ? 28  GLN A CB  1 
ATOM   212 C  CG  . GLN A 1 28 ? 2.032   10.020  -5.215  1.00 53.10  ? 28  GLN A CG  1 
ATOM   213 C  CD  . GLN A 1 28 ? 2.092   10.956  -6.414  1.00 52.64  ? 28  GLN A CD  1 
ATOM   214 O  OE1 . GLN A 1 28 ? 1.450   10.734  -7.429  1.00 59.64  ? 28  GLN A OE1 1 
ATOM   215 N  NE2 . GLN A 1 28 ? 2.926   11.951  -6.324  1.00 54.69  ? 28  GLN A NE2 1 
ATOM   216 N  N   . ALA A 1 29 ? 4.403   6.696   -5.383  1.00 44.22  ? 29  ALA A N   1 
ATOM   217 C  CA  . ALA A 1 29 ? 5.710   6.453   -4.755  1.00 47.27  ? 29  ALA A CA  1 
ATOM   218 C  C   . ALA A 1 29 ? 6.885   6.438   -5.796  1.00 49.32  ? 29  ALA A C   1 
ATOM   219 O  O   . ALA A 1 29 ? 8.022   6.903   -5.539  1.00 49.02  ? 29  ALA A O   1 
ATOM   220 C  CB  . ALA A 1 29 ? 5.670   5.162   -3.939  1.00 44.96  ? 29  ALA A CB  1 
ATOM   221 N  N   . GLU A 1 30 ? 6.573   5.894   -6.959  1.00 47.95  ? 30  GLU A N   1 
ATOM   222 C  CA  . GLU A 1 30 ? 7.469   5.853   -8.085  1.00 52.93  ? 30  GLU A CA  1 
ATOM   223 C  C   . GLU A 1 30 ? 7.689   7.199   -8.765  1.00 55.69  ? 30  GLU A C   1 
ATOM   224 O  O   . GLU A 1 30 ? 8.825   7.496   -9.111  1.00 56.67  ? 30  GLU A O   1 
ATOM   225 C  CB  . GLU A 1 30 ? 6.933   4.832   -9.064  1.00 58.26  ? 30  GLU A CB  1 
ATOM   226 C  CG  . GLU A 1 30 ? 7.081   3.403   -8.514  1.00 64.58  ? 30  GLU A CG  1 
ATOM   227 C  CD  . GLU A 1 30 ? 6.567   2.362   -9.494  1.00 69.58  ? 30  GLU A CD  1 
ATOM   228 O  OE1 . GLU A 1 30 ? 5.796   2.782   -10.414 1.00 72.41  ? 30  GLU A OE1 1 
ATOM   229 O  OE2 . GLU A 1 30 ? 6.922   1.152   -9.336  1.00 69.39  ? 30  GLU A OE2 1 
ATOM   230 N  N   . GLU A 1 31 ? 6.634   8.012   -8.928  1.00 57.64  ? 31  GLU A N   1 
ATOM   231 C  CA  . GLU A 1 31 ? 6.770   9.425   -9.362  1.00 63.12  ? 31  GLU A CA  1 
ATOM   232 C  C   . GLU A 1 31 ? 7.663   10.200  -8.438  1.00 61.16  ? 31  GLU A C   1 
ATOM   233 O  O   . GLU A 1 31 ? 8.297   11.136  -8.866  1.00 65.48  ? 31  GLU A O   1 
ATOM   234 C  CB  . GLU A 1 31 ? 5.436   10.183  -9.460  1.00 68.78  ? 31  GLU A CB  1 
ATOM   235 C  CG  . GLU A 1 31 ? 4.826   10.162  -10.868 1.00 86.90  ? 31  GLU A CG  1 
ATOM   236 C  CD  . GLU A 1 31 ? 4.126   11.467  -11.298 1.00 105.71 ? 31  GLU A CD  1 
ATOM   237 O  OE1 . GLU A 1 31 ? 4.384   12.543  -10.697 1.00 112.86 ? 31  GLU A OE1 1 
ATOM   238 O  OE2 . GLU A 1 31 ? 3.319   11.425  -12.267 1.00 118.76 ? 31  GLU A OE2 1 
ATOM   239 N  N   . GLU A 1 32 ? 7.720   9.795   -7.180  1.00 58.62  ? 32  GLU A N   1 
ATOM   240 C  CA  . GLU A 1 32 ? 8.583   10.408  -6.177  1.00 58.95  ? 32  GLU A CA  1 
ATOM   241 C  C   . GLU A 1 32 ? 9.996   9.802   -6.099  1.00 59.96  ? 32  GLU A C   1 
ATOM   242 O  O   . GLU A 1 32 ? 10.764  10.130  -5.206  1.00 59.01  ? 32  GLU A O   1 
ATOM   243 C  CB  . GLU A 1 32 ? 7.919   10.241  -4.819  1.00 62.58  ? 32  GLU A CB  1 
ATOM   244 C  CG  . GLU A 1 32 ? 7.790   11.537  -4.059  1.00 75.91  ? 32  GLU A CG  1 
ATOM   245 C  CD  . GLU A 1 32 ? 6.774   12.466  -4.680  1.00 76.00  ? 32  GLU A CD  1 
ATOM   246 O  OE1 . GLU A 1 32 ? 5.709   11.965  -5.112  1.00 77.43  ? 32  GLU A OE1 1 
ATOM   247 O  OE2 . GLU A 1 32 ? 7.063   13.684  -4.741  1.00 84.79  ? 32  GLU A OE2 1 
ATOM   248 N  N   . GLY A 1 33 ? 10.343  8.881   -6.991  1.00 62.01  ? 33  GLY A N   1 
ATOM   249 C  CA  . GLY A 1 33 ? 11.699  8.319   -6.974  1.00 62.09  ? 33  GLY A CA  1 
ATOM   250 C  C   . GLY A 1 33 ? 11.930  7.121   -6.068  1.00 61.55  ? 33  GLY A C   1 
ATOM   251 O  O   . GLY A 1 33 ? 13.066  6.656   -5.929  1.00 60.71  ? 33  GLY A O   1 
ATOM   252 N  N   . HIS A 1 34 ? 10.877  6.558   -5.485  1.00 58.68  ? 34  HIS A N   1 
ATOM   253 C  CA  . HIS A 1 34 ? 11.101  5.448   -4.571  1.00 57.31  ? 34  HIS A CA  1 
ATOM   254 C  C   . HIS A 1 34 ? 10.932  4.163   -5.317  1.00 58.33  ? 34  HIS A C   1 
ATOM   255 O  O   . HIS A 1 34 ? 10.185  4.099   -6.281  1.00 63.14  ? 34  HIS A O   1 
ATOM   256 C  CB  . HIS A 1 34 ? 10.165  5.525   -3.387  1.00 56.54  ? 34  HIS A CB  1 
ATOM   257 C  CG  . HIS A 1 34 ? 10.236  6.831   -2.666  1.00 58.45  ? 34  HIS A CG  1 
ATOM   258 N  ND1 . HIS A 1 34 ? 11.369  7.250   -1.999  1.00 61.85  ? 34  HIS A ND1 1 
ATOM   259 C  CD2 . HIS A 1 34 ? 9.322   7.821   -2.519  1.00 61.07  ? 34  HIS A CD2 1 
ATOM   260 C  CE1 . HIS A 1 34 ? 11.147  8.437   -1.461  1.00 60.58  ? 34  HIS A CE1 1 
ATOM   261 N  NE2 . HIS A 1 34 ? 9.914   8.808   -1.763  1.00 63.72  ? 34  HIS A NE2 1 
ATOM   262 N  N   . ASP A 1 35 ? 11.645  3.140   -4.874  1.00 65.02  ? 35  ASP A N   1 
ATOM   263 C  CA  . ASP A 1 35 ? 11.578  1.822   -5.507  1.00 69.14  ? 35  ASP A CA  1 
ATOM   264 C  C   . ASP A 1 35 ? 10.941  0.842   -4.539  1.00 63.86  ? 35  ASP A C   1 
ATOM   265 O  O   . ASP A 1 35 ? 11.543  0.466   -3.531  1.00 72.40  ? 35  ASP A O   1 
ATOM   266 C  CB  . ASP A 1 35 ? 12.980  1.340   -5.915  1.00 76.34  ? 35  ASP A CB  1 
ATOM   267 C  CG  . ASP A 1 35 ? 13.600  2.221   -6.997  1.00 93.70  ? 35  ASP A CG  1 
ATOM   268 O  OD1 . ASP A 1 35 ? 12.953  2.389   -8.069  1.00 103.92 ? 35  ASP A OD1 1 
ATOM   269 O  OD2 . ASP A 1 35 ? 14.722  2.756   -6.775  1.00 102.68 ? 35  ASP A OD2 1 
ATOM   270 N  N   . LEU A 1 36 ? 9.726   0.415   -4.854  1.00 58.53  ? 36  LEU A N   1 
ATOM   271 C  CA  . LEU A 1 36 ? 9.015   -0.540  -4.024  1.00 52.97  ? 36  LEU A CA  1 
ATOM   272 C  C   . LEU A 1 36 ? 8.746   -1.804  -4.785  1.00 52.65  ? 36  LEU A C   1 
ATOM   273 O  O   . LEU A 1 36 ? 8.657   -1.792  -6.028  1.00 50.98  ? 36  LEU A O   1 
ATOM   274 C  CB  . LEU A 1 36 ? 7.713   0.094   -3.597  1.00 50.67  ? 36  LEU A CB  1 
ATOM   275 C  CG  . LEU A 1 36 ? 7.999   1.386   -2.809  1.00 52.46  ? 36  LEU A CG  1 
ATOM   276 C  CD1 . LEU A 1 36 ? 6.704   2.136   -2.600  1.00 56.04  ? 36  LEU A CD1 1 
ATOM   277 C  CD2 . LEU A 1 36 ? 8.626   1.080   -1.460  1.00 54.29  ? 36  LEU A CD2 1 
ATOM   278 N  N   . PRO A 1 37 ? 8.562   -2.913  -4.053  1.00 54.54  ? 37  PRO A N   1 
ATOM   279 C  CA  . PRO A 1 37 ? 8.256   -4.161  -4.748  1.00 51.02  ? 37  PRO A CA  1 
ATOM   280 C  C   . PRO A 1 37 ? 6.865   -4.185  -5.404  1.00 49.22  ? 37  PRO A C   1 
ATOM   281 O  O   . PRO A 1 37 ? 5.871   -3.605  -4.898  1.00 44.17  ? 37  PRO A O   1 
ATOM   282 C  CB  . PRO A 1 37 ? 8.404   -5.217  -3.652  1.00 52.19  ? 37  PRO A CB  1 
ATOM   283 C  CG  . PRO A 1 37 ? 8.119   -4.511  -2.377  1.00 54.43  ? 37  PRO A CG  1 
ATOM   284 C  CD  . PRO A 1 37 ? 8.469   -3.054  -2.590  1.00 55.96  ? 37  PRO A CD  1 
ATOM   285 N  N   . TYR A 1 38 ? 6.826   -4.839  -6.557  1.00 50.48  ? 38  TYR A N   1 
ATOM   286 C  CA  . TYR A 1 38 ? 5.593   -5.053  -7.309  1.00 49.38  ? 38  TYR A CA  1 
ATOM   287 C  C   . TYR A 1 38 ? 5.795   -6.180  -8.324  1.00 52.06  ? 38  TYR A C   1 
ATOM   288 O  O   . TYR A 1 38 ? 6.935   -6.496  -8.652  1.00 48.24  ? 38  TYR A O   1 
ATOM   289 C  CB  . TYR A 1 38 ? 5.190   -3.771  -8.035  1.00 47.90  ? 38  TYR A CB  1 
ATOM   290 C  CG  . TYR A 1 38 ? 6.109   -3.309  -9.150  1.00 47.53  ? 38  TYR A CG  1 
ATOM   291 C  CD1 . TYR A 1 38 ? 5.941   -3.775  -10.477 1.00 54.20  ? 38  TYR A CD1 1 
ATOM   292 C  CD2 . TYR A 1 38 ? 7.109   -2.344  -8.903  1.00 51.16  ? 38  TYR A CD2 1 
ATOM   293 C  CE1 . TYR A 1 38 ? 6.785   -3.342  -11.513 1.00 54.49  ? 38  TYR A CE1 1 
ATOM   294 C  CE2 . TYR A 1 38 ? 7.956   -1.910  -9.923  1.00 53.66  ? 38  TYR A CE2 1 
ATOM   295 C  CZ  . TYR A 1 38 ? 7.791   -2.413  -11.217 1.00 58.08  ? 38  TYR A CZ  1 
ATOM   296 O  OH  . TYR A 1 38 ? 8.608   -1.958  -12.208 1.00 66.27  ? 38  TYR A OH  1 
ATOM   297 N  N   . SER A 1 39 ? 4.717   -6.771  -8.852  1.00 50.40  ? 39  SER A N   1 
ATOM   298 C  CA  . SER A 1 39 ? 4.888   -7.681  -9.989  1.00 49.01  ? 39  SER A CA  1 
ATOM   299 C  C   . SER A 1 39 ? 3.809   -7.498  -11.035 1.00 50.77  ? 39  SER A C   1 
ATOM   300 O  O   . SER A 1 39 ? 4.057   -6.911  -12.065 1.00 54.59  ? 39  SER A O   1 
ATOM   301 C  CB  . SER A 1 39 ? 4.941   -9.107  -9.532  1.00 47.55  ? 39  SER A CB  1 
ATOM   302 O  OG  . SER A 1 39 ? 5.297   -9.849  -10.668 1.00 53.57  ? 39  SER A OG  1 
ATOM   303 N  N   . CYS A 1 40 ? 2.589   -7.919  -10.741 1.00 48.99  ? 40  CYS A N   1 
ATOM   304 C  CA  . CYS A 1 40 ? 1.470   -7.785  -11.667 1.00 44.88  ? 40  CYS A CA  1 
ATOM   305 C  C   . CYS A 1 40 ? 0.943   -6.352  -11.820 1.00 45.46  ? 40  CYS A C   1 
ATOM   306 O  O   . CYS A 1 40 ? 0.305   -6.067  -12.809 1.00 49.02  ? 40  CYS A O   1 
ATOM   307 C  CB  . CYS A 1 40 ? 0.316   -8.736  -11.225 1.00 43.69  ? 40  CYS A CB  1 
ATOM   308 S  SG  . CYS A 1 40 ? -0.683  -8.233  -9.782  1.00 42.58  ? 40  CYS A SG  1 
ATOM   309 N  N   . ARG A 1 41 ? 1.142   -5.462  -10.843 1.00 45.08  ? 41  ARG A N   1 
ATOM   310 C  CA  . ARG A 1 41 ? 0.446   -4.131  -10.812 1.00 44.37  ? 41  ARG A CA  1 
ATOM   311 C  C   . ARG A 1 41 ? -1.052  -4.210  -11.087 1.00 43.49  ? 41  ARG A C   1 
ATOM   312 O  O   . ARG A 1 41 ? -1.646  -3.310  -11.693 1.00 44.98  ? 41  ARG A O   1 
ATOM   313 C  CB  . ARG A 1 41 ? 1.078   -3.121  -11.770 1.00 46.41  ? 41  ARG A CB  1 
ATOM   314 C  CG  . ARG A 1 41 ? 2.569   -2.958  -11.543 1.00 55.25  ? 41  ARG A CG  1 
ATOM   315 C  CD  . ARG A 1 41 ? 3.205   -1.947  -12.517 1.00 62.03  ? 41  ARG A CD  1 
ATOM   316 N  NE  . ARG A 1 41 ? 3.058   -0.573  -11.996 1.00 67.95  ? 41  ARG A NE  1 
ATOM   317 C  CZ  . ARG A 1 41 ? 3.853   -0.004  -11.086 1.00 66.79  ? 41  ARG A CZ  1 
ATOM   318 N  NH1 . ARG A 1 41 ? 4.903   -0.653  -10.585 1.00 70.97  ? 41  ARG A NH1 1 
ATOM   319 N  NH2 . ARG A 1 41 ? 3.599   1.228   -10.680 1.00 71.60  ? 41  ARG A NH2 1 
ATOM   320 N  N   . ALA A 1 42 ? -1.675  -5.291  -10.658 1.00 44.29  ? 42  ALA A N   1 
ATOM   321 C  CA  . ALA A 1 42 ? -3.055  -5.457  -10.973 1.00 43.71  ? 42  ALA A CA  1 
ATOM   322 C  C   . ALA A 1 42 ? -3.844  -6.049  -9.858  1.00 41.90  ? 42  ALA A C   1 
ATOM   323 O  O   . ALA A 1 42 ? -4.910  -6.565  -10.100 1.00 42.13  ? 42  ALA A O   1 
ATOM   324 C  CB  . ALA A 1 42 ? -3.213  -6.297  -12.231 1.00 42.56  ? 42  ALA A CB  1 
ATOM   325 N  N   . GLY A 1 43 ? -3.388  -5.929  -8.638  1.00 37.58  ? 43  GLY A N   1 
ATOM   326 C  CA  . GLY A 1 43 ? -4.229  -6.379  -7.554  1.00 42.14  ? 43  GLY A CA  1 
ATOM   327 C  C   . GLY A 1 43 ? -4.445  -7.889  -7.419  1.00 41.95  ? 43  GLY A C   1 
ATOM   328 O  O   . GLY A 1 43 ? -5.366  -8.321  -6.697  1.00 40.01  ? 43  GLY A O   1 
ATOM   329 N  N   . SER A 1 44 ? -3.569  -8.680  -8.044  1.00 41.62  ? 44  SER A N   1 
ATOM   330 C  CA  . SER A 1 44 ? -3.746  -10.126 -8.135  1.00 41.77  ? 44  SER A CA  1 
ATOM   331 C  C   . SER A 1 44 ? -2.563  -11.042 -7.795  1.00 46.85  ? 44  SER A C   1 
ATOM   332 O  O   . SER A 1 44 ? -2.500  -12.218 -8.256  1.00 48.35  ? 44  SER A O   1 
ATOM   333 C  CB  . SER A 1 44 ? -4.086  -10.398 -9.540  1.00 42.95  ? 44  SER A CB  1 
ATOM   334 O  OG  . SER A 1 44 ? -5.312  -9.825  -9.787  1.00 44.62  ? 44  SER A OG  1 
ATOM   335 N  N   . CYS A 1 45 ? -1.621  -10.512 -7.030  1.00 47.08  ? 45  CYS A N   1 
ATOM   336 C  CA  . CYS A 1 45 ? -0.494  -11.295 -6.509  1.00 48.40  ? 45  CYS A CA  1 
ATOM   337 C  C   . CYS A 1 45 ? -0.214  -10.621 -5.159  1.00 51.07  ? 45  CYS A C   1 
ATOM   338 O  O   . CYS A 1 45 ? -0.977  -9.744  -4.706  1.00 54.41  ? 45  CYS A O   1 
ATOM   339 C  CB  . CYS A 1 45 ? 0.706   -11.267 -7.466  1.00 46.93  ? 45  CYS A CB  1 
ATOM   340 S  SG  . CYS A 1 45 ? 1.713   -9.731  -7.469  1.00 47.52  ? 45  CYS A SG  1 
ATOM   341 N  N   . SER A 1 46 ? 0.862   -10.997 -4.516  1.00 49.71  ? 46  SER A N   1 
ATOM   342 C  CA  . SER A 1 46 ? 1.140   -10.498 -3.204  1.00 47.43  ? 46  SER A CA  1 
ATOM   343 C  C   . SER A 1 46 ? 2.434   -9.683  -3.172  1.00 50.19  ? 46  SER A C   1 
ATOM   344 O  O   . SER A 1 46 ? 2.965   -9.384  -2.090  1.00 48.52  ? 46  SER A O   1 
ATOM   345 C  CB  . SER A 1 46 ? 1.294   -11.716 -2.318  1.00 50.72  ? 46  SER A CB  1 
ATOM   346 O  OG  . SER A 1 46 ? 2.311   -12.589 -2.838  1.00 52.12  ? 46  SER A OG  1 
ATOM   347 N  N   . SER A 1 47 ? 2.969   -9.346  -4.348  1.00 49.49  ? 47  SER A N   1 
ATOM   348 C  CA  . SER A 1 47 ? 4.322   -8.782  -4.434  1.00 48.07  ? 47  SER A CA  1 
ATOM   349 C  C   . SER A 1 47 ? 4.427   -7.395  -3.880  1.00 48.38  ? 47  SER A C   1 
ATOM   350 O  O   . SER A 1 47 ? 5.426   -7.078  -3.234  1.00 54.39  ? 47  SER A O   1 
ATOM   351 C  CB  . SER A 1 47 ? 4.801   -8.786  -5.855  1.00 49.86  ? 47  SER A CB  1 
ATOM   352 O  OG  . SER A 1 47 ? 4.947   -10.136 -6.265  1.00 56.77  ? 47  SER A OG  1 
ATOM   353 N  N   . CYS A 1 48 ? 3.402   -6.572  -4.099  1.00 41.95  ? 48  CYS A N   1 
ATOM   354 C  CA  . CYS A 1 48 ? 3.411   -5.204  -3.606  1.00 40.23  ? 48  CYS A CA  1 
ATOM   355 C  C   . CYS A 1 48 ? 2.868   -5.003  -2.164  1.00 44.21  ? 48  CYS A C   1 
ATOM   356 O  O   . CYS A 1 48 ? 2.822   -3.865  -1.648  1.00 45.05  ? 48  CYS A O   1 
ATOM   357 C  CB  . CYS A 1 48 ? 2.591   -4.375  -4.544  1.00 41.16  ? 48  CYS A CB  1 
ATOM   358 S  SG  . CYS A 1 48 ? 0.836   -4.759  -4.381  1.00 39.31  ? 48  CYS A SG  1 
ATOM   359 N  N   . ALA A 1 49 ? 2.506   -6.101  -1.500  1.00 45.84  ? 49  ALA A N   1 
ATOM   360 C  CA  . ALA A 1 49 ? 1.848   -6.050  -0.180  1.00 46.83  ? 49  ALA A CA  1 
ATOM   361 C  C   . ALA A 1 49 ? 2.579   -5.237  0.902   1.00 48.54  ? 49  ALA A C   1 
ATOM   362 O  O   . ALA A 1 49 ? 3.828   -5.217  0.993   1.00 47.81  ? 49  ALA A O   1 
ATOM   363 C  CB  . ALA A 1 49 ? 1.541   -7.467  0.344   1.00 50.61  ? 49  ALA A CB  1 
ATOM   364 N  N   . GLY A 1 50 ? 1.739   -4.547  1.669   1.00 42.32  ? 50  GLY A N   1 
ATOM   365 C  CA  . GLY A 1 50 ? 2.087   -3.763  2.821   1.00 42.54  ? 50  GLY A CA  1 
ATOM   366 C  C   . GLY A 1 50 ? 0.969   -3.985  3.881   1.00 48.52  ? 50  GLY A C   1 
ATOM   367 O  O   . GLY A 1 50 ? 0.032   -4.815  3.713   1.00 40.95  ? 50  GLY A O   1 
ATOM   368 N  N   . LYS A 1 51 ? 1.089   -3.254  4.986   1.00 46.83  ? 51  LYS A N   1 
ATOM   369 C  CA  . LYS A 1 51 ? 0.142   -3.253  6.071   1.00 45.66  ? 51  LYS A CA  1 
ATOM   370 C  C   . LYS A 1 51 ? -0.106  -1.794  6.543   1.00 45.72  ? 51  LYS A C   1 
ATOM   371 O  O   . LYS A 1 51 ? 0.823   -1.012  6.801   1.00 44.21  ? 51  LYS A O   1 
ATOM   372 C  CB  . LYS A 1 51 ? 0.644   -4.119  7.223   1.00 52.15  ? 51  LYS A CB  1 
ATOM   373 C  CG  . LYS A 1 51 ? -0.481  -4.478  8.186   1.00 61.44  ? 51  LYS A CG  1 
ATOM   374 C  CD  . LYS A 1 51 ? 0.054   -4.741  9.581   1.00 73.58  ? 51  LYS A CD  1 
ATOM   375 C  CE  . LYS A 1 51 ? 1.011   -5.931  9.639   1.00 82.39  ? 51  LYS A CE  1 
ATOM   376 N  NZ  . LYS A 1 51 ? 0.317   -7.216  9.349   1.00 85.53  ? 51  LYS A NZ  1 
ATOM   377 N  N   . VAL A 1 52 ? -1.375  -1.439  6.638   1.00 43.65  ? 52  VAL A N   1 
ATOM   378 C  CA  . VAL A 1 52 ? -1.781  -0.128  7.073   1.00 43.65  ? 52  VAL A CA  1 
ATOM   379 C  C   . VAL A 1 52 ? -1.697  -0.131  8.605   1.00 44.08  ? 52  VAL A C   1 
ATOM   380 O  O   . VAL A 1 52 ? -2.363  -0.934  9.274   1.00 46.45  ? 52  VAL A O   1 
ATOM   381 C  CB  . VAL A 1 52 ? -3.230  0.161   6.627   1.00 44.20  ? 52  VAL A CB  1 
ATOM   382 C  CG1 . VAL A 1 52 ? -3.656  1.563   7.048   1.00 45.83  ? 52  VAL A CG1 1 
ATOM   383 C  CG2 . VAL A 1 52 ? -3.357  -0.025  5.133   1.00 43.21  ? 52  VAL A CG2 1 
ATOM   384 N  N   . THR A 1 53 ? -0.862  0.738   9.150   1.00 39.61  ? 53  THR A N   1 
ATOM   385 C  CA  . THR A 1 53 ? -0.789  0.933   10.606  1.00 42.67  ? 53  THR A CA  1 
ATOM   386 C  C   . THR A 1 53 ? -1.586  2.169   11.116  1.00 44.26  ? 53  THR A C   1 
ATOM   387 O  O   . THR A 1 53 ? -1.894  2.232   12.288  1.00 46.03  ? 53  THR A O   1 
ATOM   388 C  CB  . THR A 1 53 ? 0.672   0.976   11.043  1.00 40.83  ? 53  THR A CB  1 
ATOM   389 O  OG1 . THR A 1 53 ? 1.424   1.917   10.220  1.00 41.54  ? 53  THR A OG1 1 
ATOM   390 C  CG2 . THR A 1 53 ? 1.245   -0.439  10.878  1.00 41.36  ? 53  THR A CG2 1 
ATOM   391 N  N   . ALA A 1 54 ? -1.923  3.106   10.221  1.00 40.42  ? 54  ALA A N   1 
ATOM   392 C  CA  . ALA A 1 54 ? -2.798  4.250   10.525  1.00 42.37  ? 54  ALA A CA  1 
ATOM   393 C  C   . ALA A 1 54 ? -3.489  4.746   9.264   1.00 42.24  ? 54  ALA A C   1 
ATOM   394 O  O   . ALA A 1 54 ? -2.922  4.710   8.169   1.00 42.53  ? 54  ALA A O   1 
ATOM   395 C  CB  . ALA A 1 54 ? -1.975  5.415   11.079  1.00 41.39  ? 54  ALA A CB  1 
ATOM   396 N  N   . GLY A 1 55 ? -4.679  5.286   9.441   1.00 41.45  ? 55  GLY A N   1 
ATOM   397 C  CA  . GLY A 1 55 ? -5.461  5.808   8.339   1.00 40.84  ? 55  GLY A CA  1 
ATOM   398 C  C   . GLY A 1 55 ? -6.149  4.666   7.637   1.00 42.92  ? 55  GLY A C   1 
ATOM   399 O  O   . GLY A 1 55 ? -6.199  3.553   8.138   1.00 43.63  ? 55  GLY A O   1 
ATOM   400 N  N   . THR A 1 56 ? -6.689  4.961   6.471   1.00 44.13  ? 56  THR A N   1 
ATOM   401 C  CA  . THR A 1 56 ? -7.482  4.014   5.731   1.00 47.66  ? 56  THR A CA  1 
ATOM   402 C  C   . THR A 1 56 ? -7.139  4.178   4.213   1.00 46.01  ? 56  THR A C   1 
ATOM   403 O  O   . THR A 1 56 ? -6.661  5.242   3.755   1.00 43.97  ? 56  THR A O   1 
ATOM   404 C  CB  . THR A 1 56 ? -9.035  4.136   6.045   1.00 54.77  ? 56  THR A CB  1 
ATOM   405 O  OG1 . THR A 1 56 ? -9.620  5.193   5.281   1.00 59.99  ? 56  THR A OG1 1 
ATOM   406 C  CG2 . THR A 1 56 ? -9.321  4.447   7.519   1.00 60.38  ? 56  THR A CG2 1 
ATOM   407 N  N   . VAL A 1 57 ? -7.313  3.088   3.463   1.00 42.26  ? 57  VAL A N   1 
ATOM   408 C  CA  . VAL A 1 57 ? -7.183  3.110   2.024   1.00 39.53  ? 57  VAL A CA  1 
ATOM   409 C  C   . VAL A 1 57 ? -8.409  2.539   1.397   1.00 41.93  ? 57  VAL A C   1 
ATOM   410 O  O   . VAL A 1 57 ? -9.167  1.770   2.036   1.00 45.09  ? 57  VAL A O   1 
ATOM   411 C  CB  . VAL A 1 57 ? -5.995  2.266   1.525   1.00 40.79  ? 57  VAL A CB  1 
ATOM   412 C  CG1 . VAL A 1 57 ? -4.701  2.772   2.129   1.00 41.53  ? 57  VAL A CG1 1 
ATOM   413 C  CG2 . VAL A 1 57 ? -6.185  0.764   1.778   1.00 39.99  ? 57  VAL A CG2 1 
ATOM   414 N  N   . ASP A 1 58 ? -8.597  2.872   0.128   1.00 42.30  ? 58  ASP A N   1 
ATOM   415 C  CA  . ASP A 1 58 ? -9.530  2.135   -0.714  1.00 43.53  ? 58  ASP A CA  1 
ATOM   416 C  C   . ASP A 1 58 ? -8.765  1.262   -1.711  1.00 42.68  ? 58  ASP A C   1 
ATOM   417 O  O   . ASP A 1 58 ? -8.185  1.796   -2.698  1.00 39.65  ? 58  ASP A O   1 
ATOM   418 C  CB  . ASP A 1 58 ? -10.445 3.105   -1.446  1.00 51.20  ? 58  ASP A CB  1 
ATOM   419 C  CG  . ASP A 1 58 ? -11.172 2.465   -2.639  1.00 60.24  ? 58  ASP A CG  1 
ATOM   420 O  OD1 . ASP A 1 58 ? -11.487 1.242   -2.639  1.00 63.92  ? 58  ASP A OD1 1 
ATOM   421 O  OD2 . ASP A 1 58 ? -11.439 3.225   -3.591  1.00 73.39  ? 58  ASP A OD2 1 
ATOM   422 N  N   . GLN A 1 59 ? -8.841  -0.062  -1.500  1.00 42.00  ? 59  GLN A N   1 
ATOM   423 C  CA  . GLN A 1 59 ? -8.182  -1.072  -2.395  1.00 46.22  ? 59  GLN A CA  1 
ATOM   424 C  C   . GLN A 1 59 ? -9.130  -2.069  -3.089  1.00 48.78  ? 59  GLN A C   1 
ATOM   425 O  O   . GLN A 1 59 ? -8.702  -3.148  -3.509  1.00 49.69  ? 59  GLN A O   1 
ATOM   426 C  CB  . GLN A 1 59 ? -7.082  -1.843  -1.654  1.00 42.95  ? 59  GLN A CB  1 
ATOM   427 C  CG  . GLN A 1 59 ? -7.557  -2.630  -0.450  1.00 42.97  ? 59  GLN A CG  1 
ATOM   428 C  CD  . GLN A 1 59 ? -6.411  -3.427  0.170   1.00 44.88  ? 59  GLN A CD  1 
ATOM   429 O  OE1 . GLN A 1 59 ? -5.498  -3.904  -0.533  1.00 40.89  ? 59  GLN A OE1 1 
ATOM   430 N  NE2 . GLN A 1 59 ? -6.472  -3.611  1.476   1.00 43.96  ? 59  GLN A NE2 1 
ATOM   431 N  N   . SER A 1 60 ? -10.398 -1.680  -3.241  1.00 47.20  ? 60  SER A N   1 
ATOM   432 C  CA  . SER A 1 60 ? -11.418 -2.518  -3.876  1.00 48.27  ? 60  SER A CA  1 
ATOM   433 C  C   . SER A 1 60 ? -11.185 -2.852  -5.352  1.00 48.10  ? 60  SER A C   1 
ATOM   434 O  O   . SER A 1 60 ? -11.819 -3.738  -5.858  1.00 51.17  ? 60  SER A O   1 
ATOM   435 C  CB  . SER A 1 60 ? -12.796 -1.859  -3.712  1.00 52.22  ? 60  SER A CB  1 
ATOM   436 O  OG  . SER A 1 60 ? -12.885 -0.675  -4.480  1.00 52.97  ? 60  SER A OG  1 
ATOM   437 N  N   . ASP A 1 61 ? -10.286 -2.143  -6.033  1.00 49.61  ? 61  ASP A N   1 
ATOM   438 C  CA  . ASP A 1 61 ? -9.770  -2.561  -7.346  1.00 48.56  ? 61  ASP A CA  1 
ATOM   439 C  C   . ASP A 1 61 ? -8.973  -3.886  -7.308  1.00 46.22  ? 61  ASP A C   1 
ATOM   440 O  O   . ASP A 1 61 ? -8.817  -4.532  -8.337  1.00 47.25  ? 61  ASP A O   1 
ATOM   441 C  CB  . ASP A 1 61 ? -8.857  -1.462  -7.965  1.00 50.64  ? 61  ASP A CB  1 
ATOM   442 C  CG  . ASP A 1 61 ? -9.647  -0.292  -8.529  1.00 56.06  ? 61  ASP A CG  1 
ATOM   443 O  OD1 . ASP A 1 61 ? -10.870 -0.476  -8.677  1.00 59.32  ? 61  ASP A OD1 1 
ATOM   444 O  OD2 . ASP A 1 61 ? -9.066  0.795   -8.819  1.00 55.55  ? 61  ASP A OD2 1 
ATOM   445 N  N   . GLY A 1 62 ? -8.461  -4.284  -6.152  1.00 44.22  ? 62  GLY A N   1 
ATOM   446 C  CA  . GLY A 1 62 ? -7.720  -5.562  -6.028  1.00 44.95  ? 62  GLY A CA  1 
ATOM   447 C  C   . GLY A 1 62 ? -8.563  -6.721  -5.518  1.00 46.47  ? 62  GLY A C   1 
ATOM   448 O  O   . GLY A 1 62 ? -9.528  -6.514  -4.782  1.00 50.44  ? 62  GLY A O   1 
ATOM   449 N  N   . LYS A 1 63 ? -8.218  -7.951  -5.940  1.00 50.71  ? 63  LYS A N   1 
ATOM   450 C  CA  . LYS A 1 63 ? -8.980  -9.126  -5.566  1.00 50.62  ? 63  LYS A CA  1 
ATOM   451 C  C   . LYS A 1 63 ? -8.237  -10.220 -4.827  1.00 46.48  ? 63  LYS A C   1 
ATOM   452 O  O   . LYS A 1 63 ? -8.845  -11.248 -4.450  1.00 46.49  ? 63  LYS A O   1 
ATOM   453 C  CB  . LYS A 1 63 ? -9.674  -9.655  -6.801  1.00 62.21  ? 63  LYS A CB  1 
ATOM   454 C  CG  . LYS A 1 63 ? -10.871 -8.793  -7.155  1.00 73.11  ? 63  LYS A CG  1 
ATOM   455 C  CD  . LYS A 1 63 ? -11.025 -8.613  -8.654  1.00 90.35  ? 63  LYS A CD  1 
ATOM   456 C  CE  . LYS A 1 63 ? -12.340 -7.872  -8.942  1.00 106.71 ? 63  LYS A CE  1 
ATOM   457 N  NZ  . LYS A 1 63 ? -12.871 -8.077  -10.330 1.00 105.25 ? 63  LYS A NZ  1 
ATOM   458 N  N   . PHE A 1 64 ? -6.944  -9.993  -4.603  1.00 41.85  ? 64  PHE A N   1 
ATOM   459 C  CA  . PHE A 1 64 ? -6.047  -11.045 -4.095  1.00 45.13  ? 64  PHE A CA  1 
ATOM   460 C  C   . PHE A 1 64 ? -6.324  -11.430 -2.618  1.00 43.67  ? 64  PHE A C   1 
ATOM   461 O  O   . PHE A 1 64 ? -6.371  -12.590 -2.270  1.00 40.63  ? 64  PHE A O   1 
ATOM   462 C  CB  . PHE A 1 64 ? -4.573  -10.646 -4.292  1.00 42.39  ? 64  PHE A CB  1 
ATOM   463 C  CG  . PHE A 1 64 ? -3.623  -11.697 -3.830  1.00 43.99  ? 64  PHE A CG  1 
ATOM   464 C  CD1 . PHE A 1 64 ? -3.236  -12.724 -4.682  1.00 46.08  ? 64  PHE A CD1 1 
ATOM   465 C  CD2 . PHE A 1 64 ? -3.125  -11.681 -2.542  1.00 43.66  ? 64  PHE A CD2 1 
ATOM   466 C  CE1 . PHE A 1 64 ? -2.350  -13.735 -4.265  1.00 48.54  ? 64  PHE A CE1 1 
ATOM   467 C  CE2 . PHE A 1 64 ? -2.240  -12.692 -2.099  1.00 48.51  ? 64  PHE A CE2 1 
ATOM   468 C  CZ  . PHE A 1 64 ? -1.843  -13.724 -2.967  1.00 49.05  ? 64  PHE A CZ  1 
ATOM   469 N  N   . LEU A 1 65 ? -6.544  -10.426 -1.785  1.00 44.24  ? 65  LEU A N   1 
ATOM   470 C  CA  . LEU A 1 65 ? -6.738  -10.596 -0.356  1.00 46.79  ? 65  LEU A CA  1 
ATOM   471 C  C   . LEU A 1 65 ? -8.098  -11.139 -0.028  1.00 49.58  ? 65  LEU A C   1 
ATOM   472 O  O   . LEU A 1 65 ? -9.085  -10.728 -0.638  1.00 51.91  ? 65  LEU A O   1 
ATOM   473 C  CB  . LEU A 1 65 ? -6.600  -9.253  0.356   1.00 46.35  ? 65  LEU A CB  1 
ATOM   474 C  CG  . LEU A 1 65 ? -5.265  -8.542  0.190   1.00 44.95  ? 65  LEU A CG  1 
ATOM   475 C  CD1 . LEU A 1 65 ? -5.343  -7.175  0.822   1.00 43.92  ? 65  LEU A CD1 1 
ATOM   476 C  CD2 . LEU A 1 65 ? -4.167  -9.390  0.783   1.00 44.90  ? 65  LEU A CD2 1 
ATOM   477 N  N   . ASP A 1 66 ? -8.146  -12.038 0.956   1.00 54.11  ? 66  ASP A N   1 
ATOM   478 C  CA  . ASP A 1 66 ? -9.421  -12.450 1.557   1.00 62.38  ? 66  ASP A CA  1 
ATOM   479 C  C   . ASP A 1 66 ? -9.794  -11.449 2.662   1.00 61.88  ? 66  ASP A C   1 
ATOM   480 O  O   . ASP A 1 66 ? -9.122  -10.434 2.837   1.00 56.31  ? 66  ASP A O   1 
ATOM   481 C  CB  . ASP A 1 66 ? -9.389  -13.925 2.033   1.00 71.51  ? 66  ASP A CB  1 
ATOM   482 C  CG  . ASP A 1 66 ? -8.261  -14.211 3.014   1.00 82.99  ? 66  ASP A CG  1 
ATOM   483 O  OD1 . ASP A 1 66 ? -7.493  -13.287 3.322   1.00 96.25  ? 66  ASP A OD1 1 
ATOM   484 O  OD2 . ASP A 1 66 ? -8.133  -15.355 3.493   1.00 98.97  ? 66  ASP A OD2 1 
ATOM   485 N  N   . ASP A 1 67 ? -10.869 -11.715 3.386   1.00 72.92  ? 67  ASP A N   1 
ATOM   486 C  CA  . ASP A 1 67 ? -11.399 -10.743 4.339   1.00 79.07  ? 67  ASP A CA  1 
ATOM   487 C  C   . ASP A 1 67 ? -10.682 -10.799 5.672   1.00 77.65  ? 67  ASP A C   1 
ATOM   488 O  O   . ASP A 1 67 ? -10.601 -9.780  6.353   1.00 80.09  ? 67  ASP A O   1 
ATOM   489 C  CB  . ASP A 1 67 ? -12.897 -10.939 4.527   1.00 89.70  ? 67  ASP A CB  1 
ATOM   490 C  CG  . ASP A 1 67 ? -13.661 -10.896 3.206   1.00 99.93  ? 67  ASP A CG  1 
ATOM   491 O  OD1 . ASP A 1 67 ? -13.284 -10.082 2.319   1.00 106.81 ? 67  ASP A OD1 1 
ATOM   492 O  OD2 . ASP A 1 67 ? -14.626 -11.683 3.052   1.00 105.64 ? 67  ASP A OD2 1 
ATOM   493 N  N   . ASP A 1 68 ? -10.163 -11.966 6.048   1.00 75.25  ? 68  ASP A N   1 
ATOM   494 C  CA  . ASP A 1 68 ? -9.285  -12.042 7.212   1.00 79.83  ? 68  ASP A CA  1 
ATOM   495 C  C   . ASP A 1 68 ? -7.955  -11.268 6.971   1.00 75.22  ? 68  ASP A C   1 
ATOM   496 O  O   . ASP A 1 68 ? -7.475  -10.597 7.869   1.00 79.04  ? 68  ASP A O   1 
ATOM   497 C  CB  . ASP A 1 68 ? -9.078  -13.501 7.711   1.00 91.86  ? 68  ASP A CB  1 
ATOM   498 C  CG  . ASP A 1 68 ? -8.150  -14.358 6.798   1.00 104.09 ? 68  ASP A CG  1 
ATOM   499 O  OD1 . ASP A 1 68 ? -7.023  -13.928 6.466   1.00 116.02 ? 68  ASP A OD1 1 
ATOM   500 O  OD2 . ASP A 1 68 ? -8.530  -15.504 6.451   1.00 114.35 ? 68  ASP A OD2 1 
ATOM   501 N  N   . GLN A 1 69 ? -7.382  -11.302 5.765   1.00 68.27  ? 69  GLN A N   1 
ATOM   502 C  CA  . GLN A 1 69 ? -6.154  -10.527 5.487   1.00 60.07  ? 69  GLN A CA  1 
ATOM   503 C  C   . GLN A 1 69 ? -6.409  -9.020  5.413   1.00 51.85  ? 69  GLN A C   1 
ATOM   504 O  O   . GLN A 1 69 ? -5.672  -8.253  5.930   1.00 52.90  ? 69  GLN A O   1 
ATOM   505 C  CB  . GLN A 1 69 ? -5.532  -10.981 4.183   1.00 58.17  ? 69  GLN A CB  1 
ATOM   506 C  CG  . GLN A 1 69 ? -4.973  -12.384 4.199   1.00 60.11  ? 69  GLN A CG  1 
ATOM   507 C  CD  . GLN A 1 69 ? -4.804  -12.903 2.782   1.00 62.54  ? 69  GLN A CD  1 
ATOM   508 O  OE1 . GLN A 1 69 ? -5.509  -12.492 1.860   1.00 60.03  ? 69  GLN A OE1 1 
ATOM   509 N  NE2 . GLN A 1 69 ? -3.863  -13.807 2.601   1.00 66.31  ? 69  GLN A NE2 1 
ATOM   510 N  N   . GLU A 1 70 ? -7.468  -8.627  4.736   1.00 51.91  ? 70  GLU A N   1 
ATOM   511 C  CA  . GLU A 1 70 ? -7.883  -7.254  4.647   1.00 58.11  ? 70  GLU A CA  1 
ATOM   512 C  C   . GLU A 1 70 ? -8.179  -6.716  6.072   1.00 63.42  ? 70  GLU A C   1 
ATOM   513 O  O   . GLU A 1 70 ? -7.815  -5.586  6.429   1.00 61.69  ? 70  GLU A O   1 
ATOM   514 C  CB  . GLU A 1 70 ? -9.102  -7.199  3.732   1.00 63.53  ? 70  GLU A CB  1 
ATOM   515 C  CG  . GLU A 1 70 ? -9.441  -5.857  3.121   1.00 74.34  ? 70  GLU A CG  1 
ATOM   516 C  CD  . GLU A 1 70 ? -10.064 -5.979  1.713   1.00 91.19  ? 70  GLU A CD  1 
ATOM   517 O  OE1 . GLU A 1 70 ? -10.403 -4.925  1.114   1.00 103.02 ? 70  GLU A OE1 1 
ATOM   518 O  OE2 . GLU A 1 70 ? -10.209 -7.112  1.171   1.00 98.05  ? 70  GLU A OE2 1 
ATOM   519 N  N   . ALA A 1 71 ? -8.803  -7.553  6.897   1.00 64.73  ? 71  ALA A N   1 
ATOM   520 C  CA  . ALA A 1 71 ? -9.111  -7.207  8.274   1.00 62.34  ? 71  ALA A CA  1 
ATOM   521 C  C   . ALA A 1 71 ? -7.852  -6.985  9.126   1.00 61.71  ? 71  ALA A C   1 
ATOM   522 O  O   . ALA A 1 71 ? -7.816  -6.081  9.923   1.00 60.27  ? 71  ALA A O   1 
ATOM   523 C  CB  . ALA A 1 71 ? -9.998  -8.283  8.884   1.00 65.89  ? 71  ALA A CB  1 
ATOM   524 N  N   . ALA A 1 72 ? -6.813  -7.790  8.948   1.00 59.19  ? 72  ALA A N   1 
ATOM   525 C  CA  . ALA A 1 72 ? -5.548  -7.575  9.651   1.00 58.53  ? 72  ALA A CA  1 
ATOM   526 C  C   . ALA A 1 72 ? -4.722  -6.373  9.100   1.00 57.79  ? 72  ALA A C   1 
ATOM   527 O  O   . ALA A 1 72 ? -3.562  -6.156  9.459   1.00 61.71  ? 72  ALA A O   1 
ATOM   528 C  CB  . ALA A 1 72 ? -4.735  -8.865  9.575   1.00 61.39  ? 72  ALA A CB  1 
ATOM   529 N  N   . GLY A 1 73 ? -5.300  -5.606  8.195   1.00 54.44  ? 73  GLY A N   1 
ATOM   530 C  CA  . GLY A 1 73 ? -4.666  -4.410  7.734   1.00 49.16  ? 73  GLY A CA  1 
ATOM   531 C  C   . GLY A 1 73 ? -3.807  -4.582  6.505   1.00 49.84  ? 73  GLY A C   1 
ATOM   532 O  O   . GLY A 1 73 ? -3.262  -3.588  6.024   1.00 40.87  ? 73  GLY A O   1 
ATOM   533 N  N   . PHE A 1 74 ? -3.697  -5.793  5.934   1.00 49.70  ? 74  PHE A N   1 
ATOM   534 C  CA  . PHE A 1 74 ? -2.904  -5.921  4.688   1.00 42.81  ? 74  PHE A CA  1 
ATOM   535 C  C   . PHE A 1 74 ? -3.470  -5.108  3.512   1.00 40.82  ? 74  PHE A C   1 
ATOM   536 O  O   . PHE A 1 74 ? -4.687  -4.862  3.386   1.00 40.46  ? 74  PHE A O   1 
ATOM   537 C  CB  . PHE A 1 74 ? -2.676  -7.380  4.323   1.00 47.32  ? 74  PHE A CB  1 
ATOM   538 C  CG  . PHE A 1 74 ? -1.763  -8.103  5.291   1.00 50.61  ? 74  PHE A CG  1 
ATOM   539 C  CD1 . PHE A 1 74 ? -0.381  -8.032  5.155   1.00 52.80  ? 74  PHE A CD1 1 
ATOM   540 C  CD2 . PHE A 1 74 ? -2.285  -8.878  6.319   1.00 56.70  ? 74  PHE A CD2 1 
ATOM   541 C  CE1 . PHE A 1 74 ? 0.480   -8.679  6.051   1.00 54.43  ? 74  PHE A CE1 1 
ATOM   542 C  CE2 . PHE A 1 74 ? -1.433  -9.544  7.220   1.00 57.53  ? 74  PHE A CE2 1 
ATOM   543 C  CZ  . PHE A 1 74 ? -0.051  -9.436  7.088   1.00 55.56  ? 74  PHE A CZ  1 
ATOM   544 N  N   . VAL A 1 75 ? -2.577  -4.685  2.633   1.00 40.24  ? 75  VAL A N   1 
ATOM   545 C  CA  . VAL A 1 75 ? -2.953  -3.815  1.521   1.00 39.58  ? 75  VAL A CA  1 
ATOM   546 C  C   . VAL A 1 75 ? -2.068  -4.097  0.313   1.00 38.33  ? 75  VAL A C   1 
ATOM   547 O  O   . VAL A 1 75 ? -0.874  -4.330  0.459   1.00 36.87  ? 75  VAL A O   1 
ATOM   548 C  CB  . VAL A 1 75 ? -2.876  -2.286  1.918   1.00 38.00  ? 75  VAL A CB  1 
ATOM   549 C  CG1 . VAL A 1 75 ? -1.523  -1.927  2.439   1.00 39.07  ? 75  VAL A CG1 1 
ATOM   550 C  CG2 . VAL A 1 75 ? -3.129  -1.383  0.735   1.00 39.87  ? 75  VAL A CG2 1 
ATOM   551 N  N   . LEU A 1 76 ? -2.681  -4.028  -0.870  1.00 38.56  ? 76  LEU A N   1 
ATOM   552 C  CA  . LEU A 1 76 ? -2.029  -4.203  -2.166  1.00 36.75  ? 76  LEU A CA  1 
ATOM   553 C  C   . LEU A 1 76 ? -1.784  -2.775  -2.631  1.00 37.87  ? 76  LEU A C   1 
ATOM   554 O  O   . LEU A 1 76 ? -2.714  -2.089  -3.085  1.00 36.22  ? 76  LEU A O   1 
ATOM   555 C  CB  . LEU A 1 76 ? -2.923  -4.976  -3.160  1.00 37.11  ? 76  LEU A CB  1 
ATOM   556 C  CG  . LEU A 1 76 ? -3.434  -6.387  -2.712  1.00 42.70  ? 76  LEU A CG  1 
ATOM   557 C  CD1 . LEU A 1 76 ? -4.373  -7.057  -3.712  1.00 44.00  ? 76  LEU A CD1 1 
ATOM   558 C  CD2 . LEU A 1 76 ? -2.271  -7.326  -2.388  1.00 44.24  ? 76  LEU A CD2 1 
ATOM   559 N  N   . THR A 1 77 ? -0.538  -2.323  -2.478  1.00 38.49  ? 77  THR A N   1 
ATOM   560 C  CA  . THR A 1 77 ? -0.166  -0.904  -2.778  1.00 40.52  ? 77  THR A CA  1 
ATOM   561 C  C   . THR A 1 77 ? -0.298  -0.470  -4.245  1.00 37.32  ? 77  THR A C   1 
ATOM   562 O  O   . THR A 1 77 ? -0.485  0.700   -4.523  1.00 39.19  ? 77  THR A O   1 
ATOM   563 C  CB  . THR A 1 77 ? 1.270   -0.604  -2.280  1.00 38.49  ? 77  THR A CB  1 
ATOM   564 O  OG1 . THR A 1 77 ? 2.205   -1.581  -2.825  1.00 36.78  ? 77  THR A OG1 1 
ATOM   565 C  CG2 . THR A 1 77 ? 1.254   -0.662  -0.742  1.00 36.66  ? 77  THR A CG2 1 
ATOM   566 N  N   . CYS A 1 78 ? -0.255  -1.415  -5.165  1.00 37.21  ? 78  CYS A N   1 
ATOM   567 C  CA  . CYS A 1 78 ? -0.429  -1.093  -6.589  1.00 39.41  ? 78  CYS A CA  1 
ATOM   568 C  C   . CYS A 1 78 ? -1.836  -0.664  -6.963  1.00 39.46  ? 78  CYS A C   1 
ATOM   569 O  O   . CYS A 1 78 ? -2.005  -0.025  -7.981  1.00 45.09  ? 78  CYS A O   1 
ATOM   570 C  CB  . CYS A 1 78 ? -0.050  -2.321  -7.458  1.00 40.54  ? 78  CYS A CB  1 
ATOM   571 S  SG  . CYS A 1 78 ? -1.201  -3.711  -7.237  1.00 40.55  ? 78  CYS A SG  1 
ATOM   572 N  N   . VAL A 1 79 ? -2.842  -1.059  -6.184  1.00 40.63  ? 79  VAL A N   1 
ATOM   573 C  CA  . VAL A 1 79 ? -4.230  -0.721  -6.479  1.00 40.28  ? 79  VAL A CA  1 
ATOM   574 C  C   . VAL A 1 79 ? -4.922  0.030   -5.321  1.00 41.16  ? 79  VAL A C   1 
ATOM   575 O  O   . VAL A 1 79 ? -6.144  0.042   -5.256  1.00 41.50  ? 79  VAL A O   1 
ATOM   576 C  CB  . VAL A 1 79 ? -5.071  -1.977  -6.886  1.00 43.11  ? 79  VAL A CB  1 
ATOM   577 C  CG1 . VAL A 1 79 ? -4.683  -2.515  -8.289  1.00 38.97  ? 79  VAL A CG1 1 
ATOM   578 C  CG2 . VAL A 1 79 ? -5.033  -3.060  -5.790  1.00 42.89  ? 79  VAL A CG2 1 
ATOM   579 N  N   . ALA A 1 80 ? -4.159  0.694   -4.442  1.00 38.86  ? 80  ALA A N   1 
ATOM   580 C  CA  . ALA A 1 80 ? -4.742  1.334   -3.245  1.00 36.06  ? 80  ALA A CA  1 
ATOM   581 C  C   . ALA A 1 80 ? -4.677  2.844   -3.364  1.00 39.43  ? 80  ALA A C   1 
ATOM   582 O  O   . ALA A 1 80 ? -3.600  3.400   -3.599  1.00 35.73  ? 80  ALA A O   1 
ATOM   583 C  CB  . ALA A 1 80 ? -3.998  0.951   -1.982  1.00 37.17  ? 80  ALA A CB  1 
ATOM   584 N  N   . TYR A 1 81 ? -5.837  3.485   -3.157  1.00 38.04  ? 81  TYR A N   1 
ATOM   585 C  CA  . TYR A 1 81 ? -5.958  4.949   -3.059  1.00 39.55  ? 81  TYR A CA  1 
ATOM   586 C  C   . TYR A 1 81 ? -5.963  5.337   -1.596  1.00 38.53  ? 81  TYR A C   1 
ATOM   587 O  O   . TYR A 1 81 ? -6.566  4.639   -0.795  1.00 39.30  ? 81  TYR A O   1 
ATOM   588 C  CB  . TYR A 1 81 ? -7.274  5.428   -3.681  1.00 38.99  ? 81  TYR A CB  1 
ATOM   589 C  CG  . TYR A 1 81 ? -7.433  5.208   -5.170  1.00 40.38  ? 81  TYR A CG  1 
ATOM   590 C  CD1 . TYR A 1 81 ? -6.628  5.877   -6.085  1.00 44.85  ? 81  TYR A CD1 1 
ATOM   591 C  CD2 . TYR A 1 81 ? -8.420  4.349   -5.672  1.00 40.80  ? 81  TYR A CD2 1 
ATOM   592 C  CE1 . TYR A 1 81 ? -6.831  5.711   -7.453  1.00 45.71  ? 81  TYR A CE1 1 
ATOM   593 C  CE2 . TYR A 1 81 ? -8.616  4.164   -7.030  1.00 42.35  ? 81  TYR A CE2 1 
ATOM   594 C  CZ  . TYR A 1 81 ? -7.820  4.844   -7.920  1.00 44.67  ? 81  TYR A CZ  1 
ATOM   595 O  OH  . TYR A 1 81 ? -7.999  4.643   -9.286  1.00 52.51  ? 81  TYR A OH  1 
ATOM   596 N  N   . PRO A 1 82 ? -5.261  6.423   -1.234  1.00 41.80  ? 82  PRO A N   1 
ATOM   597 C  CA  . PRO A 1 82 ? -5.357  6.864   0.144   1.00 44.70  ? 82  PRO A CA  1 
ATOM   598 C  C   . PRO A 1 82 ? -6.733  7.511   0.423   1.00 42.64  ? 82  PRO A C   1 
ATOM   599 O  O   . PRO A 1 82 ? -7.269  8.192   -0.425  1.00 49.50  ? 82  PRO A O   1 
ATOM   600 C  CB  . PRO A 1 82 ? -4.209  7.899   0.253   1.00 41.58  ? 82  PRO A CB  1 
ATOM   601 C  CG  . PRO A 1 82 ? -4.184  8.523   -1.105  1.00 45.92  ? 82  PRO A CG  1 
ATOM   602 C  CD  . PRO A 1 82 ? -4.357  7.313   -2.009  1.00 47.76  ? 82  PRO A CD  1 
ATOM   603 N  N   . LYS A 1 83 ? -7.285  7.309   1.601   1.00 44.54  ? 83  LYS A N   1 
ATOM   604 C  CA  . LYS A 1 83 ? -8.552  7.973   1.960   1.00 54.45  ? 83  LYS A CA  1 
ATOM   605 C  C   . LYS A 1 83 ? -8.453  8.973   3.122   1.00 51.78  ? 83  LYS A C   1 
ATOM   606 O  O   . LYS A 1 83 ? -9.441  9.583   3.505   1.00 47.80  ? 83  LYS A O   1 
ATOM   607 C  CB  . LYS A 1 83 ? -9.597  6.917   2.252   1.00 56.90  ? 83  LYS A CB  1 
ATOM   608 C  CG  . LYS A 1 83 ? -10.320 6.544   0.992   1.00 66.59  ? 83  LYS A CG  1 
ATOM   609 C  CD  . LYS A 1 83 ? -11.351 5.477   1.282   1.00 80.08  ? 83  LYS A CD  1 
ATOM   610 C  CE  . LYS A 1 83 ? -12.522 5.979   2.124   1.00 81.70  ? 83  LYS A CE  1 
ATOM   611 N  NZ  . LYS A 1 83 ? -13.129 4.779   2.762   1.00 84.07  ? 83  LYS A NZ  1 
ATOM   612 N  N   . CYS A 1 84 ? -7.239  9.083   3.659   1.00 48.97  ? 84  CYS A N   1 
ATOM   613 C  CA  A CYS A 1 84 ? -6.887  9.990   4.749   0.50 50.26  ? 84  CYS A CA  1 
ATOM   614 C  CA  B CYS A 1 84 ? -6.869  10.069  4.673   0.50 47.73  ? 84  CYS A CA  1 
ATOM   615 C  C   . CYS A 1 84 ? -5.345  9.909   4.789   1.00 46.70  ? 84  CYS A C   1 
ATOM   616 O  O   . CYS A 1 84 ? -4.740  9.123   4.019   1.00 42.50  ? 84  CYS A O   1 
ATOM   617 C  CB  A CYS A 1 84 ? -7.514  9.505   6.065   0.50 53.61  ? 84  CYS A CB  1 
ATOM   618 C  CB  B CYS A 1 84 ? -7.585  9.846   6.009   0.50 48.16  ? 84  CYS A CB  1 
ATOM   619 S  SG  A CYS A 1 84 ? -7.479  10.641  7.476   0.50 63.47  ? 84  CYS A SG  1 
ATOM   620 S  SG  B CYS A 1 84 ? -7.314  8.243   6.801   0.50 49.31  ? 84  CYS A SG  1 
ATOM   621 N  N   . ASP A 1 85 ? -4.702  10.673  5.667   1.00 41.19  ? 85  ASP A N   1 
ATOM   622 C  CA  . ASP A 1 85 ? -3.274  10.484  5.874   1.00 44.87  ? 85  ASP A CA  1 
ATOM   623 C  C   . ASP A 1 85 ? -3.070  9.031   6.296   1.00 42.06  ? 85  ASP A C   1 
ATOM   624 O  O   . ASP A 1 85 ? -3.878  8.467   7.024   1.00 46.90  ? 85  ASP A O   1 
ATOM   625 C  CB  . ASP A 1 85 ? -2.762  11.443  6.907   1.00 43.30  ? 85  ASP A CB  1 
ATOM   626 C  CG  . ASP A 1 85 ? -2.847  12.893  6.426   1.00 50.01  ? 85  ASP A CG  1 
ATOM   627 O  OD1 . ASP A 1 85 ? -2.797  13.170  5.190   1.00 49.03  ? 85  ASP A OD1 1 
ATOM   628 O  OD2 . ASP A 1 85 ? -2.949  13.775  7.291   1.00 55.83  ? 85  ASP A OD2 1 
ATOM   629 N  N   . VAL A 1 86 ? -2.059  8.380   5.777   1.00 39.95  ? 86  VAL A N   1 
ATOM   630 C  CA  . VAL A 1 86 ? -1.954  6.950   5.987   1.00 40.94  ? 86  VAL A CA  1 
ATOM   631 C  C   . VAL A 1 86 ? -0.544  6.554   6.276   1.00 38.88  ? 86  VAL A C   1 
ATOM   632 O  O   . VAL A 1 86 ? 0.399   7.098   5.702   1.00 39.28  ? 86  VAL A O   1 
ATOM   633 C  CB  . VAL A 1 86 ? -2.524  6.181   4.770   1.00 45.83  ? 86  VAL A CB  1 
ATOM   634 C  CG1 . VAL A 1 86 ? -1.642  6.304   3.547   1.00 46.61  ? 86  VAL A CG1 1 
ATOM   635 C  CG2 . VAL A 1 86 ? -2.726  4.729   5.114   1.00 54.40  ? 86  VAL A CG2 1 
ATOM   636 N  N   . THR A 1 87 ? -0.385  5.581   7.150   1.00 40.90  ? 87  THR A N   1 
ATOM   637 C  CA  . THR A 1 87 ? 0.941   4.987   7.355   1.00 37.11  ? 87  THR A CA  1 
ATOM   638 C  C   . THR A 1 87 ? 0.886   3.533   6.974   1.00 36.99  ? 87  THR A C   1 
ATOM   639 O  O   . THR A 1 87 ? -0.022  2.820   7.407   1.00 37.36  ? 87  THR A O   1 
ATOM   640 C  CB  . THR A 1 87 ? 1.368   5.111   8.819   1.00 38.41  ? 87  THR A CB  1 
ATOM   641 O  OG1 . THR A 1 87 ? 1.299   6.484   9.189   1.00 42.51  ? 87  THR A OG1 1 
ATOM   642 C  CG2 . THR A 1 87 ? 2.771   4.664   9.033   1.00 35.50  ? 87  THR A CG2 1 
ATOM   643 N  N   . ILE A 1 88 ? 1.871   3.093   6.198   1.00 34.93  ? 88  ILE A N   1 
ATOM   644 C  CA  . ILE A 1 88 ? 1.882   1.760   5.585   1.00 36.09  ? 88  ILE A CA  1 
ATOM   645 C  C   . ILE A 1 88 ? 3.248   1.155   5.719   1.00 35.81  ? 88  ILE A C   1 
ATOM   646 O  O   . ILE A 1 88 ? 4.223   1.678   5.173   1.00 36.42  ? 88  ILE A O   1 
ATOM   647 C  CB  . ILE A 1 88 ? 1.523   1.830   4.061   1.00 36.76  ? 88  ILE A CB  1 
ATOM   648 C  CG1 . ILE A 1 88 ? 0.025   2.132   3.875   1.00 36.49  ? 88  ILE A CG1 1 
ATOM   649 C  CG2 . ILE A 1 88 ? 1.766   0.504   3.363   1.00 39.25  ? 88  ILE A CG2 1 
ATOM   650 C  CD1 . ILE A 1 88 ? -0.344  2.571   2.475   1.00 38.14  ? 88  ILE A CD1 1 
ATOM   651 N  N   . GLU A 1 89 ? 3.341   0.038   6.401   1.00 40.04  ? 89  GLU A N   1 
ATOM   652 C  CA  . GLU A 1 89 ? 4.627   -0.654  6.448   1.00 48.07  ? 89  GLU A CA  1 
ATOM   653 C  C   . GLU A 1 89 ? 4.752   -1.519  5.172   1.00 45.34  ? 89  GLU A C   1 
ATOM   654 O  O   . GLU A 1 89 ? 3.859   -2.279  4.845   1.00 44.49  ? 89  GLU A O   1 
ATOM   655 C  CB  . GLU A 1 89 ? 4.869   -1.414  7.761   1.00 55.82  ? 89  GLU A CB  1 
ATOM   656 C  CG  . GLU A 1 89 ? 3.990   -2.634  8.027   1.00 69.72  ? 89  GLU A CG  1 
ATOM   657 C  CD  . GLU A 1 89 ? 4.192   -3.282  9.434   1.00 80.73  ? 89  GLU A CD  1 
ATOM   658 O  OE1 . GLU A 1 89 ? 3.200   -3.763  10.051  1.00 77.33  ? 89  GLU A OE1 1 
ATOM   659 O  OE2 . GLU A 1 89 ? 5.348   -3.334  9.928   1.00 96.52  ? 89  GLU A OE2 1 
ATOM   660 N  N   . THR A 1 90 ? 5.831   -1.321  4.403   1.00 43.01  ? 90  THR A N   1 
ATOM   661 C  CA  . THR A 1 90 ? 5.973   -1.970  3.117   1.00 42.08  ? 90  THR A CA  1 
ATOM   662 C  C   . THR A 1 90 ? 6.715   -3.301  3.247   1.00 47.11  ? 90  THR A C   1 
ATOM   663 O  O   . THR A 1 90 ? 7.155   -3.678  4.342   1.00 47.08  ? 90  THR A O   1 
ATOM   664 C  CB  . THR A 1 90 ? 6.690   -1.058  2.110   1.00 43.33  ? 90  THR A CB  1 
ATOM   665 O  OG1 . THR A 1 90 ? 7.999   -0.754  2.579   1.00 44.32  ? 90  THR A OG1 1 
ATOM   666 C  CG2 . THR A 1 90 ? 5.948   0.233   1.931   1.00 45.29  ? 90  THR A CG2 1 
ATOM   667 N  N   . HIS A 1 91 ? 6.812   -4.010  2.109   1.00 51.26  ? 91  HIS A N   1 
ATOM   668 C  CA  . HIS A 1 91 ? 7.534   -5.291  1.961   1.00 50.42  ? 91  HIS A CA  1 
ATOM   669 C  C   . HIS A 1 91 ? 6.966   -6.362  2.835   1.00 49.69  ? 91  HIS A C   1 
ATOM   670 O  O   . HIS A 1 91 ? 7.713   -7.075  3.489   1.00 55.27  ? 91  HIS A O   1 
ATOM   671 C  CB  . HIS A 1 91 ? 9.028   -5.172  2.275   1.00 51.47  ? 91  HIS A CB  1 
ATOM   672 C  CG  . HIS A 1 91 ? 9.780   -4.254  1.364   1.00 53.31  ? 91  HIS A CG  1 
ATOM   673 N  ND1 . HIS A 1 91 ? 9.550   -2.895  1.313   1.00 55.86  ? 91  HIS A ND1 1 
ATOM   674 C  CD2 . HIS A 1 91 ? 10.795  -4.492  0.505   1.00 54.81  ? 91  HIS A CD2 1 
ATOM   675 C  CE1 . HIS A 1 91 ? 10.375  -2.341  0.443   1.00 54.13  ? 91  HIS A CE1 1 
ATOM   676 N  NE2 . HIS A 1 91 ? 11.140  -3.288  -0.060  1.00 54.60  ? 91  HIS A NE2 1 
ATOM   677 N  N   . LYS A 1 92 ? 5.652   -6.509  2.818   1.00 50.21  ? 92  LYS A N   1 
ATOM   678 C  CA  . LYS A 1 92 ? 4.969   -7.466  3.683   1.00 50.74  ? 92  LYS A CA  1 
ATOM   679 C  C   . LYS A 1 92 ? 4.637   -8.799  3.029   1.00 53.82  ? 92  LYS A C   1 
ATOM   680 O  O   . LYS A 1 92 ? 3.880   -9.588  3.619   1.00 51.45  ? 92  LYS A O   1 
ATOM   681 C  CB  . LYS A 1 92 ? 3.693   -6.844  4.194   1.00 49.85  ? 92  LYS A CB  1 
ATOM   682 C  CG  . LYS A 1 92 ? 3.985   -5.659  5.094   1.00 53.72  ? 92  LYS A CG  1 
ATOM   683 C  CD  . LYS A 1 92 ? 4.100   -6.079  6.535   1.00 59.01  ? 92  LYS A CD  1 
ATOM   684 C  CE  . LYS A 1 92 ? 5.518   -5.971  7.022   1.00 63.59  ? 92  LYS A CE  1 
ATOM   685 N  NZ  . LYS A 1 92 ? 5.523   -6.599  8.379   1.00 72.05  ? 92  LYS A NZ  1 
ATOM   686 N  N   . GLU A 1 93 ? 5.192   -9.073  1.844   1.00 57.64  ? 93  GLU A N   1 
ATOM   687 C  CA  . GLU A 1 93 ? 4.836   -10.311 1.159   1.00 63.42  ? 93  GLU A CA  1 
ATOM   688 C  C   . GLU A 1 93 ? 5.087   -11.556 2.033   1.00 63.66  ? 93  GLU A C   1 
ATOM   689 O  O   . GLU A 1 93 ? 4.204   -12.390 2.190   1.00 64.60  ? 93  GLU A O   1 
ATOM   690 C  CB  . GLU A 1 93 ? 5.512   -10.442 -0.192  1.00 66.43  ? 93  GLU A CB  1 
ATOM   691 C  CG  . GLU A 1 93 ? 4.903   -11.610 -0.968  1.00 82.88  ? 93  GLU A CG  1 
ATOM   692 C  CD  . GLU A 1 93 ? 5.549   -11.887 -2.322  1.00 91.65  ? 93  GLU A CD  1 
ATOM   693 O  OE1 . GLU A 1 93 ? 6.777   -11.712 -2.432  1.00 105.24 ? 93  GLU A OE1 1 
ATOM   694 O  OE2 . GLU A 1 93 ? 4.836   -12.311 -3.267  1.00 88.53  ? 93  GLU A OE2 1 
ATOM   695 N  N   . GLU A 1 94 ? 6.249   -11.642 2.657   1.00 64.13  ? 94  GLU A N   1 
ATOM   696 C  CA  . GLU A 1 94 ? 6.578   -12.803 3.521   1.00 74.98  ? 94  GLU A CA  1 
ATOM   697 C  C   . GLU A 1 94 ? 5.531   -13.007 4.619   1.00 74.63  ? 94  GLU A C   1 
ATOM   698 O  O   . GLU A 1 94 ? 5.040   -14.118 4.795   1.00 77.31  ? 94  GLU A O   1 
ATOM   699 C  CB  . GLU A 1 94 ? 7.994   -12.735 4.152   1.00 82.34  ? 94  GLU A CB  1 
ATOM   700 C  CG  . GLU A 1 94 ? 9.040   -11.877 3.428   1.00 87.86  ? 94  GLU A CG  1 
ATOM   701 C  CD  . GLU A 1 94 ? 8.590   -10.410 3.271   1.00 97.01  ? 94  GLU A CD  1 
ATOM   702 O  OE1 . GLU A 1 94 ? 8.371   -9.715  4.312   1.00 98.93  ? 94  GLU A OE1 1 
ATOM   703 O  OE2 . GLU A 1 94 ? 8.397   -9.962  2.099   1.00 83.79  ? 94  GLU A OE2 1 
ATOM   704 N  N   . GLU A 1 95 ? 5.184   -11.933 5.333   1.00 72.15  ? 95  GLU A N   1 
ATOM   705 C  CA  . GLU A 1 95 ? 4.270   -12.010 6.490   1.00 73.13  ? 95  GLU A CA  1 
ATOM   706 C  C   . GLU A 1 95 ? 2.825   -12.412 6.098   1.00 71.70  ? 95  GLU A C   1 
ATOM   707 O  O   . GLU A 1 95 ? 2.181   -13.231 6.765   1.00 71.94  ? 95  GLU A O   1 
ATOM   708 C  CB  . GLU A 1 95 ? 4.283   -10.664 7.253   1.00 74.88  ? 95  GLU A CB  1 
ATOM   709 C  CG  . GLU A 1 95 ? 3.481   -10.659 8.565   1.00 83.45  ? 95  GLU A CG  1 
ATOM   710 C  CD  . GLU A 1 95 ? 3.620   -9.376  9.416   1.00 85.28  ? 95  GLU A CD  1 
ATOM   711 O  OE1 . GLU A 1 95 ? 2.590   -8.681  9.624   1.00 77.94  ? 95  GLU A OE1 1 
ATOM   712 O  OE2 . GLU A 1 95 ? 4.746   -9.071  9.894   1.00 86.74  ? 95  GLU A OE2 1 
ATOM   713 N  N   . LEU A 1 96 ? 2.333   -11.816 5.016   1.00 68.34  ? 96  LEU A N   1 
ATOM   714 C  CA  . LEU A 1 96 ? 1.023   -12.117 4.472   1.00 67.67  ? 96  LEU A CA  1 
ATOM   715 C  C   . LEU A 1 96 ? 0.982   -13.584 4.079   1.00 71.89  ? 96  LEU A C   1 
ATOM   716 O  O   . LEU A 1 96 ? 0.084   -14.334 4.483   1.00 70.39  ? 96  LEU A O   1 
ATOM   717 C  CB  . LEU A 1 96 ? 0.790   -11.256 3.226   1.00 65.77  ? 96  LEU A CB  1 
ATOM   718 C  CG  . LEU A 1 96 ? -0.456  -11.520 2.392   1.00 64.32  ? 96  LEU A CG  1 
ATOM   719 C  CD1 . LEU A 1 96 ? -1.705  -11.235 3.196   1.00 67.25  ? 96  LEU A CD1 1 
ATOM   720 C  CD2 . LEU A 1 96 ? -0.452  -10.659 1.152   1.00 63.62  ? 96  LEU A CD2 1 
ATOM   721 N  N   . THR A 1 97 ? 1.976   -13.984 3.289   1.00 70.97  ? 97  THR A N   1 
ATOM   722 C  CA  . THR A 1 97 ? 2.052   -15.349 2.803   1.00 81.36  ? 97  THR A CA  1 
ATOM   723 C  C   . THR A 1 97 ? 2.689   -16.258 3.852   1.00 86.05  ? 97  THR A C   1 
ATOM   724 O  O   . THR A 1 97 ? 3.110   -17.340 3.530   1.00 91.11  ? 97  THR A O   1 
ATOM   725 C  CB  . THR A 1 97 ? 2.806   -15.479 1.439   1.00 81.01  ? 97  THR A CB  1 
ATOM   726 O  OG1 . THR A 1 97 ? 4.214   -15.261 1.614   1.00 84.41  ? 97  THR A OG1 1 
ATOM   727 C  CG2 . THR A 1 97 ? 2.208   -14.503 0.341   1.00 79.80  ? 97  THR A CG2 1 
ATOM   728 N  N   . ALA A 1 98 ? 2.798   -15.799 5.094   1.00 92.00  ? 98  ALA A N   1 
ATOM   729 C  CA  . ALA A 1 98 ? 3.059   -16.690 6.215   1.00 96.13  ? 98  ALA A CA  1 
ATOM   730 C  C   . ALA A 1 98 ? 1.814   -16.794 7.091   1.00 99.60  ? 98  ALA A C   1 
ATOM   731 O  O   . ALA A 1 98 ? 1.863   -17.466 8.094   1.00 100.77 ? 98  ALA A O   1 
ATOM   732 C  CB  . ALA A 1 98 ? 4.258   -16.214 7.034   1.00 93.19  ? 98  ALA A CB  1 
ATOM   733 N  N   . LEU A 1 99 ? 0.705   -16.144 6.729   1.00 99.80  ? 99  LEU A N   1 
ATOM   734 C  CA  . LEU A 1 99 ? -0.549  -16.336 7.463   1.00 101.47 ? 99  LEU A CA  1 
ATOM   735 C  C   . LEU A 1 99 ? -1.209  -17.632 7.015   1.00 101.08 ? 99  LEU A C   1 
ATOM   736 O  O   . LEU A 1 99 ? -0.554  -18.505 6.443   1.00 103.25 ? 99  LEU A O   1 
ATOM   737 C  CB  . LEU A 1 99 ? -1.517  -15.157 7.273   1.00 101.79 ? 99  LEU A CB  1 
ATOM   738 C  CG  . LEU A 1 99 ? -1.258  -13.837 8.029   1.00 101.77 ? 99  LEU A CG  1 
ATOM   739 C  CD1 . LEU A 1 99 ? -2.572  -13.052 8.140   1.00 97.16  ? 99  LEU A CD1 1 
ATOM   740 C  CD2 . LEU A 1 99 ? -0.608  -14.032 9.406   1.00 99.97  ? 99  LEU A CD2 1 
HETATM 741 FE FE1 . FES B 2 .  ? 0.447   -7.793  -7.765  1.00 43.33  ? 201 FES A FE1 1 
HETATM 742 FE FE2 . FES B 2 .  ? 0.214   -5.327  -6.504  1.00 39.93  ? 201 FES A FE2 1 
HETATM 743 S  S1  . FES B 2 .  ? 1.876   -6.056  -7.800  1.00 43.22  ? 201 FES A S1  1 
HETATM 744 S  S2  . FES B 2 .  ? -1.165  -7.062  -6.347  1.00 41.02  ? 201 FES A S2  1 
HETATM 745 O  O   . HOH C 3 .  ? -11.699 -6.509  -3.721  1.00 67.33  ? 301 HOH A O   1 
HETATM 746 O  O   . HOH C 3 .  ? -10.070 2.845   -9.713  1.00 51.32  ? 302 HOH A O   1 
HETATM 747 O  O   . HOH C 3 .  ? -8.649  0.642   -5.573  1.00 50.23  ? 303 HOH A O   1 
HETATM 748 O  O   . HOH C 3 .  ? -10.325 -8.774  -1.832  1.00 58.93  ? 304 HOH A O   1 
HETATM 749 O  O   . HOH C 3 .  ? -6.747  -3.840  4.743   1.00 49.69  ? 305 HOH A O   1 
HETATM 750 O  O   . HOH C 3 .  ? -6.944  -4.983  -2.736  1.00 45.86  ? 306 HOH A O   1 
HETATM 751 O  O   . HOH C 3 .  ? -10.642 -1.126  0.163   1.00 47.37  ? 307 HOH A O   1 
HETATM 752 O  O   . HOH C 3 .  ? 5.233   -2.158  -2.709  0.40 12.53  ? 308 HOH A O   1 
HETATM 753 O  O   . HOH C 3 .  ? 5.727   -6.808  -0.258  1.00 42.83  ? 309 HOH A O   1 
HETATM 754 O  O   . HOH C 3 .  ? -5.768  14.288  -9.821  1.00 71.13  ? 310 HOH A O   1 
HETATM 755 O  O   . HOH C 3 .  ? 5.220   -3.042  -0.328  0.60 26.42  ? 311 HOH A O   1 
HETATM 756 O  O   . HOH C 3 .  ? -3.055  5.733   -10.192 1.00 51.09  ? 312 HOH A O   1 
HETATM 757 O  O   . HOH C 3 .  ? -5.643  5.575   -10.845 1.00 67.41  ? 313 HOH A O   1 
HETATM 758 O  O   . HOH C 3 .  ? -7.777  -7.698  -2.457  1.00 51.28  ? 314 HOH A O   1 
HETATM 759 O  O   . HOH C 3 .  ? 2.837   -13.001 -5.843  1.00 66.38  ? 315 HOH A O   1 
HETATM 760 O  O   . HOH C 3 .  ? -12.292 -10.685 -0.835  1.00 64.45  ? 316 HOH A O   1 
HETATM 761 O  O   . HOH C 3 .  ? 1.947   8.387   -11.554 1.00 77.25  ? 317 HOH A O   1 
# 
loop_
_atom_site_anisotrop.id 
_atom_site_anisotrop.type_symbol 
_atom_site_anisotrop.pdbx_label_atom_id 
_atom_site_anisotrop.pdbx_label_alt_id 
_atom_site_anisotrop.pdbx_label_comp_id 
_atom_site_anisotrop.pdbx_label_asym_id 
_atom_site_anisotrop.pdbx_label_seq_id 
_atom_site_anisotrop.pdbx_PDB_ins_code 
_atom_site_anisotrop.U[1][1] 
_atom_site_anisotrop.U[2][2] 
_atom_site_anisotrop.U[3][3] 
_atom_site_anisotrop.U[1][2] 
_atom_site_anisotrop.U[1][3] 
_atom_site_anisotrop.U[2][3] 
_atom_site_anisotrop.pdbx_auth_seq_id 
_atom_site_anisotrop.pdbx_auth_comp_id 
_atom_site_anisotrop.pdbx_auth_asym_id 
_atom_site_anisotrop.pdbx_auth_atom_id 
1   N  N   . ALA A 2  ? 0.6991 0.5655 0.7010 0.1569  -0.0143 -0.0127 2   ALA A N   
2   C  CA  . ALA A 2  ? 0.6849 0.5337 0.6634 0.1530  -0.0305 0.0028  2   ALA A CA  
3   C  C   . ALA A 2  ? 0.6664 0.4973 0.6115 0.1255  -0.0225 0.0133  2   ALA A C   
4   O  O   . ALA A 2  ? 0.7191 0.5566 0.6559 0.1172  -0.0285 0.0216  2   ALA A O   
5   C  CB  . ALA A 2  ? 0.7259 0.5310 0.6844 0.1749  -0.0504 0.0085  2   ALA A CB  
6   N  N   . SER A 3  ? 0.6682 0.4817 0.5976 0.1113  -0.0089 0.0109  3   SER A N   
7   C  CA  . SER A 3  ? 0.6621 0.4790 0.5771 0.0849  0.0010  0.0159  3   SER A CA  
8   C  C   . SER A 3  ? 0.6428 0.4837 0.5735 0.0757  0.0142  0.0066  3   SER A C   
9   O  O   . SER A 3  ? 0.6825 0.5083 0.6097 0.0801  0.0194  -0.0014 3   SER A O   
10  C  CB  . SER A 3  ? 0.7061 0.4743 0.5822 0.0721  0.0031  0.0220  3   SER A CB  
11  O  OG  . SER A 3  ? 0.8080 0.5541 0.6596 0.0704  -0.0058 0.0334  3   SER A OG  
12  N  N   . TYR A 4  ? 0.5856 0.4567 0.5272 0.0618  0.0192  0.0079  4   TYR A N   
13  C  CA  . TYR A 4  ? 0.5507 0.4403 0.5013 0.0536  0.0286  0.0006  4   TYR A CA  
14  C  C   . TYR A 4  ? 0.5760 0.4665 0.5166 0.0340  0.0315  0.0035  4   TYR A C   
15  O  O   . TYR A 4  ? 0.5474 0.4410 0.4855 0.0263  0.0292  0.0100  4   TYR A O   
16  C  CB  . TYR A 4  ? 0.5350 0.4627 0.5119 0.0575  0.0306  -0.0025 4   TYR A CB  
17  C  CG  . TYR A 4  ? 0.5477 0.4862 0.5447 0.0757  0.0291  -0.0092 4   TYR A CG  
18  C  CD1 . TYR A 4  ? 0.5751 0.5080 0.5753 0.0843  0.0372  -0.0206 4   TYR A CD1 
19  C  CD2 . TYR A 4  ? 0.5253 0.4820 0.5402 0.0849  0.0196  -0.0065 4   TYR A CD2 
20  C  CE1 . TYR A 4  ? 0.5554 0.5052 0.5820 0.1028  0.0370  -0.0296 4   TYR A CE1 
21  C  CE2 . TYR A 4  ? 0.4926 0.4673 0.5340 0.1023  0.0166  -0.0148 4   TYR A CE2 
22  C  CZ  . TYR A 4  ? 0.5217 0.4951 0.5715 0.1120  0.0260  -0.0267 4   TYR A CZ  
23  O  OH  . TYR A 4  ? 0.5678 0.5634 0.6504 0.1317  0.0244  -0.0381 4   TYR A OH  
24  N  N   . LYS A 5  ? 0.6348 0.5247 0.5705 0.0264  0.0365  -0.0028 5   LYS A N   
25  C  CA  . LYS A 5  ? 0.6911 0.5874 0.6227 0.0096  0.0361  -0.0022 5   LYS A CA  
26  C  C   . LYS A 5  ? 0.6171 0.5445 0.5653 0.0085  0.0339  0.0009  5   LYS A C   
27  O  O   . LYS A 5  ? 0.5710 0.5097 0.5245 0.0133  0.0361  -0.0013 5   LYS A O   
28  C  CB  . LYS A 5  ? 0.7838 0.6679 0.7012 0.0024  0.0388  -0.0103 5   LYS A CB  
29  C  CG  . LYS A 5  ? 1.0108 0.9007 0.9252 -0.0154 0.0346  -0.0107 5   LYS A CG  
30  C  CD  . LYS A 5  ? 1.1789 1.0678 1.0808 -0.0228 0.0329  -0.0180 5   LYS A CD  
31  C  CE  . LYS A 5  ? 1.3219 1.1918 1.2086 -0.0388 0.0307  -0.0242 5   LYS A CE  
32  N  NZ  . LYS A 5  ? 1.4527 1.2831 1.3197 -0.0363 0.0376  -0.0288 5   LYS A NZ  
33  N  N   . VAL A 6  ? 0.5655 0.5046 0.5212 0.0019  0.0310  0.0051  6   VAL A N   
34  C  CA  . VAL A 6  ? 0.5406 0.5033 0.5106 0.0021  0.0276  0.0073  6   VAL A CA  
35  C  C   . VAL A 6  ? 0.5456 0.5182 0.5196 -0.0080 0.0229  0.0052  6   VAL A C   
36  O  O   . VAL A 6  ? 0.5869 0.5600 0.5635 -0.0165 0.0240  0.0035  6   VAL A O   
37  C  CB  . VAL A 6  ? 0.5147 0.4859 0.4942 0.0060  0.0275  0.0114  6   VAL A CB  
38  C  CG1 . VAL A 6  ? 0.5306 0.5199 0.5230 0.0074  0.0240  0.0126  6   VAL A CG1 
39  C  CG2 . VAL A 6  ? 0.5055 0.4703 0.4832 0.0158  0.0278  0.0130  6   VAL A CG2 
40  N  N   . LYS A 7  ? 0.5286 0.5085 0.5021 -0.0077 0.0171  0.0051  7   LYS A N   
41  C  CA  . LYS A 7  ? 0.5659 0.5576 0.5452 -0.0134 0.0073  0.0034  7   LYS A CA  
42  C  C   . LYS A 7  ? 0.5166 0.5216 0.5091 -0.0054 0.0012  0.0075  7   LYS A C   
43  O  O   . LYS A 7  ? 0.4770 0.4749 0.4613 -0.0003 0.0023  0.0116  7   LYS A O   
44  C  CB  . LYS A 7  ? 0.6679 0.6472 0.6255 -0.0181 0.0029  0.0009  7   LYS A CB  
45  C  CG  . LYS A 7  ? 0.8479 0.8308 0.8043 -0.0292 -0.0056 -0.0048 7   LYS A CG  
46  C  CD  . LYS A 7  ? 0.9632 0.9397 0.8987 -0.0324 -0.0175 -0.0053 7   LYS A CD  
47  C  CE  . LYS A 7  ? 1.0825 1.0667 1.0199 -0.0443 -0.0298 -0.0122 7   LYS A CE  
48  N  NZ  . LYS A 7  ? 1.2323 1.1968 1.1540 -0.0554 -0.0198 -0.0197 7   LYS A NZ  
49  N  N   . LEU A 8  ? 0.5126 0.5361 0.5263 -0.0048 -0.0034 0.0053  8   LEU A N   
50  C  CA  . LEU A 8  ? 0.5254 0.5581 0.5529 0.0052  -0.0088 0.0074  8   LEU A CA  
51  C  C   . LEU A 8  ? 0.4953 0.5393 0.5322 0.0075  -0.0250 0.0057  8   LEU A C   
52  O  O   . LEU A 8  ? 0.4907 0.5534 0.5445 0.0016  -0.0286 -0.0009 8   LEU A O   
53  C  CB  . LEU A 8  ? 0.5206 0.5680 0.5686 0.0067  -0.0002 0.0033  8   LEU A CB  
54  C  CG  . LEU A 8  ? 0.5271 0.5621 0.5641 0.0064  0.0118  0.0060  8   LEU A CG  
55  C  CD1 . LEU A 8  ? 0.5201 0.5666 0.5704 0.0074  0.0193  0.0018  8   LEU A CD1 
56  C  CD2 . LEU A 8  ? 0.5111 0.5323 0.5355 0.0124  0.0107  0.0114  8   LEU A CD2 
57  N  N   . ILE A 9  ? 0.5623 0.5938 0.5872 0.0148  -0.0361 0.0115  9   ILE A N   
58  C  CA  . ILE A 9  ? 0.5698 0.6073 0.5987 0.0195  -0.0570 0.0114  9   ILE A CA  
59  C  C   . ILE A 9  ? 0.5802 0.6287 0.6347 0.0348  -0.0651 0.0100  9   ILE A C   
60  O  O   . ILE A 9  ? 0.5941 0.6211 0.6349 0.0430  -0.0684 0.0167  9   ILE A O   
61  C  CB  . ILE A 9  ? 0.6575 0.6661 0.6460 0.0160  -0.0663 0.0192  9   ILE A CB  
62  C  CG1 . ILE A 9  ? 0.6960 0.7019 0.6680 0.0018  -0.0608 0.0148  9   ILE A CG1 
63  C  CG2 . ILE A 9  ? 0.6867 0.6926 0.6720 0.0244  -0.0926 0.0224  9   ILE A CG2 
64  C  CD1 . ILE A 9  ? 0.7633 0.7468 0.7070 -0.0042 -0.0446 0.0176  9   ILE A CD1 
65  N  N   . THR A 10 ? 0.6149 0.6976 0.7078 0.0370  -0.0660 -0.0002 10  THR A N   
66  C  CA  . THR A 10 ? 0.6515 0.7534 0.7785 0.0523  -0.0685 -0.0067 10  THR A CA  
67  C  C   . THR A 10 ? 0.7509 0.8610 0.8916 0.0661  -0.0960 -0.0072 10  THR A C   
68  O  O   . THR A 10 ? 0.7435 0.8485 0.8672 0.0600  -0.1119 -0.0035 10  THR A O   
69  C  CB  . THR A 10 ? 0.6426 0.7823 0.8068 0.0454  -0.0518 -0.0201 10  THR A CB  
70  O  OG1 . THR A 10 ? 0.5246 0.6997 0.7192 0.0407  -0.0623 -0.0293 10  THR A OG1 
71  C  CG2 . THR A 10 ? 0.6052 0.7322 0.7473 0.0282  -0.0295 -0.0177 10  THR A CG2 
72  N  N   . PRO A 11 ? 0.7481 0.8709 0.9195 0.0857  -0.1032 -0.0132 11  PRO A N   
73  C  CA  . PRO A 11 ? 0.7853 0.9198 0.9777 0.1041  -0.1329 -0.0154 11  PRO A CA  
74  C  C   . PRO A 11 ? 0.8083 0.9870 1.0335 0.0979  -0.1464 -0.0253 11  PRO A C   
75  O  O   . PRO A 11 ? 0.8097 0.9871 1.0324 0.1070  -0.1764 -0.0221 11  PRO A O   
76  C  CB  . PRO A 11 ? 0.7554 0.9034 0.9851 0.1256  -0.1293 -0.0255 11  PRO A CB  
77  C  CG  . PRO A 11 ? 0.7534 0.8669 0.9518 0.1196  -0.1067 -0.0195 11  PRO A CG  
78  C  CD  . PRO A 11 ? 0.7330 0.8504 0.9131 0.0938  -0.0864 -0.0170 11  PRO A CD  
79  N  N   . ASP A 12 ? 0.8437 1.0590 1.0965 0.0809  -0.1257 -0.0370 12  ASP A N   
80  C  CA  . ASP A 12 ? 0.9586 1.2141 1.2398 0.0692  -0.1367 -0.0471 12  ASP A CA  
81  C  C   . ASP A 12 ? 0.9012 1.1409 1.1479 0.0409  -0.1226 -0.0433 12  ASP A C   
82  O  O   . ASP A 12 ? 0.8551 1.1260 1.1253 0.0222  -0.1123 -0.0544 12  ASP A O   
83  C  CB  . ASP A 12 ? 1.0904 1.4075 1.4407 0.0721  -0.1272 -0.0675 12  ASP A CB  
84  C  CG  . ASP A 12 ? 1.1214 1.4397 1.4753 0.0642  -0.0913 -0.0724 12  ASP A CG  
85  O  OD1 . ASP A 12 ? 1.1848 1.4615 1.4906 0.0523  -0.0753 -0.0606 12  ASP A OD1 
86  O  OD2 . ASP A 12 ? 1.1731 1.5341 1.5772 0.0704  -0.0797 -0.0889 12  ASP A OD2 
87  N  N   . GLY A 13 ? 0.8563 1.0462 1.0470 0.0374  -0.1211 -0.0286 13  GLY A N   
88  C  CA  . GLY A 13 ? 0.7660 0.9354 0.9204 0.0159  -0.1136 -0.0254 13  GLY A CA  
89  C  C   . GLY A 13 ? 0.6666 0.8145 0.7992 0.0039  -0.0843 -0.0222 13  GLY A C   
90  O  O   . GLY A 13 ? 0.5743 0.7220 0.7161 0.0100  -0.0681 -0.0218 13  GLY A O   
91  N  N   . PRO A 14 ? 0.6346 0.7620 0.7359 -0.0124 -0.0791 -0.0209 14  PRO A N   
92  C  CA  . PRO A 14 ? 0.6174 0.7163 0.6907 -0.0201 -0.0569 -0.0164 14  PRO A CA  
93  C  C   . PRO A 14 ? 0.6144 0.7260 0.7061 -0.0309 -0.0364 -0.0226 14  PRO A C   
94  O  O   . PRO A 14 ? 0.5584 0.6972 0.6757 -0.0430 -0.0366 -0.0325 14  PRO A O   
95  C  CB  . PRO A 14 ? 0.6082 0.6830 0.6456 -0.0326 -0.0613 -0.0164 14  PRO A CB  
96  C  CG  . PRO A 14 ? 0.6100 0.7090 0.6638 -0.0398 -0.0817 -0.0244 14  PRO A CG  
97  C  CD  . PRO A 14 ? 0.6408 0.7700 0.7310 -0.0232 -0.0974 -0.0247 14  PRO A CD  
98  N  N   . ILE A 15 ? 0.5796 0.6713 0.6566 -0.0279 -0.0196 -0.0171 15  ILE A N   
99  C  CA  . ILE A 15 ? 0.6166 0.7024 0.6904 -0.0406 -0.0015 -0.0196 15  ILE A CA  
100 C  C   . ILE A 15 ? 0.6570 0.7057 0.6965 -0.0380 0.0070  -0.0117 15  ILE A C   
101 O  O   . ILE A 15 ? 0.7134 0.7522 0.7441 -0.0251 0.0059  -0.0055 15  ILE A O   
102 C  CB  . ILE A 15 ? 0.6244 0.7331 0.7240 -0.0403 0.0106  -0.0240 15  ILE A CB  
103 C  CG1 . ILE A 15 ? 0.6461 0.7484 0.7436 -0.0233 0.0125  -0.0185 15  ILE A CG1 
104 C  CG2 . ILE A 15 ? 0.6415 0.7946 0.7844 -0.0417 0.0039  -0.0353 15  ILE A CG2 
105 C  CD1 . ILE A 15 ? 0.7625 0.8397 0.8351 -0.0264 0.0271  -0.0131 15  ILE A CD1 
106 N  N   . GLU A 16 ? 0.6839 0.7117 0.7052 -0.0503 0.0150  -0.0130 16  GLU A N   
107 C  CA  . GLU A 16 ? 0.7413 0.7363 0.7356 -0.0449 0.0221  -0.0073 16  GLU A CA  
108 C  C   . GLU A 16 ? 0.6682 0.6463 0.6520 -0.0520 0.0338  -0.0053 16  GLU A C   
109 O  O   . GLU A 16 ? 0.6533 0.6380 0.6430 -0.0678 0.0398  -0.0096 16  GLU A O   
110 C  CB  . GLU A 16 ? 0.8423 0.8134 0.8135 -0.0476 0.0190  -0.0095 16  GLU A CB  
111 C  CG  . GLU A 16 ? 0.9610 0.9329 0.9300 -0.0646 0.0144  -0.0173 16  GLU A CG  
112 C  CD  . GLU A 16 ? 1.1737 1.1152 1.1135 -0.0659 0.0135  -0.0208 16  GLU A CD  
113 O  OE1 . GLU A 16 ? 1.2416 1.1629 1.1666 -0.0532 0.0194  -0.0177 16  GLU A OE1 
114 O  OE2 . GLU A 16 ? 1.1948 1.1342 1.1271 -0.0793 0.0069  -0.0282 16  GLU A OE2 
115 N  N   . PHE A 17 ? 0.6121 0.5678 0.5793 -0.0410 0.0365  0.0010  17  PHE A N   
116 C  CA  . PHE A 17 ? 0.6348 0.5616 0.5801 -0.0447 0.0437  0.0054  17  PHE A CA  
117 C  C   . PHE A 17 ? 0.6369 0.5389 0.5665 -0.0284 0.0399  0.0097  17  PHE A C   
118 O  O   . PHE A 17 ? 0.6425 0.5562 0.5818 -0.0170 0.0355  0.0082  17  PHE A O   
119 C  CB  . PHE A 17 ? 0.6094 0.5490 0.5604 -0.0464 0.0498  0.0078  17  PHE A CB  
120 C  CG  . PHE A 17 ? 0.6173 0.5795 0.5856 -0.0315 0.0453  0.0088  17  PHE A CG  
121 C  CD1 . PHE A 17 ? 0.6797 0.6743 0.6753 -0.0303 0.0427  0.0038  17  PHE A CD1 
122 C  CD2 . PHE A 17 ? 0.6393 0.5887 0.5967 -0.0187 0.0418  0.0145  17  PHE A CD2 
123 C  CE1 . PHE A 17 ? 0.6814 0.6888 0.6882 -0.0174 0.0384  0.0051  17  PHE A CE1 
124 C  CE2 . PHE A 17 ? 0.6157 0.5833 0.5873 -0.0084 0.0380  0.0146  17  PHE A CE2 
125 C  CZ  . PHE A 17 ? 0.6294 0.6228 0.6234 -0.0084 0.0371  0.0102  17  PHE A CZ  
126 N  N   . GLU A 18 ? 0.7077 0.5752 0.6128 -0.0277 0.0416  0.0145  18  GLU A N   
127 C  CA  . GLU A 18 ? 0.7666 0.6151 0.6628 -0.0086 0.0358  0.0177  18  GLU A CA  
128 C  C   . GLU A 18 ? 0.6792 0.5346 0.5759 -0.0009 0.0324  0.0241  18  GLU A C   
129 O  O   . GLU A 18 ? 0.7155 0.5670 0.6011 -0.0116 0.0366  0.0277  18  GLU A O   
130 C  CB  . GLU A 18 ? 0.8839 0.6851 0.7519 -0.0072 0.0349  0.0184  18  GLU A CB  
131 C  CG  . GLU A 18 ? 1.0548 0.8513 0.9248 -0.0076 0.0365  0.0090  18  GLU A CG  
132 C  CD  . GLU A 18 ? 1.2670 1.0433 1.1333 0.0141  0.0333  0.0050  18  GLU A CD  
133 O  OE1 . GLU A 18 ? 1.3693 1.1265 1.2285 0.0295  0.0269  0.0106  18  GLU A OE1 
134 O  OE2 . GLU A 18 ? 1.2055 0.9851 1.0760 0.0163  0.0368  -0.0047 18  GLU A OE2 
135 N  N   . CYS A 19 ? 0.6803 0.5489 0.5909 0.0162  0.0257  0.0239  19  CYS A N   
136 C  CA  . CYS A 19 ? 0.6321 0.5128 0.5470 0.0234  0.0202  0.0278  19  CYS A CA  
137 C  C   . CYS A 19 ? 0.6354 0.5085 0.5520 0.0426  0.0093  0.0289  19  CYS A C   
138 O  O   . CYS A 19 ? 0.6415 0.5315 0.5799 0.0532  0.0087  0.0227  19  CYS A O   
139 C  CB  . CYS A 19 ? 0.5703 0.4889 0.5116 0.0219  0.0224  0.0240  19  CYS A CB  
140 S  SG  . CYS A 19 ? 0.5457 0.4794 0.4929 0.0282  0.0160  0.0261  19  CYS A SG  
141 N  N   . PRO A 20 ? 0.6838 0.5330 0.5777 0.0472  0.0004  0.0360  20  PRO A N   
142 C  CA  . PRO A 20 ? 0.6942 0.5398 0.5938 0.0683  -0.0146 0.0365  20  PRO A CA  
143 C  C   . PRO A 20 ? 0.6205 0.5112 0.5578 0.0757  -0.0174 0.0298  20  PRO A C   
144 O  O   . PRO A 20 ? 0.5875 0.5024 0.5349 0.0647  -0.0115 0.0285  20  PRO A O   
145 C  CB  . PRO A 20 ? 0.7087 0.5232 0.5721 0.0676  -0.0255 0.0469  20  PRO A CB  
146 C  CG  . PRO A 20 ? 0.7077 0.4943 0.5393 0.0467  -0.0126 0.0514  20  PRO A CG  
147 C  CD  . PRO A 20 ? 0.7136 0.5359 0.5730 0.0333  0.0031  0.0435  20  PRO A CD  
148 N  N   . ASP A 21 ? 0.6067 0.5074 0.5650 0.0942  -0.0259 0.0247  21  ASP A N   
149 C  CA  . ASP A 21 ? 0.6449 0.5908 0.6420 0.0985  -0.0262 0.0165  21  ASP A CA  
150 C  C   . ASP A 21 ? 0.6359 0.5968 0.6355 0.0972  -0.0386 0.0192  21  ASP A C   
151 O  O   . ASP A 21 ? 0.5938 0.5908 0.6221 0.0943  -0.0373 0.0127  21  ASP A O   
152 C  CB  . ASP A 21 ? 0.6785 0.6366 0.7032 0.1184  -0.0298 0.0071  21  ASP A CB  
153 C  CG  . ASP A 21 ? 0.7634 0.6952 0.7774 0.1398  -0.0503 0.0111  21  ASP A CG  
154 O  OD1 . ASP A 21 ? 0.8678 0.7645 0.8448 0.1381  -0.0623 0.0229  21  ASP A OD1 
155 O  OD2 . ASP A 21 ? 0.8596 0.8041 0.9017 0.1598  -0.0544 0.0015  21  ASP A OD2 
156 N  N   . ASP A 22 ? 0.6808 0.6110 0.6462 0.0976  -0.0500 0.0284  22  ASP A N   
157 C  CA  . ASP A 22 ? 0.7164 0.6526 0.6723 0.0944  -0.0630 0.0313  22  ASP A CA  
158 C  C   . ASP A 22 ? 0.6648 0.5847 0.5884 0.0748  -0.0526 0.0364  22  ASP A C   
159 O  O   . ASP A 22 ? 0.7089 0.6160 0.6066 0.0712  -0.0615 0.0404  22  ASP A O   
160 C  CB  . ASP A 22 ? 0.6875 0.6026 0.6268 0.1120  -0.0882 0.0368  22  ASP A CB  
161 C  CG  . ASP A 22 ? 0.8389 0.6951 0.7283 0.1140  -0.0913 0.0485  22  ASP A CG  
162 O  OD1 . ASP A 22 ? 0.8323 0.6675 0.7022 0.0994  -0.0727 0.0513  22  ASP A OD1 
163 O  OD2 . ASP A 22 ? 0.9518 0.7804 0.8198 0.1296  -0.1140 0.0551  22  ASP A OD2 
164 N  N   . VAL A 23 ? 0.6521 0.5749 0.5788 0.0626  -0.0336 0.0346  23  VAL A N   
165 C  CA  . VAL A 23 ? 0.6163 0.5321 0.5233 0.0464  -0.0222 0.0360  23  VAL A CA  
166 C  C   . VAL A 23 ? 0.5633 0.5085 0.4993 0.0403  -0.0111 0.0291  23  VAL A C   
167 O  O   . VAL A 23 ? 0.5236 0.4809 0.4808 0.0436  -0.0070 0.0263  23  VAL A O   
168 C  CB  . VAL A 23 ? 0.6698 0.5552 0.5495 0.0376  -0.0121 0.0410  23  VAL A CB  
169 C  CG1 . VAL A 23 ? 0.6312 0.5205 0.5017 0.0207  0.0033  0.0387  23  VAL A CG1 
170 C  CG2 . VAL A 23 ? 0.7280 0.5726 0.5688 0.0433  -0.0250 0.0502  23  VAL A CG2 
171 N  N   . TYR A 24 ? 0.5211 0.4739 0.4543 0.0321  -0.0066 0.0262  24  TYR A N   
172 C  CA  . TYR A 24 ? 0.4611 0.4347 0.4179 0.0283  0.0009  0.0208  24  TYR A CA  
173 C  C   . TYR A 24 ? 0.4618 0.4343 0.4210 0.0229  0.0126  0.0206  24  TYR A C   
174 O  O   . TYR A 24 ? 0.4973 0.4568 0.4394 0.0165  0.0193  0.0220  24  TYR A O   
175 C  CB  . TYR A 24 ? 0.5016 0.4781 0.4529 0.0229  0.0018  0.0163  24  TYR A CB  
176 C  CG  . TYR A 24 ? 0.4790 0.4610 0.4307 0.0245  -0.0105 0.0141  24  TYR A CG  
177 C  CD1 . TYR A 24 ? 0.4833 0.4842 0.4601 0.0288  -0.0178 0.0122  24  TYR A CD1 
178 C  CD2 . TYR A 24 ? 0.5374 0.5082 0.4653 0.0197  -0.0136 0.0116  24  TYR A CD2 
179 C  CE1 . TYR A 24 ? 0.4803 0.4920 0.4627 0.0277  -0.0296 0.0082  24  TYR A CE1 
180 C  CE2 . TYR A 24 ? 0.5263 0.5033 0.4542 0.0193  -0.0271 0.0080  24  TYR A CE2 
181 C  CZ  . TYR A 24 ? 0.5231 0.5223 0.4810 0.0229  -0.0357 0.0063  24  TYR A CZ  
182 O  OH  . TYR A 24 ? 0.5236 0.5339 0.4859 0.0203  -0.0499 0.0012  24  TYR A OH  
183 N  N   . ILE A 25 ? 0.4411 0.4277 0.4206 0.0233  0.0154  0.0182  25  ILE A N   
184 C  CA  . ILE A 25 ? 0.4695 0.4582 0.4543 0.0192  0.0223  0.0173  25  ILE A CA  
185 C  C   . ILE A 25 ? 0.5246 0.5165 0.5085 0.0131  0.0297  0.0138  25  ILE A C   
186 O  O   . ILE A 25 ? 0.4900 0.4832 0.4751 0.0072  0.0355  0.0126  25  ILE A O   
187 C  CB  . ILE A 25 ? 0.4576 0.4571 0.4578 0.0207  0.0212  0.0162  25  ILE A CB  
188 C  CG1 . ILE A 25 ? 0.4850 0.4822 0.4856 0.0242  0.0200  0.0171  25  ILE A CG1 
189 C  CG2 . ILE A 25 ? 0.4579 0.4621 0.4644 0.0175  0.0235  0.0148  25  ILE A CG2 
190 C  CD1 . ILE A 25 ? 0.5135 0.5185 0.5222 0.0232  0.0216  0.0156  25  ILE A CD1 
191 N  N   . LEU A 26 ? 0.5503 0.5458 0.5350 0.0141  0.0304  0.0101  26  LEU A N   
192 C  CA  . LEU A 26 ? 0.5169 0.5192 0.5059 0.0110  0.0393  0.0034  26  LEU A CA  
193 C  C   . LEU A 26 ? 0.5355 0.5274 0.5021 0.0019  0.0484  0.0031  26  LEU A C   
194 O  O   . LEU A 26 ? 0.5691 0.5694 0.5409 -0.0055 0.0597  -0.0017 26  LEU A O   
195 C  CB  . LEU A 26 ? 0.5367 0.5399 0.5297 0.0156  0.0379  -0.0021 26  LEU A CB  
196 C  CG  . LEU A 26 ? 0.6215 0.6314 0.6195 0.0153  0.0487  -0.0123 26  LEU A CG  
197 C  CD1 . LEU A 26 ? 0.6243 0.6535 0.6501 0.0186  0.0514  -0.0166 26  LEU A CD1 
198 C  CD2 . LEU A 26 ? 0.6953 0.6975 0.6911 0.0204  0.0465  -0.0182 26  LEU A CD2 
199 N  N   . ASP A 27 ? 0.5819 0.5551 0.5226 0.0015  0.0427  0.0084  27  ASP A N   
200 C  CA  . ASP A 27 ? 0.6564 0.6085 0.5638 -0.0078 0.0484  0.0118  27  ASP A CA  
201 C  C   . ASP A 27 ? 0.6037 0.5492 0.5091 -0.0150 0.0538  0.0154  27  ASP A C   
202 O  O   . ASP A 27 ? 0.6231 0.5663 0.5189 -0.0280 0.0675  0.0124  27  ASP A O   
203 C  CB  . ASP A 27 ? 0.7797 0.7095 0.6593 -0.0032 0.0341  0.0193  27  ASP A CB  
204 C  CG  . ASP A 27 ? 0.8672 0.7972 0.7364 -0.0018 0.0294  0.0146  27  ASP A CG  
205 O  OD1 . ASP A 27 ? 0.9687 0.9115 0.8494 -0.0043 0.0393  0.0054  27  ASP A OD1 
206 O  OD2 . ASP A 27 ? 0.9108 0.8279 0.7613 0.0023  0.0144  0.0193  27  ASP A OD2 
207 N  N   . GLN A 28 ? 0.6133 0.5558 0.5276 -0.0082 0.0445  0.0202  28  GLN A N   
208 C  CA  . GLN A 28 ? 0.6130 0.5435 0.5217 -0.0157 0.0484  0.0227  28  GLN A CA  
209 C  C   . GLN A 28 ? 0.6309 0.5862 0.5646 -0.0250 0.0592  0.0148  28  GLN A C   
210 O  O   . GLN A 28 ? 0.6776 0.6262 0.6027 -0.0399 0.0690  0.0137  28  GLN A O   
211 C  CB  . GLN A 28 ? 0.6572 0.5825 0.5737 -0.0045 0.0374  0.0262  28  GLN A CB  
212 C  CG  . GLN A 28 ? 0.7393 0.6387 0.6393 -0.0096 0.0385  0.0294  28  GLN A CG  
213 C  CD  . GLN A 28 ? 0.7598 0.6210 0.6191 -0.0174 0.0402  0.0365  28  GLN A CD  
214 O  OE1 . GLN A 28 ? 0.8590 0.7081 0.6989 -0.0120 0.0337  0.0412  28  GLN A OE1 
215 N  NE2 . GLN A 28 ? 0.7978 0.6391 0.6411 -0.0325 0.0488  0.0371  28  GLN A NE2 
216 N  N   . ALA A 29 ? 0.5774 0.5607 0.5420 -0.0174 0.0565  0.0091  29  ALA A N   
217 C  CA  . ALA A 29 ? 0.5979 0.6077 0.5905 -0.0227 0.0619  0.0010  29  ALA A CA  
218 C  C   . ALA A 29 ? 0.6190 0.6410 0.6138 -0.0355 0.0785  -0.0071 29  ALA A C   
219 O  O   . ALA A 29 ? 0.6035 0.6436 0.6154 -0.0475 0.0867  -0.0138 29  ALA A O   
220 C  CB  . ALA A 29 ? 0.5532 0.5830 0.5720 -0.0096 0.0530  -0.0020 29  ALA A CB  
221 N  N   . GLU A 30 ? 0.6102 0.6237 0.5879 -0.0342 0.0841  -0.0080 30  GLU A N   
222 C  CA  . GLU A 30 ? 0.6734 0.6931 0.6444 -0.0469 0.1029  -0.0163 30  GLU A CA  
223 C  C   . GLU A 30 ? 0.7291 0.7227 0.6640 -0.0674 0.1142  -0.0111 30  GLU A C   
224 O  O   . GLU A 30 ? 0.7338 0.7429 0.6763 -0.0843 0.1324  -0.0198 30  GLU A O   
225 C  CB  . GLU A 30 ? 0.7482 0.7605 0.7045 -0.0393 0.1038  -0.0188 30  GLU A CB  
226 C  CG  . GLU A 30 ? 0.8081 0.8449 0.8007 -0.0226 0.0977  -0.0272 30  GLU A CG  
227 C  CD  . GLU A 30 ? 0.8807 0.9063 0.8567 -0.0169 0.0992  -0.0317 30  GLU A CD  
228 O  OE1 . GLU A 30 ? 0.9391 0.9376 0.8743 -0.0235 0.0983  -0.0252 30  GLU A OE1 
229 O  OE2 . GLU A 30 ? 0.8649 0.9056 0.8659 -0.0054 0.0992  -0.0415 30  GLU A OE2 
230 N  N   . GLU A 31 ? 0.7796 0.7337 0.6767 -0.0660 0.1034  0.0022  31  GLU A N   
231 C  CA  . GLU A 31 ? 0.8744 0.7920 0.7318 -0.0838 0.1099  0.0100  31  GLU A CA  
232 C  C   . GLU A 31 ? 0.8384 0.7682 0.7170 -0.0966 0.1155  0.0060  31  GLU A C   
233 O  O   . GLU A 31 ? 0.9071 0.8183 0.7624 -0.1187 0.1290  0.0067  31  GLU A O   
234 C  CB  . GLU A 31 ? 0.9731 0.8462 0.7937 -0.0737 0.0920  0.0246  31  GLU A CB  
235 C  CG  . GLU A 31 ? 1.2299 1.0698 1.0019 -0.0748 0.0898  0.0317  31  GLU A CG  
236 C  CD  . GLU A 31 ? 1.5043 1.2874 1.2245 -0.0761 0.0789  0.0464  31  GLU A CD  
237 O  OE1 . GLU A 31 ? 1.6033 1.3665 1.3181 -0.0830 0.0801  0.0502  31  GLU A OE1 
238 O  OE2 . GLU A 31 ? 1.6918 1.4467 1.3738 -0.0700 0.0674  0.0543  31  GLU A OE2 
239 N  N   . GLU A 32 ? 0.7830 0.7418 0.7023 -0.0848 0.1051  0.0017  32  GLU A N   
240 C  CA  . GLU A 32 ? 0.7739 0.7491 0.7168 -0.0960 0.1066  -0.0040 32  GLU A CA  
241 C  C   . GLU A 32 ? 0.7550 0.7810 0.7421 -0.1050 0.1185  -0.0193 32  GLU A C   
242 O  O   . GLU A 32 ? 0.7262 0.7750 0.7409 -0.1129 0.1163  -0.0259 32  GLU A O   
243 C  CB  . GLU A 32 ? 0.8127 0.7922 0.7726 -0.0785 0.0879  -0.0013 32  GLU A CB  
244 C  CG  . GLU A 32 ? 0.9963 0.9486 0.9393 -0.0868 0.0836  0.0022  32  GLU A CG  
245 C  CD  . GLU A 32 ? 1.0302 0.9300 0.9271 -0.0847 0.0813  0.0136  32  GLU A CD  
246 O  OE1 . GLU A 32 ? 1.0545 0.9453 0.9419 -0.0672 0.0731  0.0198  32  GLU A OE1 
247 O  OE2 . GLU A 32 ? 1.1613 1.0283 1.0320 -0.1008 0.0864  0.0159  32  GLU A OE2 
248 N  N   . GLY A 33 ? 0.7710 0.8170 0.7680 -0.1026 0.1297  -0.0266 33  GLY A N   
249 C  CA  . GLY A 33 ? 0.7388 0.8368 0.7835 -0.1084 0.1420  -0.0438 33  GLY A CA  
250 C  C   . GLY A 33 ? 0.7029 0.8391 0.7964 -0.0850 0.1267  -0.0511 33  GLY A C   
251 O  O   . GLY A 33 ? 0.6615 0.8440 0.8012 -0.0853 0.1324  -0.0662 33  GLY A O   
252 N  N   . HIS A 34 ? 0.6757 0.7935 0.7600 -0.0644 0.1076  -0.0412 34  HIS A N   
253 C  CA  . HIS A 34 ? 0.6369 0.7817 0.7588 -0.0441 0.0920  -0.0459 34  HIS A CA  
254 C  C   . HIS A 34 ? 0.6469 0.7952 0.7740 -0.0290 0.0957  -0.0509 34  HIS A C   
255 O  O   . HIS A 34 ? 0.7278 0.8497 0.8214 -0.0308 0.1030  -0.0464 34  HIS A O   
256 C  CB  . HIS A 34 ? 0.6387 0.7620 0.7474 -0.0339 0.0714  -0.0341 34  HIS A CB  
257 C  CG  . HIS A 34 ? 0.6701 0.7829 0.7676 -0.0484 0.0684  -0.0303 34  HIS A CG  
258 N  ND1 . HIS A 34 ? 0.6939 0.8358 0.8200 -0.0588 0.0662  -0.0391 34  HIS A ND1 
259 C  CD2 . HIS A 34 ? 0.7276 0.8035 0.7893 -0.0539 0.0668  -0.0202 34  HIS A CD2 
260 C  CE1 . HIS A 34 ? 0.6927 0.8122 0.7967 -0.0721 0.0640  -0.0344 34  HIS A CE1 
261 N  NE2 . HIS A 34 ? 0.7592 0.8374 0.8241 -0.0681 0.0649  -0.0231 34  HIS A NE2 
262 N  N   . ASP A 35 ? 0.7080 0.8868 0.8756 -0.0135 0.0888  -0.0610 35  ASP A N   
263 C  CA  . ASP A 35 ? 0.7575 0.9371 0.9322 0.0030  0.0916  -0.0681 35  ASP A CA  
264 C  C   . ASP A 35 ? 0.6954 0.8596 0.8710 0.0235  0.0687  -0.0602 35  ASP A C   
265 O  O   . ASP A 35 ? 0.7877 0.9702 0.9928 0.0348  0.0532  -0.0624 35  ASP A O   
266 C  CB  . ASP A 35 ? 0.8179 1.0427 1.0397 0.0067  0.1045  -0.0888 35  ASP A CB  
267 C  CG  . ASP A 35 ? 1.0351 1.2735 1.2515 -0.0180 0.1329  -0.0980 35  ASP A CG  
268 O  OD1 . ASP A 35 ? 1.1894 1.3970 1.3618 -0.0279 0.1469  -0.0939 35  ASP A OD1 
269 O  OD2 . ASP A 35 ? 1.1230 1.4019 1.3765 -0.0291 0.1407  -0.1094 35  ASP A OD2 
270 N  N   . LEU A 36 ? 0.6506 0.7805 0.7927 0.0271  0.0655  -0.0510 36  LEU A N   
271 C  CA  . LEU A 36 ? 0.5885 0.6989 0.7252 0.0418  0.0474  -0.0432 36  LEU A CA  
272 C  C   . LEU A 36 ? 0.5908 0.6870 0.7225 0.0526  0.0504  -0.0492 36  LEU A C   
273 O  O   . LEU A 36 ? 0.5753 0.6680 0.6935 0.0462  0.0661  -0.0559 36  LEU A O   
274 C  CB  . LEU A 36 ? 0.5789 0.6630 0.6830 0.0338  0.0411  -0.0285 36  LEU A CB  
275 C  CG  . LEU A 36 ? 0.5981 0.6910 0.7042 0.0233  0.0386  -0.0241 36  LEU A CG  
276 C  CD1 . LEU A 36 ? 0.6620 0.7297 0.7373 0.0167  0.0364  -0.0126 36  LEU A CD1 
277 C  CD2 . LEU A 36 ? 0.6103 0.7156 0.7367 0.0313  0.0226  -0.0239 36  LEU A CD2 
278 N  N   . PRO A 37 ? 0.6182 0.7000 0.7538 0.0676  0.0351  -0.0465 37  PRO A N   
279 C  CA  . PRO A 37 ? 0.5835 0.6444 0.7103 0.0770  0.0374  -0.0526 37  PRO A CA  
280 C  C   . PRO A 37 ? 0.5825 0.6155 0.6719 0.0656  0.0409  -0.0459 37  PRO A C   
281 O  O   . PRO A 37 ? 0.5282 0.5507 0.5993 0.0562  0.0346  -0.0331 37  PRO A O   
282 C  CB  . PRO A 37 ? 0.6008 0.6462 0.7359 0.0939  0.0179  -0.0486 37  PRO A CB  
283 C  CG  . PRO A 37 ? 0.6312 0.6767 0.7598 0.0878  0.0048  -0.0346 37  PRO A CG  
284 C  CD  . PRO A 37 ? 0.6382 0.7126 0.7753 0.0737  0.0153  -0.0361 37  PRO A CD  
285 N  N   . TYR A 38 ? 0.6049 0.6283 0.6847 0.0666  0.0512  -0.0565 38  TYR A N   
286 C  CA  . TYR A 38 ? 0.6104 0.6089 0.6567 0.0568  0.0521  -0.0533 38  TYR A CA  
287 C  C   . TYR A 38 ? 0.6518 0.6353 0.6909 0.0626  0.0601  -0.0683 38  TYR A C   
288 O  O   . TYR A 38 ? 0.5915 0.5895 0.6517 0.0728  0.0701  -0.0824 38  TYR A O   
289 C  CB  . TYR A 38 ? 0.5959 0.6012 0.6229 0.0415  0.0601  -0.0489 38  TYR A CB  
290 C  CG  . TYR A 38 ? 0.5871 0.6061 0.6124 0.0360  0.0789  -0.0605 38  TYR A CG  
291 C  CD1 . TYR A 38 ? 0.6852 0.6895 0.6847 0.0313  0.0895  -0.0706 38  TYR A CD1 
292 C  CD2 . TYR A 38 ? 0.6179 0.6630 0.6628 0.0316  0.0876  -0.0619 38  TYR A CD2 
293 C  CE1 . TYR A 38 ? 0.6877 0.7026 0.6797 0.0232  0.1103  -0.0819 38  TYR A CE1 
294 C  CE2 . TYR A 38 ? 0.6461 0.7044 0.6881 0.0223  0.1086  -0.0733 38  TYR A CE2 
295 C  CZ  . TYR A 38 ? 0.7166 0.7592 0.7309 0.0182  0.1209  -0.0830 38  TYR A CZ  
296 O  OH  . TYR A 38 ? 0.8196 0.8729 0.8252 0.0061  0.1443  -0.0942 38  TYR A OH  
297 N  N   . SER A 39 ? 0.6491 0.6057 0.6600 0.0559  0.0564  -0.0675 39  SER A N   
298 C  CA  . SER A 39 ? 0.6418 0.5818 0.6385 0.0581  0.0660  -0.0838 39  SER A CA  
299 C  C   . SER A 39 ? 0.6815 0.6064 0.6409 0.0417  0.0665  -0.0832 39  SER A C   
300 O  O   . SER A 39 ? 0.7336 0.6647 0.6759 0.0341  0.0785  -0.0891 39  SER A O   
301 C  CB  . SER A 39 ? 0.6305 0.5437 0.6322 0.0711  0.0581  -0.0888 39  SER A CB  
302 O  OG  . SER A 39 ? 0.7151 0.6146 0.7053 0.0746  0.0705  -0.1077 39  SER A OG  
303 N  N   . CYS A 40 ? 0.6696 0.5762 0.6156 0.0348  0.0525  -0.0754 40  CYS A N   
304 C  CA  . CYS A 40 ? 0.6312 0.5273 0.5465 0.0200  0.0478  -0.0752 40  CYS A CA  
305 C  C   . CYS A 40 ? 0.6350 0.5492 0.5430 0.0115  0.0436  -0.0632 40  CYS A C   
306 O  O   . CYS A 40 ? 0.6917 0.5989 0.5719 0.0020  0.0401  -0.0645 40  CYS A O   
307 C  CB  . CYS A 40 ? 0.6244 0.5005 0.5348 0.0134  0.0340  -0.0724 40  CYS A CB  
308 S  SG  . CYS A 40 ? 0.5993 0.4896 0.5289 0.0084  0.0211  -0.0541 40  CYS A SG  
309 N  N   . ARG A 41 ? 0.6168 0.5496 0.5461 0.0152  0.0419  -0.0518 41  ARG A N   
310 C  CA  . ARG A 41 ? 0.6062 0.5502 0.5293 0.0093  0.0350  -0.0398 41  ARG A CA  
311 C  C   . ARG A 41 ? 0.6007 0.5398 0.5119 0.0019  0.0198  -0.0361 41  ARG A C   
312 O  O   . ARG A 41 ? 0.6244 0.5652 0.5193 -0.0019 0.0126  -0.0310 41  ARG A O   
313 C  CB  . ARG A 41 ? 0.6387 0.5834 0.5410 0.0049  0.0451  -0.0406 41  ARG A CB  
314 C  CG  . ARG A 41 ? 0.7404 0.6981 0.6606 0.0092  0.0619  -0.0465 41  ARG A CG  
315 C  CD  . ARG A 41 ? 0.8346 0.7913 0.7307 -0.0006 0.0757  -0.0478 41  ARG A CD  
316 N  NE  . ARG A 41 ? 0.9078 0.8691 0.8045 -0.0042 0.0711  -0.0343 41  ARG A NE  
317 C  CZ  . ARG A 41 ? 0.8783 0.8573 0.8021 -0.0025 0.0764  -0.0320 41  ARG A CZ  
318 N  NH1 . ARG A 41 ? 0.9136 0.9124 0.8702 0.0042  0.0847  -0.0419 41  ARG A NH1 
319 N  NH2 . ARG A 41 ? 0.9419 0.9179 0.8603 -0.0066 0.0715  -0.0207 41  ARG A NH2 
320 N  N   . ALA A 42 ? 0.6102 0.5430 0.5296 -0.0004 0.0138  -0.0390 42  ALA A N   
321 C  CA  . ALA A 42 ? 0.6043 0.5384 0.5177 -0.0097 0.0002  -0.0387 42  ALA A CA  
322 C  C   . ALA A 42 ? 0.5725 0.5119 0.5076 -0.0141 -0.0047 -0.0355 42  ALA A C   
323 O  O   . ALA A 42 ? 0.5754 0.5158 0.5095 -0.0247 -0.0136 -0.0392 42  ALA A O   
324 C  CB  . ALA A 42 ? 0.6055 0.5203 0.4911 -0.0171 -0.0016 -0.0508 42  ALA A CB  
325 N  N   . GLY A 43 ? 0.5106 0.4541 0.4632 -0.0083 0.0007  -0.0288 43  GLY A N   
326 C  CA  . GLY A 43 ? 0.5625 0.5093 0.5291 -0.0157 -0.0021 -0.0248 43  GLY A CA  
327 C  C   . GLY A 43 ? 0.5716 0.4925 0.5297 -0.0249 -0.0021 -0.0302 43  GLY A C   
328 O  O   . GLY A 43 ? 0.5442 0.4666 0.5094 -0.0373 -0.0036 -0.0281 43  GLY A O   
329 N  N   . SER A 44 ? 0.5808 0.4766 0.5238 -0.0193 0.0014  -0.0380 44  SER A N   
330 C  CA  . SER A 44 ? 0.5986 0.4609 0.5275 -0.0271 0.0007  -0.0450 44  SER A CA  
331 C  C   . SER A 44 ? 0.6759 0.5056 0.5984 -0.0138 0.0053  -0.0477 44  SER A C   
332 O  O   . SER A 44 ? 0.7122 0.5072 0.6176 -0.0162 0.0053  -0.0573 44  SER A O   
333 C  CB  . SER A 44 ? 0.6211 0.4780 0.5327 -0.0340 -0.0024 -0.0571 44  SER A CB  
334 O  OG  . SER A 44 ? 0.6314 0.5142 0.5498 -0.0464 -0.0113 -0.0554 44  SER A OG  
335 N  N   . CYS A 45 ? 0.6709 0.5104 0.6074 0.0011  0.0077  -0.0406 45  CYS A N   
336 C  CA  . CYS A 45 ? 0.6958 0.5099 0.6331 0.0174  0.0079  -0.0418 45  CYS A CA  
337 C  C   . CYS A 45 ? 0.7203 0.5491 0.6711 0.0224  0.0044  -0.0279 45  CYS A C   
338 O  O   . CYS A 45 ? 0.7531 0.6050 0.7090 0.0119  0.0044  -0.0198 45  CYS A O   
339 C  CB  . CYS A 45 ? 0.6732 0.4929 0.6168 0.0336  0.0155  -0.0551 45  CYS A CB  
340 S  SG  . CYS A 45 ? 0.6572 0.5232 0.6252 0.0439  0.0225  -0.0526 45  CYS A SG  
341 N  N   . SER A 46 ? 0.7054 0.5213 0.6620 0.0393  0.0006  -0.0263 46  SER A N   
342 C  CA  . SER A 46 ? 0.6720 0.4954 0.6348 0.0429  -0.0054 -0.0136 46  SER A CA  
343 C  C   . SER A 46 ? 0.6882 0.5424 0.6764 0.0599  -0.0049 -0.0166 46  SER A C   
344 O  O   . SER A 46 ? 0.6634 0.5219 0.6578 0.0667  -0.0129 -0.0084 46  SER A O   
345 C  CB  . SER A 46 ? 0.7354 0.5121 0.6793 0.0475  -0.0154 -0.0074 46  SER A CB  
346 O  OG  . SER A 46 ? 0.7583 0.5146 0.7075 0.0679  -0.0186 -0.0181 46  SER A OG  
347 N  N   . SER A 47 ? 0.6680 0.5430 0.6691 0.0649  0.0045  -0.0290 47  SER A N   
348 C  CA  . SER A 47 ? 0.6315 0.5353 0.6595 0.0795  0.0077  -0.0355 47  SER A CA  
349 C  C   . SER A 47 ? 0.6212 0.5566 0.6603 0.0734  0.0082  -0.0275 47  SER A C   
350 O  O   . SER A 47 ? 0.6846 0.6372 0.7444 0.0834  0.0033  -0.0274 47  SER A O   
351 C  CB  . SER A 47 ? 0.6484 0.5639 0.6818 0.0819  0.0219  -0.0516 47  SER A CB  
352 O  OG  . SER A 47 ? 0.7489 0.6331 0.7750 0.0918  0.0211  -0.0619 47  SER A OG  
353 N  N   . CYS A 48 ? 0.5418 0.4841 0.5680 0.0577  0.0124  -0.0216 48  CYS A N   
354 C  CA  . CYS A 48 ? 0.5099 0.4759 0.5426 0.0519  0.0134  -0.0147 48  CYS A CA  
355 C  C   . CYS A 48 ? 0.5649 0.5239 0.5909 0.0478  0.0045  -0.0025 48  CYS A C   
356 O  O   . CYS A 48 ? 0.5693 0.5441 0.5982 0.0431  0.0053  0.0022  48  CYS A O   
357 C  CB  . CYS A 48 ? 0.5228 0.4965 0.5444 0.0406  0.0206  -0.0149 48  CYS A CB  
358 S  SG  . CYS A 48 ? 0.5102 0.4686 0.5146 0.0291  0.0152  -0.0086 48  CYS A SG  
359 N  N   . ALA A 49 ? 0.5989 0.5307 0.6120 0.0486  -0.0030 0.0020  49  ALA A N   
360 C  CA  . ALA A 49 ? 0.6207 0.5401 0.6186 0.0405  -0.0084 0.0131  49  ALA A CA  
361 C  C   . ALA A 49 ? 0.6365 0.5682 0.6394 0.0445  -0.0146 0.0182  49  ALA A C   
362 O  O   . ALA A 49 ? 0.6186 0.5603 0.6376 0.0572  -0.0213 0.0146  49  ALA A O   
363 C  CB  . ALA A 49 ? 0.6887 0.5686 0.6654 0.0395  -0.0152 0.0178  49  ALA A CB  
364 N  N   . GLY A 50 ? 0.5610 0.4949 0.5520 0.0329  -0.0114 0.0243  50  GLY A N   
365 C  CA  . GLY A 50 ? 0.5639 0.5028 0.5496 0.0316  -0.0159 0.0291  50  GLY A CA  
366 C  C   . GLY A 50 ? 0.6553 0.5743 0.6137 0.0182  -0.0130 0.0366  50  GLY A C   
367 O  O   . GLY A 50 ? 0.5685 0.4716 0.5156 0.0096  -0.0081 0.0381  50  GLY A O   
368 N  N   . LYS A 51 ? 0.6376 0.5577 0.5839 0.0143  -0.0148 0.0402  51  LYS A N   
369 C  CA  . LYS A 51 ? 0.6372 0.5418 0.5558 0.0003  -0.0085 0.0452  51  LYS A CA  
370 C  C   . LYS A 51 ? 0.6302 0.5548 0.5518 -0.0038 -0.0006 0.0411  51  LYS A C   
371 O  O   . LYS A 51 ? 0.6066 0.5399 0.5331 0.0018  -0.0078 0.0394  51  LYS A O   
372 C  CB  . LYS A 51 ? 0.7423 0.6117 0.6274 -0.0003 -0.0217 0.0549  51  LYS A CB  
373 C  CG  . LYS A 51 ? 0.8799 0.7254 0.7288 -0.0194 -0.0111 0.0604  51  LYS A CG  
374 C  CD  . LYS A 51 ? 1.0590 0.8712 0.8652 -0.0224 -0.0236 0.0702  51  LYS A CD  
375 C  CE  . LYS A 51 ? 1.1865 0.9649 0.9788 -0.0095 -0.0462 0.0789  51  LYS A CE  
376 N  NZ  . LYS A 51 ? 1.2435 0.9882 1.0178 -0.0177 -0.0414 0.0838  51  LYS A NZ  
377 N  N   . VAL A 52 ? 0.6019 0.5341 0.5225 -0.0139 0.0144  0.0378  52  VAL A N   
378 C  CA  . VAL A 52 ? 0.5962 0.5431 0.5192 -0.0162 0.0236  0.0321  52  VAL A CA  
379 C  C   . VAL A 52 ? 0.6207 0.5465 0.5073 -0.0257 0.0239  0.0357  52  VAL A C   
380 O  O   . VAL A 52 ? 0.6649 0.5730 0.5270 -0.0379 0.0304  0.0397  52  VAL A O   
381 C  CB  . VAL A 52 ? 0.5912 0.5569 0.5311 -0.0209 0.0387  0.0253  52  VAL A CB  
382 C  CG1 . VAL A 52 ? 0.6060 0.5847 0.5506 -0.0191 0.0480  0.0176  52  VAL A CG1 
383 C  CG2 . VAL A 52 ? 0.5648 0.5453 0.5315 -0.0134 0.0351  0.0232  52  VAL A CG2 
384 N  N   . THR A 53 ? 0.5667 0.4920 0.4460 -0.0222 0.0169  0.0343  53  THR A N   
385 C  CA  . THR A 53 ? 0.6254 0.5302 0.4654 -0.0319 0.0167  0.0360  53  THR A CA  
386 C  C   . THR A 53 ? 0.6438 0.5576 0.4801 -0.0377 0.0343  0.0255  53  THR A C   
387 O  O   . THR A 53 ? 0.6837 0.5807 0.4845 -0.0490 0.0412  0.0246  53  THR A O   
388 C  CB  . THR A 53 ? 0.6083 0.5044 0.4385 -0.0260 -0.0057 0.0401  53  THR A CB  
389 O  OG1 . THR A 53 ? 0.5976 0.5185 0.4620 -0.0169 -0.0100 0.0335  53  THR A OG1 
390 C  CG2 . THR A 53 ? 0.6222 0.5013 0.4476 -0.0199 -0.0220 0.0502  53  THR A CG2 
391 N  N   . ALA A 54 ? 0.5763 0.5132 0.4460 -0.0293 0.0414  0.0173  54  ALA A N   
392 C  CA  . ALA A 54 ? 0.5973 0.5424 0.4701 -0.0299 0.0580  0.0058  54  ALA A CA  
393 C  C   . ALA A 54 ? 0.5747 0.5430 0.4872 -0.0186 0.0632  0.0005  54  ALA A C   
394 O  O   . ALA A 54 ? 0.5699 0.5443 0.5016 -0.0106 0.0524  0.0046  54  ALA A O   
395 C  CB  . ALA A 54 ? 0.5931 0.5279 0.4515 -0.0288 0.0525  0.0009  54  ALA A CB  
396 N  N   . GLY A 55 ? 0.5570 0.5375 0.4800 -0.0175 0.0793  -0.0097 55  GLY A N   
397 C  CA  . GLY A 55 ? 0.5302 0.5318 0.4895 -0.0048 0.0813  -0.0153 55  GLY A CA  
398 C  C   . GLY A 55 ? 0.5441 0.5635 0.5232 -0.0081 0.0814  -0.0120 55  GLY A C   
399 O  O   . GLY A 55 ? 0.5603 0.5733 0.5240 -0.0214 0.0843  -0.0070 55  GLY A O   
400 N  N   . THR A 56 ? 0.5431 0.5805 0.5529 0.0033  0.0768  -0.0147 56  THR A N   
401 C  CA  . THR A 56 ? 0.5739 0.6313 0.6055 0.0000  0.0760  -0.0144 56  THR A CA  
402 C  C   . THR A 56 ? 0.5479 0.6069 0.5934 0.0119  0.0600  -0.0098 56  THR A C   
403 O  O   . THR A 56 ? 0.5257 0.5753 0.5695 0.0236  0.0533  -0.0091 56  THR A O   
404 C  CB  . THR A 56 ? 0.6442 0.7331 0.7036 -0.0017 0.0911  -0.0278 56  THR A CB  
405 O  OG1 . THR A 56 ? 0.6945 0.8010 0.7836 0.0176  0.0854  -0.0353 56  THR A OG1 
406 C  CG2 . THR A 56 ? 0.7221 0.8075 0.7645 -0.0106 0.1105  -0.0356 56  THR A CG2 
407 N  N   . VAL A 57 ? 0.4959 0.5611 0.5485 0.0063  0.0544  -0.0063 57  VAL A N   
408 C  CA  . VAL A 57 ? 0.4575 0.5250 0.5194 0.0147  0.0412  -0.0038 57  VAL A CA  
409 C  C   . VAL A 57 ? 0.4711 0.5639 0.5578 0.0120  0.0394  -0.0095 57  VAL A C   
410 O  O   . VAL A 57 ? 0.5038 0.6103 0.5990 -0.0011 0.0493  -0.0141 57  VAL A O   
411 C  CB  . VAL A 57 ? 0.4860 0.5339 0.5301 0.0106  0.0342  0.0044  57  VAL A CB  
412 C  CG1 . VAL A 57 ? 0.5076 0.5371 0.5331 0.0123  0.0340  0.0088  57  VAL A CG1 
413 C  CG2 . VAL A 57 ? 0.4786 0.5228 0.5177 -0.0025 0.0366  0.0060  57  VAL A CG2 
414 N  N   . ASP A 58 ? 0.4712 0.5689 0.5668 0.0220  0.0262  -0.0094 58  ASP A N   
415 C  CA  . ASP A 58 ? 0.4735 0.5921 0.5882 0.0178  0.0189  -0.0139 58  ASP A CA  
416 C  C   . ASP A 58 ? 0.4760 0.5751 0.5705 0.0126  0.0103  -0.0080 58  ASP A C   
417 O  O   . ASP A 58 ? 0.4470 0.5319 0.5277 0.0219  0.0003  -0.0038 58  ASP A O   
418 C  CB  . ASP A 58 ? 0.5561 0.6950 0.6941 0.0339  0.0069  -0.0195 58  ASP A CB  
419 C  CG  . ASP A 58 ? 0.6604 0.8163 0.8119 0.0314  -0.0083 -0.0226 58  ASP A CG  
420 O  OD1 . ASP A 58 ? 0.7023 0.8676 0.8587 0.0142  -0.0050 -0.0258 58  ASP A OD1 
421 O  OD2 . ASP A 58 ? 0.8262 0.9826 0.9796 0.0464  -0.0252 -0.0219 58  ASP A OD2 
422 N  N   . GLN A 59 ? 0.4696 0.5655 0.5604 -0.0029 0.0148  -0.0087 59  GLN A N   
423 C  CA  . GLN A 59 ? 0.5360 0.6116 0.6086 -0.0080 0.0084  -0.0060 59  GLN A CA  
424 C  C   . GLN A 59 ? 0.5611 0.6483 0.6438 -0.0200 0.0027  -0.0128 59  GLN A C   
425 O  O   . GLN A 59 ? 0.5852 0.6515 0.6512 -0.0282 0.0015  -0.0125 59  GLN A O   
426 C  CB  . GLN A 59 ? 0.5110 0.5590 0.5618 -0.0132 0.0155  -0.0001 59  GLN A CB  
427 C  CG  . GLN A 59 ? 0.5130 0.5578 0.5619 -0.0279 0.0256  0.0001  59  GLN A CG  
428 C  CD  . GLN A 59 ? 0.5569 0.5680 0.5800 -0.0295 0.0268  0.0074  59  GLN A CD  
429 O  OE1 . GLN A 59 ? 0.5155 0.5091 0.5288 -0.0231 0.0202  0.0087  59  GLN A OE1 
430 N  NE2 . GLN A 59 ? 0.5527 0.5537 0.5636 -0.0377 0.0347  0.0112  59  GLN A NE2 
431 N  N   . SER A 60 ? 0.5201 0.6411 0.6319 -0.0203 -0.0018 -0.0202 60  SER A N   
432 C  CA  . SER A 60 ? 0.5221 0.6620 0.6497 -0.0336 -0.0090 -0.0288 60  SER A CA  
433 C  C   . SER A 60 ? 0.5301 0.6567 0.6406 -0.0317 -0.0254 -0.0295 60  SER A C   
434 O  O   . SER A 60 ? 0.5650 0.6986 0.6803 -0.0459 -0.0313 -0.0365 60  SER A O   
435 C  CB  . SER A 60 ? 0.5419 0.7294 0.7126 -0.0306 -0.0120 -0.0385 60  SER A CB  
436 O  OG  . SER A 60 ? 0.5469 0.7423 0.7235 -0.0087 -0.0282 -0.0375 60  SER A OG  
437 N  N   . ASP A 61 ? 0.5637 0.6699 0.6511 -0.0169 -0.0317 -0.0230 61  ASP A N   
438 C  CA  . ASP A 61 ? 0.5673 0.6511 0.6264 -0.0175 -0.0415 -0.0233 61  ASP A CA  
439 C  C   . ASP A 61 ? 0.5548 0.6091 0.5922 -0.0289 -0.0320 -0.0244 61  ASP A C   
440 O  O   . ASP A 61 ? 0.5796 0.6182 0.5974 -0.0338 -0.0382 -0.0292 61  ASP A O   
441 C  CB  . ASP A 61 ? 0.6079 0.6731 0.6430 -0.0020 -0.0447 -0.0158 61  ASP A CB  
442 C  CG  . ASP A 61 ? 0.6689 0.7493 0.7118 0.0104  -0.0614 -0.0146 61  ASP A CG  
443 O  OD1 . ASP A 61 ? 0.6921 0.8009 0.7606 0.0080  -0.0734 -0.0216 61  ASP A OD1 
444 O  OD2 . ASP A 61 ? 0.6744 0.7377 0.6984 0.0223  -0.0634 -0.0071 61  ASP A OD2 
445 N  N   . GLY A 62 ? 0.5327 0.5762 0.5712 -0.0319 -0.0182 -0.0205 62  GLY A N   
446 C  CA  . GLY A 62 ? 0.5593 0.5706 0.5779 -0.0393 -0.0118 -0.0211 62  GLY A CA  
447 C  C   . GLY A 62 ? 0.5778 0.5860 0.6015 -0.0590 -0.0088 -0.0253 62  GLY A C   
448 O  O   . GLY A 62 ? 0.6128 0.6458 0.6580 -0.0680 -0.0051 -0.0262 62  GLY A O   
449 N  N   . LYS A 63 ? 0.6492 0.6253 0.6521 -0.0669 -0.0090 -0.0294 63  LYS A N   
450 C  CA  . LYS A 63 ? 0.6529 0.6167 0.6537 -0.0890 -0.0061 -0.0335 63  LYS A CA  
451 C  C   . LYS A 63 ? 0.6245 0.5412 0.6003 -0.0925 0.0012  -0.0285 63  LYS A C   
452 O  O   . LYS A 63 ? 0.6342 0.5311 0.6011 -0.1134 0.0047  -0.0306 63  LYS A O   
453 C  CB  . LYS A 63 ? 0.7993 0.7665 0.7978 -0.1007 -0.0167 -0.0452 63  LYS A CB  
454 C  CG  . LYS A 63 ? 0.9101 0.9279 0.9399 -0.1037 -0.0262 -0.0501 63  LYS A CG  
455 C  CD  . LYS A 63 ? 1.1300 1.1525 1.1504 -0.0999 -0.0428 -0.0576 63  LYS A CD  
456 C  CE  . LYS A 63 ? 1.3085 1.3822 1.3636 -0.1023 -0.0569 -0.0629 63  LYS A CE  
457 N  NZ  . LYS A 63 ? 1.2913 1.3701 1.3372 -0.1080 -0.0773 -0.0727 63  LYS A NZ  
458 N  N   . PHE A 64 ? 0.5755 0.4742 0.5404 -0.0726 0.0026  -0.0223 64  PHE A N   
459 C  CA  . PHE A 64 ? 0.6409 0.4917 0.5819 -0.0687 0.0044  -0.0185 64  PHE A CA  
460 C  C   . PHE A 64 ? 0.6318 0.4645 0.5627 -0.0805 0.0098  -0.0083 64  PHE A C   
461 O  O   . PHE A 64 ? 0.6156 0.4053 0.5227 -0.0915 0.0103  -0.0065 64  PHE A O   
462 C  CB  . PHE A 64 ? 0.6081 0.4538 0.5483 -0.0432 0.0031  -0.0169 64  PHE A CB  
463 C  CG  . PHE A 64 ? 0.6496 0.4503 0.5715 -0.0339 0.0014  -0.0146 64  PHE A CG  
464 C  CD1 . PHE A 64 ? 0.6916 0.4597 0.5993 -0.0301 -0.0004 -0.0246 64  PHE A CD1 
465 C  CD2 . PHE A 64 ? 0.6518 0.4390 0.5681 -0.0280 0.0000  -0.0031 64  PHE A CD2 
466 C  CE1 . PHE A 64 ? 0.7431 0.4658 0.6352 -0.0174 -0.0039 -0.0235 64  PHE A CE1 
467 C  CE2 . PHE A 64 ? 0.7344 0.4761 0.6326 -0.0163 -0.0062 0.0000  64  PHE A CE2 
468 C  CZ  . PHE A 64 ? 0.7555 0.4647 0.6435 -0.0094 -0.0083 -0.0105 64  PHE A CZ  
469 N  N   . LEU A 65 ? 0.6247 0.4867 0.5694 -0.0792 0.0145  -0.0020 65  LEU A N   
470 C  CA  . LEU A 65 ? 0.6668 0.5137 0.5971 -0.0899 0.0214  0.0076  65  LEU A CA  
471 C  C   . LEU A 65 ? 0.7012 0.5514 0.6311 -0.1197 0.0305  0.0044  65  LEU A C   
472 O  O   . LEU A 65 ? 0.7074 0.5991 0.6655 -0.1287 0.0322  -0.0052 65  LEU A O   
473 C  CB  . LEU A 65 ? 0.6453 0.5253 0.5905 -0.0800 0.0251  0.0122  65  LEU A CB  
474 C  CG  . LEU A 65 ? 0.6255 0.5082 0.5742 -0.0544 0.0178  0.0152  65  LEU A CG  
475 C  CD1 . LEU A 65 ? 0.5971 0.5116 0.5598 -0.0492 0.0222  0.0175  65  LEU A CD1 
476 C  CD2 . LEU A 65 ? 0.6480 0.4866 0.5711 -0.0457 0.0111  0.0226  65  LEU A CD2 
477 N  N   . ASP A 66 ? 0.7837 0.5908 0.6812 -0.1356 0.0358  0.0125  66  ASP A N   
478 C  CA  . ASP A 66 ? 0.8879 0.6995 0.7827 -0.1688 0.0498  0.0104  66  ASP A CA  
479 C  C   . ASP A 66 ? 0.8676 0.7115 0.7719 -0.1719 0.0625  0.0138  66  ASP A C   
480 O  O   . ASP A 66 ? 0.7877 0.6498 0.7016 -0.1487 0.0582  0.0170  66  ASP A O   
481 C  CB  . ASP A 66 ? 1.0421 0.7848 0.8902 -0.1892 0.0516  0.0174  66  ASP A CB  
482 C  CG  . ASP A 66 ? 1.2194 0.9081 1.0256 -0.1748 0.0452  0.0334  66  ASP A CG  
483 O  OD1 . ASP A 66 ? 1.3775 1.0859 1.1935 -0.1508 0.0399  0.0378  66  ASP A OD1 
484 O  OD2 . ASP A 66 ? 1.4582 1.0821 1.2200 -0.1875 0.0437  0.0417  66  ASP A OD2 
485 N  N   . ASP A 67 ? 1.0058 0.8572 0.9074 -0.2019 0.0795  0.0114  67  ASP A N   
486 C  CA  . ASP A 67 ? 1.0667 0.9556 0.9819 -0.2065 0.0952  0.0099  67  ASP A CA  
487 C  C   . ASP A 67 ? 1.0797 0.9239 0.9466 -0.2063 0.0993  0.0245  67  ASP A C   
488 O  O   . ASP A 67 ? 1.1007 0.9686 0.9735 -0.1974 0.1058  0.0245  67  ASP A O   
489 C  CB  . ASP A 67 ? 1.1811 1.1066 1.1204 -0.2395 0.1148  -0.0024 67  ASP A CB  
490 C  CG  . ASP A 67 ? 1.2784 1.2513 1.2671 -0.2402 0.1065  -0.0177 67  ASP A CG  
491 O  OD1 . ASP A 67 ? 1.3473 1.3477 1.3632 -0.2114 0.0908  -0.0210 67  ASP A OD1 
492 O  OD2 . ASP A 67 ? 1.3453 1.3258 1.3427 -0.2712 0.1149  -0.0263 67  ASP A OD2 
493 N  N   . ASP A 68 ? 1.0889 0.8651 0.9050 -0.2155 0.0940  0.0366  68  ASP A N   
494 C  CA  . ASP A 68 ? 1.1800 0.9074 0.9455 -0.2094 0.0896  0.0525  68  ASP A CA  
495 C  C   . ASP A 68 ? 1.1155 0.8500 0.8923 -0.1705 0.0695  0.0564  68  ASP A C   
496 O  O   . ASP A 68 ? 1.1695 0.9027 0.9307 -0.1626 0.0689  0.0625  68  ASP A O   
497 C  CB  . ASP A 68 ? 1.3800 1.0260 1.0840 -0.2276 0.0861  0.0659  68  ASP A CB  
498 C  CG  . ASP A 68 ? 1.5509 1.1555 1.2483 -0.2062 0.0630  0.0691  68  ASP A CG  
499 O  OD1 . ASP A 68 ? 1.6958 1.3058 1.4064 -0.1718 0.0450  0.0708  68  ASP A OD1 
500 O  OD2 . ASP A 68 ? 1.7012 1.2651 1.3785 -0.2248 0.0640  0.0688  68  ASP A OD2 
501 N  N   . GLN A 69 ? 1.0150 0.7597 0.8192 -0.1486 0.0548  0.0512  69  GLN A N   
502 C  CA  . GLN A 69 ? 0.9015 0.6596 0.7212 -0.1157 0.0395  0.0526  69  GLN A CA  
503 C  C   . GLN A 69 ? 0.7654 0.5827 0.6219 -0.1072 0.0463  0.0448  69  GLN A C   
504 O  O   . GLN A 69 ? 0.7780 0.6002 0.6317 -0.0930 0.0412  0.0487  69  GLN A O   
505 C  CB  . GLN A 69 ? 0.8730 0.6269 0.7101 -0.0979 0.0264  0.0472  69  GLN A CB  
506 C  CG  . GLN A 69 ? 0.9303 0.6208 0.7326 -0.0967 0.0158  0.0538  69  GLN A CG  
507 C  CD  . GLN A 69 ? 0.9546 0.6456 0.7759 -0.0875 0.0102  0.0430  69  GLN A CD  
508 O  OE1 . GLN A 69 ? 0.8994 0.6308 0.7505 -0.0937 0.0166  0.0317  69  GLN A OE1 
509 N  NE2 . GLN A 69 ? 1.0237 0.6688 0.8266 -0.0715 -0.0026 0.0455  69  GLN A NE2 
510 N  N   . GLU A 70 ? 0.7402 0.6004 0.6317 -0.1159 0.0561  0.0334  70  GLU A N   
511 C  CA  . GLU A 70 ? 0.7902 0.7017 0.7158 -0.1077 0.0623  0.0254  70  GLU A CA  
512 C  C   . GLU A 70 ? 0.8632 0.7754 0.7710 -0.1180 0.0763  0.0279  70  GLU A C   
513 O  O   . GLU A 70 ? 0.8330 0.7628 0.7481 -0.1043 0.0764  0.0266  70  GLU A O   
514 C  CB  . GLU A 70 ? 0.8329 0.7847 0.7960 -0.1172 0.0676  0.0128  70  GLU A CB  
515 C  CG  . GLU A 70 ? 0.9398 0.9413 0.9432 -0.1010 0.0657  0.0038  70  GLU A CG  
516 C  CD  . GLU A 70 ? 1.1346 1.1622 1.1680 -0.0998 0.0569  -0.0054 70  GLU A CD  
517 O  OE1 . GLU A 70 ? 1.2625 1.3262 1.3256 -0.0857 0.0519  -0.0116 70  GLU A OE1 
518 O  OE2 . GLU A 70 ? 1.2309 1.2395 1.2549 -0.1124 0.0530  -0.0064 70  GLU A OE2 
519 N  N   . ALA A 71 ? 0.8975 0.7854 0.7764 -0.1441 0.0892  0.0311  71  ALA A N   
520 C  CA  . ALA A 71 ? 0.8782 0.7599 0.7303 -0.1582 0.1053  0.0331  71  ALA A CA  
521 C  C   . ALA A 71 ? 0.8965 0.7405 0.7077 -0.1446 0.0925  0.0457  71  ALA A C   
522 O  O   . ALA A 71 ? 0.8768 0.7320 0.6811 -0.1428 0.0999  0.0435  71  ALA A O   
523 C  CB  . ALA A 71 ? 0.9411 0.7982 0.7641 -0.1930 0.1225  0.0349  71  ALA A CB  
524 N  N   . ALA A 72 ? 0.8871 0.6880 0.6738 -0.1340 0.0724  0.0572  72  ALA A N   
525 C  CA  . ALA A 72 ? 0.8983 0.6705 0.6552 -0.1178 0.0552  0.0676  72  ALA A CA  
526 C  C   . ALA A 72 ? 0.8638 0.6735 0.6583 -0.0912 0.0443  0.0616  72  ALA A C   
527 O  O   . ALA A 72 ? 0.9223 0.7180 0.7042 -0.0758 0.0274  0.0676  72  ALA A O   
528 C  CB  . ALA A 72 ? 0.9633 0.6805 0.6888 -0.1121 0.0358  0.0799  72  ALA A CB  
529 N  N   . GLY A 73 ? 0.7906 0.6470 0.6308 -0.0863 0.0526  0.0496  73  GLY A N   
530 C  CA  . GLY A 73 ? 0.7043 0.5903 0.5729 -0.0663 0.0458  0.0445  73  GLY A CA  
531 C  C   . GLY A 73 ? 0.7036 0.5947 0.5955 -0.0480 0.0310  0.0438  73  GLY A C   
532 O  O   . GLY A 73 ? 0.5747 0.4891 0.4888 -0.0341 0.0269  0.0396  73  GLY A O   
533 N  N   . PHE A 74 ? 0.7110 0.5797 0.5976 -0.0490 0.0248  0.0467  74  PHE A N   
534 C  CA  . PHE A 74 ? 0.6134 0.4897 0.5231 -0.0317 0.0141  0.0430  74  PHE A CA  
535 C  C   . PHE A 74 ? 0.5640 0.4791 0.5076 -0.0286 0.0202  0.0331  74  PHE A C   
536 O  O   . PHE A 74 ? 0.5491 0.4839 0.5041 -0.0399 0.0303  0.0281  74  PHE A O   
537 C  CB  . PHE A 74 ? 0.6876 0.5279 0.5823 -0.0320 0.0069  0.0459  74  PHE A CB  
538 C  CG  . PHE A 74 ? 0.7539 0.5522 0.6166 -0.0260 -0.0064 0.0565  74  PHE A CG  
539 C  CD1 . PHE A 74 ? 0.7781 0.5765 0.6512 -0.0036 -0.0218 0.0567  74  PHE A CD1 
540 C  CD2 . PHE A 74 ? 0.8580 0.6162 0.6799 -0.0430 -0.0043 0.0659  74  PHE A CD2 
541 C  CE1 . PHE A 74 ? 0.8197 0.5815 0.6665 0.0054  -0.0389 0.0661  74  PHE A CE1 
542 C  CE2 . PHE A 74 ? 0.8956 0.6085 0.6815 -0.0358 -0.0206 0.0776  74  PHE A CE2 
543 C  CZ  . PHE A 74 ? 0.8649 0.5809 0.6652 -0.0098 -0.0399 0.0776  74  PHE A CZ  
544 N  N   . VAL A 75 ? 0.5475 0.4739 0.5074 -0.0132 0.0135  0.0300  75  VAL A N   
545 C  CA  . VAL A 75 ? 0.5218 0.4772 0.5046 -0.0092 0.0165  0.0230  75  VAL A CA  
546 C  C   . VAL A 75 ? 0.5042 0.4580 0.4940 0.0016  0.0110  0.0192  75  VAL A C   
547 O  O   . VAL A 75 ? 0.4894 0.4338 0.4776 0.0112  0.0058  0.0203  75  VAL A O   
548 C  CB  . VAL A 75 ? 0.4923 0.4679 0.4834 -0.0045 0.0197  0.0224  75  VAL A CB  
549 C  CG1 . VAL A 75 ? 0.5099 0.4790 0.4955 0.0037  0.0137  0.0256  75  VAL A CG1 
550 C  CG2 . VAL A 75 ? 0.5038 0.4993 0.5115 0.0016  0.0199  0.0174  75  VAL A CG2 
551 N  N   . LEU A 76 ? 0.5006 0.4656 0.4988 -0.0002 0.0123  0.0134  76  LEU A N   
552 C  CA  . LEU A 76 ? 0.4775 0.4415 0.4775 0.0069  0.0104  0.0078  76  LEU A CA  
553 C  C   . LEU A 76 ? 0.4828 0.4661 0.4899 0.0121  0.0122  0.0075  76  LEU A C   
554 O  O   . LEU A 76 ? 0.4569 0.4521 0.4670 0.0094  0.0114  0.0068  76  LEU A O   
555 C  CB  . LEU A 76 ? 0.4847 0.4442 0.4808 -0.0010 0.0091  0.0020  76  LEU A CB  
556 C  CG  . LEU A 76 ? 0.5670 0.5027 0.5527 -0.0116 0.0085  0.0019  76  LEU A CG  
557 C  CD1 . LEU A 76 ? 0.5849 0.5187 0.5681 -0.0227 0.0064  -0.0057 76  LEU A CD1 
558 C  CD2 . LEU A 76 ? 0.6001 0.5059 0.5746 -0.0026 0.0059  0.0033  76  LEU A CD2 
559 N  N   . THR A 77 ? 0.4891 0.4741 0.4991 0.0192  0.0133  0.0079  77  THR A N   
560 C  CA  . THR A 77 ? 0.5100 0.5071 0.5224 0.0210  0.0162  0.0086  77  THR A CA  
561 C  C   . THR A 77 ? 0.4717 0.4697 0.4762 0.0202  0.0181  0.0053  77  THR A C   
562 O  O   . THR A 77 ? 0.4964 0.4967 0.4960 0.0197  0.0186  0.0077  77  THR A O   
563 C  CB  . THR A 77 ? 0.4802 0.4821 0.5001 0.0253  0.0173  0.0079  77  THR A CB  
564 O  OG1 . THR A 77 ? 0.4571 0.4572 0.4832 0.0309  0.0181  0.0017  77  THR A OG1 
565 C  CG2 . THR A 77 ? 0.4583 0.4568 0.4778 0.0250  0.0125  0.0130  77  THR A CG2 
566 N  N   . CYS A 78 ? 0.4746 0.4657 0.4733 0.0197  0.0185  -0.0003 78  CYS A N   
567 C  CA  . CYS A 78 ? 0.5090 0.4964 0.4917 0.0170  0.0196  -0.0035 78  CYS A CA  
568 C  C   . CYS A 78 ? 0.5111 0.5003 0.4877 0.0145  0.0105  -0.0005 78  CYS A C   
569 O  O   . CYS A 78 ? 0.5900 0.5737 0.5494 0.0136  0.0077  0.0001  78  CYS A O   
570 C  CB  . CYS A 78 ? 0.5293 0.5065 0.5043 0.0166  0.0229  -0.0126 78  CYS A CB  
571 S  SG  . CYS A 78 ? 0.5328 0.4998 0.5080 0.0122  0.0147  -0.0149 78  CYS A SG  
572 N  N   . VAL A 79 ? 0.5191 0.5156 0.5090 0.0126  0.0054  0.0006  79  VAL A N   
573 C  CA  . VAL A 79 ? 0.5097 0.5165 0.5041 0.0113  -0.0040 0.0006  79  VAL A CA  
574 C  C   . VAL A 79 ? 0.5096 0.5314 0.5227 0.0142  -0.0037 0.0039  79  VAL A C   
575 O  O   . VAL A 79 ? 0.5037 0.5417 0.5314 0.0130  -0.0094 0.0012  79  VAL A O   
576 C  CB  . VAL A 79 ? 0.5447 0.5525 0.5406 0.0028  -0.0092 -0.0056 79  VAL A CB  
577 C  CG1 . VAL A 79 ? 0.5052 0.4974 0.4778 0.0002  -0.0118 -0.0112 79  VAL A CG1 
578 C  CG2 . VAL A 79 ? 0.5405 0.5437 0.5453 -0.0036 -0.0029 -0.0061 79  VAL A CG2 
579 N  N   . ALA A 80 ? 0.4813 0.4999 0.4950 0.0178  0.0031  0.0078  80  ALA A N   
580 C  CA  . ALA A 80 ? 0.4379 0.4671 0.4651 0.0196  0.0061  0.0088  80  ALA A CA  
581 C  C   . ALA A 80 ? 0.4830 0.5088 0.5063 0.0282  0.0043  0.0112  80  ALA A C   
582 O  O   . ALA A 80 ? 0.4454 0.4572 0.4547 0.0288  0.0069  0.0143  80  ALA A O   
583 C  CB  . ALA A 80 ? 0.4545 0.4778 0.4800 0.0160  0.0135  0.0109  80  ALA A CB  
584 N  N   . TYR A 81 ? 0.4564 0.4949 0.4940 0.0344  0.0004  0.0086  81  TYR A N   
585 C  CA  . TYR A 81 ? 0.4789 0.5097 0.5139 0.0450  -0.0017 0.0099  81  TYR A CA  
586 C  C   . TYR A 81 ? 0.4620 0.4968 0.5050 0.0446  0.0088  0.0071  81  TYR A C   
587 O  O   . TYR A 81 ? 0.4612 0.5132 0.5188 0.0390  0.0152  0.0026  81  TYR A O   
588 C  CB  . TYR A 81 ? 0.4628 0.5062 0.5122 0.0563  -0.0142 0.0067  81  TYR A CB  
589 C  CG  . TYR A 81 ? 0.4873 0.5239 0.5230 0.0575  -0.0287 0.0096  81  TYR A CG  
590 C  CD1 . TYR A 81 ? 0.5651 0.5711 0.5676 0.0589  -0.0329 0.0171  81  TYR A CD1 
591 C  CD2 . TYR A 81 ? 0.4793 0.5388 0.5322 0.0549  -0.0379 0.0042  81  TYR A CD2 
592 C  CE1 . TYR A 81 ? 0.5859 0.5821 0.5686 0.0591  -0.0464 0.0196  81  TYR A CE1 
593 C  CE2 . TYR A 81 ? 0.5069 0.5589 0.5431 0.0555  -0.0533 0.0059  81  TYR A CE2 
594 C  CZ  . TYR A 81 ? 0.5600 0.5787 0.5585 0.0580  -0.0576 0.0139  81  TYR A CZ  
595 O  OH  . TYR A 81 ? 0.6717 0.6783 0.6452 0.0567  -0.0725 0.0158  81  TYR A OH  
596 N  N   . PRO A 82 ? 0.5142 0.5303 0.5434 0.0478  0.0117  0.0092  82  PRO A N   
597 C  CA  . PRO A 82 ? 0.5494 0.5669 0.5822 0.0474  0.0211  0.0047  82  PRO A CA  
598 C  C   . PRO A 82 ? 0.5118 0.5434 0.5649 0.0594  0.0216  -0.0034 82  PRO A C   
599 O  O   . PRO A 82 ? 0.5983 0.6266 0.6559 0.0721  0.0114  -0.0033 82  PRO A O   
600 C  CB  . PRO A 82 ? 0.5256 0.5171 0.5369 0.0462  0.0221  0.0080  82  PRO A CB  
601 C  CG  . PRO A 82 ? 0.5893 0.5651 0.5900 0.0523  0.0130  0.0128  82  PRO A CG  
602 C  CD  . PRO A 82 ? 0.6059 0.5964 0.6124 0.0490  0.0082  0.0148  82  PRO A CD  
603 N  N   . LYS A 83 ? 0.5271 0.5738 0.5915 0.0558  0.0333  -0.0109 83  LYS A N   
604 C  CA  . LYS A 83 ? 0.6382 0.7032 0.7273 0.0680  0.0374  -0.0221 83  LYS A CA  
605 C  C   . LYS A 83 ? 0.6120 0.6635 0.6917 0.0717  0.0491  -0.0294 83  LYS A C   
606 O  O   . LYS A 83 ? 0.5499 0.6156 0.6507 0.0836  0.0550  -0.0413 83  LYS A O   
607 C  CB  . LYS A 83 ? 0.6482 0.7494 0.7643 0.0598  0.0446  -0.0292 83  LYS A CB  
608 C  CG  . LYS A 83 ? 0.7568 0.8779 0.8952 0.0659  0.0297  -0.0291 83  LYS A CG  
609 C  CD  . LYS A 83 ? 0.9057 1.0642 1.0727 0.0536  0.0375  -0.0374 83  LYS A CD  
610 C  CE  . LYS A 83 ? 0.9038 1.0952 1.1050 0.0596  0.0510  -0.0534 83  LYS A CE  
611 N  NZ  . LYS A 83 ? 0.9209 1.1384 1.1349 0.0368  0.0669  -0.0594 83  LYS A NZ  
612 N  N   . CYS A 84 ? 0.5950 0.6208 0.6446 0.0612  0.0519  -0.0238 84  CYS A N   
613 C  CA  A CYS A 84 ? 0.6241 0.6301 0.6553 0.0605  0.0611  -0.0299 84  CYS A CA  
614 C  CA  B CYS A 84 ? 0.5925 0.5971 0.6236 0.0616  0.0602  -0.0297 84  CYS A CA  
615 C  C   . CYS A 84 ? 0.5963 0.5788 0.5991 0.0480  0.0556  -0.0202 84  CYS A C   
616 O  O   . CYS A 84 ? 0.5417 0.5281 0.5448 0.0425  0.0476  -0.0109 84  CYS A O   
617 C  CB  A CYS A 84 ? 0.6602 0.6828 0.6938 0.0517  0.0784  -0.0397 84  CYS A CB  
618 C  CB  B CYS A 84 ? 0.5917 0.6113 0.6266 0.0560  0.0780  -0.0415 84  CYS A CB  
619 S  SG  A CYS A 84 ? 0.7992 0.8012 0.8112 0.0522  0.0931  -0.0529 84  CYS A SG  
620 S  SG  B CYS A 84 ? 0.6072 0.6374 0.6288 0.0329  0.0854  -0.0358 84  CYS A SG  
621 N  N   . ASP A 85 ? 0.5410 0.5020 0.5220 0.0431  0.0598  -0.0240 85  ASP A N   
622 C  CA  . ASP A 85 ? 0.5985 0.5468 0.5596 0.0295  0.0541  -0.0172 85  ASP A CA  
623 C  C   . ASP A 85 ? 0.5572 0.5222 0.5187 0.0195  0.0536  -0.0122 85  ASP A C   
624 O  O   . ASP A 85 ? 0.6147 0.5901 0.5771 0.0169  0.0624  -0.0161 85  ASP A O   
625 C  CB  . ASP A 85 ? 0.5939 0.5196 0.5315 0.0238  0.0580  -0.0243 85  ASP A CB  
626 C  CG  . ASP A 85 ? 0.6894 0.5888 0.6216 0.0329  0.0572  -0.0284 85  ASP A CG  
627 O  OD1 . ASP A 85 ? 0.6771 0.5700 0.6158 0.0393  0.0499  -0.0217 85  ASP A OD1 
628 O  OD2 . ASP A 85 ? 0.7751 0.6547 0.6912 0.0329  0.0638  -0.0384 85  ASP A OD2 
629 N  N   . VAL A 86 ? 0.5297 0.4969 0.4914 0.0144  0.0444  -0.0040 86  VAL A N   
630 C  CA  . VAL A 86 ? 0.5382 0.5160 0.5011 0.0088  0.0419  0.0013  86  VAL A CA  
631 C  C   . VAL A 86 ? 0.5168 0.4899 0.4706 0.0025  0.0319  0.0059  86  VAL A C   
632 O  O   . VAL A 86 ? 0.5205 0.4927 0.4791 0.0022  0.0267  0.0062  86  VAL A O   
633 C  CB  . VAL A 86 ? 0.5889 0.5804 0.5717 0.0141  0.0399  0.0048  86  VAL A CB  
634 C  CG1 . VAL A 86 ? 0.5975 0.5875 0.5857 0.0167  0.0323  0.0089  86  VAL A CG1 
635 C  CG2 . VAL A 86 ? 0.6964 0.6931 0.6775 0.0076  0.0399  0.0085  86  VAL A CG2 
636 N  N   . THR A 87 ? 0.5476 0.5177 0.4886 -0.0030 0.0286  0.0093  87  THR A N   
637 C  CA  . THR A 87 ? 0.5008 0.4700 0.4389 -0.0049 0.0148  0.0139  87  THR A CA  
638 C  C   . THR A 87 ? 0.4969 0.4676 0.4407 -0.0021 0.0102  0.0203  87  THR A C   
639 O  O   . THR A 87 ? 0.5081 0.4712 0.4399 -0.0059 0.0159  0.0227  87  THR A O   
640 C  CB  . THR A 87 ? 0.5315 0.4866 0.4413 -0.0126 0.0090  0.0134  87  THR A CB  
641 O  OG1 . THR A 87 ? 0.5880 0.5375 0.4895 -0.0162 0.0151  0.0056  87  THR A OG1 
642 C  CG2 . THR A 87 ? 0.4929 0.4510 0.4049 -0.0121 -0.0093 0.0167  87  THR A CG2 
643 N  N   . ILE A 88 ? 0.4622 0.4416 0.4234 0.0035  0.0015  0.0216  88  ILE A N   
644 C  CA  . ILE A 88 ? 0.4744 0.4531 0.4435 0.0087  -0.0023 0.0254  88  ILE A CA  
645 C  C   . ILE A 88 ? 0.4675 0.4487 0.4444 0.0149  -0.0169 0.0264  88  ILE A C   
646 O  O   . ILE A 88 ? 0.4623 0.4614 0.4600 0.0177  -0.0192 0.0214  88  ILE A O   
647 C  CB  . ILE A 88 ? 0.4724 0.4627 0.4613 0.0126  0.0051  0.0225  88  ILE A CB  
648 C  CG1 . ILE A 88 ? 0.4698 0.4603 0.4561 0.0096  0.0155  0.0214  88  ILE A CG1 
649 C  CG2 . ILE A 88 ? 0.5021 0.4902 0.4987 0.0180  0.0010  0.0237  88  ILE A CG2 
650 C  CD1 . ILE A 88 ? 0.4831 0.4829 0.4830 0.0136  0.0190  0.0188  88  ILE A CD1 
651 N  N   . GLU A 89 ? 0.5320 0.4955 0.4935 0.0174  -0.0271 0.0325  89  GLU A N   
652 C  CA  . GLU A 89 ? 0.6287 0.5952 0.6026 0.0283  -0.0441 0.0327  89  GLU A CA  
653 C  C   . GLU A 89 ? 0.5848 0.5568 0.5810 0.0379  -0.0406 0.0294  89  GLU A C   
654 O  O   . GLU A 89 ? 0.5835 0.5383 0.5683 0.0360  -0.0345 0.0325  89  GLU A O   
655 C  CB  . GLU A 89 ? 0.7457 0.6853 0.6896 0.0297  -0.0615 0.0412  89  GLU A CB  
656 C  CG  . GLU A 89 ? 0.9432 0.8477 0.8579 0.0271  -0.0602 0.0500  89  GLU A CG  
657 C  CD  . GLU A 89 ? 1.1092 0.9772 0.9810 0.0254  -0.0777 0.0608  89  GLU A CD  
658 O  OE1 . GLU A 89 ? 1.0894 0.9261 0.9226 0.0124  -0.0699 0.0683  89  GLU A OE1 
659 O  OE2 . GLU A 89 ? 1.3074 1.1774 1.1826 0.0361  -0.0999 0.0618  89  GLU A OE2 
660 N  N   . THR A 90 ? 0.5363 0.5337 0.5642 0.0457  -0.0420 0.0212  90  THR A N   
661 C  CA  . THR A 90 ? 0.5158 0.5199 0.5628 0.0532  -0.0349 0.0152  90  THR A CA  
662 C  C   . THR A 90 ? 0.5803 0.5739 0.6354 0.0696  -0.0492 0.0144  90  THR A C   
663 O  O   . THR A 90 ? 0.5872 0.5685 0.6329 0.0756  -0.0673 0.0201  90  THR A O   
664 C  CB  . THR A 90 ? 0.5120 0.5477 0.5862 0.0509  -0.0239 0.0051  90  THR A CB  
665 O  OG1 . THR A 90 ? 0.5088 0.5682 0.6068 0.0550  -0.0340 -0.0005 90  THR A OG1 
666 C  CG2 . THR A 90 ? 0.5409 0.5775 0.6024 0.0372  -0.0122 0.0070  90  THR A CG2 
667 N  N   . HIS A 91 ? 0.6277 0.6226 0.6970 0.0771  -0.0417 0.0072  91  HIS A N   
668 C  CA  . HIS A 91 ? 0.6167 0.6009 0.6981 0.0961  -0.0524 0.0027  91  HIS A CA  
669 C  C   . HIS A 91 ? 0.6339 0.5721 0.6818 0.0991  -0.0660 0.0145  91  HIS A C   
670 O  O   . HIS A 91 ? 0.7085 0.6333 0.7581 0.1148  -0.0855 0.0167  91  HIS A O   
671 C  CB  . HIS A 91 ? 0.6076 0.6223 0.7254 0.1109  -0.0655 -0.0053 91  HIS A CB  
672 C  CG  . HIS A 91 ? 0.6037 0.6644 0.7575 0.1066  -0.0502 -0.0192 91  HIS A CG  
673 N  ND1 . HIS A 91 ? 0.6314 0.7095 0.7814 0.0877  -0.0390 -0.0180 91  HIS A ND1 
674 C  CD2 . HIS A 91 ? 0.5992 0.6907 0.7924 0.1175  -0.0433 -0.0352 91  HIS A CD2 
675 C  CE1 . HIS A 91 ? 0.5872 0.7011 0.7683 0.0848  -0.0257 -0.0310 91  HIS A CE1 
676 N  NE2 . HIS A 91 ? 0.5799 0.7056 0.7890 0.1019  -0.0267 -0.0423 91  HIS A NE2 
677 N  N   . LYS A 92 ? 0.6585 0.5727 0.6765 0.0838  -0.0565 0.0216  92  LYS A N   
678 C  CA  . LYS A 92 ? 0.6936 0.5609 0.6732 0.0795  -0.0651 0.0335  92  LYS A CA  
679 C  C   . LYS A 92 ? 0.7474 0.5808 0.7167 0.0840  -0.0641 0.0316  92  LYS A C   
680 O  O   . LYS A 92 ? 0.7438 0.5343 0.6767 0.0745  -0.0671 0.0415  92  LYS A O   
681 C  CB  . LYS A 92 ? 0.6920 0.5554 0.6465 0.0573  -0.0536 0.0408  92  LYS A CB  
682 C  CG  . LYS A 92 ? 0.7345 0.6181 0.6884 0.0528  -0.0567 0.0435  92  LYS A CG  
683 C  CD  . LYS A 92 ? 0.8246 0.6751 0.7425 0.0512  -0.0722 0.0552  92  LYS A CD  
684 C  CE  . LYS A 92 ? 0.8740 0.7353 0.8068 0.0680  -0.0941 0.0541  92  LYS A CE  
685 N  NZ  . LYS A 92 ? 1.0112 0.8285 0.8978 0.0667  -0.1125 0.0677  92  LYS A NZ  
686 N  N   . GLU A 93 ? 0.7814 0.6300 0.7783 0.0962  -0.0585 0.0183  93  GLU A N   
687 C  CA  . GLU A 93 ? 0.8706 0.6840 0.8548 0.0992  -0.0562 0.0141  93  GLU A CA  
688 C  C   . GLU A 93 ? 0.9005 0.6599 0.8583 0.1104  -0.0753 0.0231  93  GLU A C   
689 O  O   . GLU A 93 ? 0.9391 0.6533 0.8618 0.0981  -0.0742 0.0299  93  GLU A O   
690 C  CB  . GLU A 93 ? 0.8913 0.7266 0.9059 0.1119  -0.0469 -0.0036 93  GLU A CB  
691 C  CG  . GLU A 93 ? 1.1191 0.9157 1.1141 0.1095  -0.0418 -0.0091 93  GLU A CG  
692 C  CD  . GLU A 93 ? 1.2178 1.0287 1.2355 0.1220  -0.0309 -0.0286 93  GLU A CD  
693 O  OE1 . GLU A 93 ? 1.3698 1.2079 1.4206 0.1417  -0.0327 -0.0383 93  GLU A OE1 
694 O  OE2 . GLU A 93 ? 1.1888 0.9841 1.1908 0.1114  -0.0204 -0.0357 93  GLU A OE2 
695 N  N   . GLU A 94 ? 0.9006 0.6633 0.8726 0.1322  -0.0941 0.0240  94  GLU A N   
696 C  CA  . GLU A 94 ? 1.0665 0.7726 1.0097 0.1468  -0.1171 0.0341  94  GLU A CA  
697 C  C   . GLU A 94 ? 1.0963 0.7561 0.9830 0.1235  -0.1199 0.0534  94  GLU A C   
698 O  O   . GLU A 94 ? 1.1629 0.7631 1.0113 0.1192  -0.1240 0.0608  94  GLU A O   
699 C  CB  . GLU A 94 ? 1.1454 0.8680 1.1150 0.1748  -0.1421 0.0328  94  GLU A CB  
700 C  CG  . GLU A 94 ? 1.1707 0.9646 1.2030 0.1878  -0.1355 0.0146  94  GLU A CG  
701 C  CD  . GLU A 94 ? 1.2674 1.1091 1.3092 0.1631  -0.1163 0.0139  94  GLU A CD  
702 O  OE1 . GLU A 94 ? 1.2977 1.1409 1.3200 0.1508  -0.1238 0.0257  94  GLU A OE1 
703 O  OE2 . GLU A 94 ? 1.0830 0.9548 1.1459 0.1554  -0.0935 0.0018  94  GLU A OE2 
704 N  N   . GLU A 95 ? 1.0583 0.7443 0.9386 0.1069  -0.1156 0.0603  95  GLU A N   
705 C  CA  . GLU A 95 ? 1.1013 0.7492 0.9282 0.0840  -0.1156 0.0770  95  GLU A CA  
706 C  C   . GLU A 95 ? 1.0978 0.7248 0.9015 0.0567  -0.0938 0.0780  95  GLU A C   
707 O  O   . GLU A 95 ? 1.1352 0.7076 0.8906 0.0414  -0.0951 0.0898  95  GLU A O   
708 C  CB  . GLU A 95 ? 1.1095 0.7955 0.9399 0.0740  -0.1133 0.0796  95  GLU A CB  
709 C  CG  . GLU A 95 ? 1.2492 0.8984 1.0230 0.0513  -0.1125 0.0949  95  GLU A CG  
710 C  CD  . GLU A 95 ? 1.2625 0.9429 1.0348 0.0438  -0.1124 0.0959  95  GLU A CD  
711 O  OE1 . GLU A 95 ? 1.1683 0.8625 0.9305 0.0212  -0.0910 0.0950  95  GLU A OE1 
712 O  OE2 . GLU A 95 ? 1.2743 0.9654 1.0560 0.0607  -0.1343 0.0964  95  GLU A OE2 
713 N  N   . LEU A 96 ? 1.0294 0.7005 0.8667 0.0494  -0.0746 0.0654  96  LEU A N   
714 C  CA  . LEU A 96 ? 1.0265 0.6907 0.8539 0.0257  -0.0563 0.0627  96  LEU A CA  
715 C  C   . LEU A 96 ? 1.1055 0.7148 0.9112 0.0282  -0.0618 0.0625  96  LEU A C   
716 O  O   . LEU A 96 ? 1.1135 0.6797 0.8811 0.0063  -0.0569 0.0700  96  LEU A O   
717 C  CB  . LEU A 96 ? 0.9699 0.6896 0.8394 0.0254  -0.0421 0.0484  96  LEU A CB  
718 C  CG  . LEU A 96 ? 0.9507 0.6732 0.8200 0.0053  -0.0271 0.0420  96  LEU A CG  
719 C  CD1 . LEU A 96 ? 0.9931 0.7173 0.8445 -0.0214 -0.0162 0.0488  96  LEU A CD1 
720 C  CD2 . LEU A 96 ? 0.9134 0.6847 0.8188 0.0101  -0.0190 0.0294  96  LEU A CD2 
721 N  N   . THR A 97 ? 1.0856 0.6957 0.9153 0.0542  -0.0704 0.0525  97  THR A N   
722 C  CA  . THR A 97 ? 1.2408 0.7975 1.0528 0.0611  -0.0757 0.0490  97  THR A CA  
723 C  C   . THR A 97 ? 1.3331 0.8273 1.1091 0.0757  -0.0983 0.0626  97  THR A C   
724 O  O   . THR A 97 ? 1.4161 0.8638 1.1817 0.0917  -0.1082 0.0592  97  THR A O   
725 C  CB  . THR A 97 ? 1.2155 0.7961 1.0665 0.0832  -0.0726 0.0294  97  THR A CB  
726 O  OG1 . THR A 97 ? 1.2421 0.8425 1.1224 0.1149  -0.0868 0.0257  97  THR A OG1 
727 C  CG2 . THR A 97 ? 1.1709 0.8100 1.0508 0.0688  -0.0523 0.0174  97  THR A CG2 
728 N  N   . ALA A 98 ? 1.4166 0.9072 1.1716 0.0718  -0.1081 0.0774  98  ALA A N   
729 C  CA  . ALA A 98 ? 1.5102 0.9292 1.2129 0.0765  -0.1294 0.0947  98  ALA A CA  
730 C  C   . ALA A 98 ? 1.5842 0.9682 1.2319 0.0381  -0.1170 0.1095  98  ALA A C   
731 O  O   . ALA A 98 ? 1.6390 0.9582 1.2315 0.0345  -0.1314 0.1262  98  ALA A O   
732 C  CB  . ALA A 98 ? 1.4647 0.8985 1.1776 0.1025  -0.1541 0.1004  98  ALA A CB  
733 N  N   . LEU A 99 ? 1.5682 0.9937 1.2299 0.0097  -0.0908 0.1031  99  LEU A N   
734 C  CA  . LEU A 99 ? 1.6140 1.0112 1.2303 -0.0288 -0.0748 0.1132  99  LEU A CA  
735 C  C   . LEU A 99 ? 1.6381 0.9772 1.2251 -0.0458 -0.0692 0.1130  99  LEU A C   
736 O  O   . LEU A 99 ? 1.6783 0.9800 1.2649 -0.0243 -0.0833 0.1094  99  LEU A O   
737 C  CB  . LEU A 99 ? 1.5840 1.0511 1.2322 -0.0507 -0.0499 0.1043  99  LEU A CB  
738 C  CG  . LEU A 99 ? 1.5647 1.0774 1.2247 -0.0471 -0.0493 0.1066  99  LEU A CG  
739 C  CD1 . LEU A 99 ? 1.4888 1.0435 1.1591 -0.0766 -0.0223 0.1008  99  LEU A CD1 
740 C  CD2 . LEU A 99 ? 1.5745 1.0401 1.1837 -0.0422 -0.0679 0.1235  99  LEU A CD2 
741 FE FE1 . FES B .  ? 0.5922 0.4971 0.5567 0.0246  0.0218  -0.0408 201 FES A FE1 
742 FE FE2 . FES B .  ? 0.5279 0.4764 0.5127 0.0224  0.0195  -0.0210 201 FES A FE2 
743 S  S1  . FES B .  ? 0.5721 0.5142 0.5558 0.0334  0.0324  -0.0388 201 FES A S1  
744 S  S2  . FES B .  ? 0.5560 0.4750 0.5276 0.0109  0.0117  -0.0231 201 FES A S2  
# 
